data_8ASG
#
_entry.id   8ASG
#
_cell.length_a   1.00
_cell.length_b   1.00
_cell.length_c   1.00
_cell.angle_alpha   90.00
_cell.angle_beta   90.00
_cell.angle_gamma   90.00
#
_symmetry.space_group_name_H-M   'P 1'
#
loop_
_entity.id
_entity.type
_entity.pdbx_description
1 polymer 'RNA-dependent RNA-polymerase L protein'
2 polymer "RNA (5'-R(*GP*AP*UP*CP*UP*GP*GP*GP*CP*GP*GP*UP*CP*UP*UP*UP*GP*UP*GP*U*)-3')"
3 polymer "RNA (5'-R(*AP*CP*AP*CP*AP*GP*AP*GP*AP*CP*GP*CP*CP*CP*AP*GP*AP*UP*GP*A*)-3')"
4 non-polymer 'MAGNESIUM ION'
#
loop_
_entity_poly.entity_id
_entity_poly.type
_entity_poly.pdbx_seq_one_letter_code
_entity_poly.pdbx_strand_id
1 'polypeptide(L)'
;MNLEVLCGRINVENGLSLGEPGLYDQIYDRPGLPDLDVTVDATGVTVDIGAVPDSASQLGSSINAGLITIQLSEAYKINH
DFTFSGLSKTTDRRLSEVFPITHDGSDGMTPAVIHTRLDGTIVVVEFSTTRSHNIGGLEAAYRTKIEKYRDPISRRVDIM
ENPRVFFGVIVVSSGGVLSNMPLTQDEAEELMYRFCIANEIYTKARSMDADIELQKSEEELEAISRALSFFSLFEPNIER
VEGTFPNSEIKMLEQFLSTPADVDFITKTLKAKEVEAYADLCDSHYLKPEKTIQERLEINRCEAIDKTQDLLAGLHARSN
KQTSLNRGTVKLPPWLPKPSSESIDIKTDSGFGSLMDHGAYGELWAKCLLDVSLGNVEGVVSDPAKELDIAISDDPEKDT
PKEAKITYRRFKPALSSSARQEFSLQGVEGKKWKRMAANQKKEKESHETLSPFLDVEDIGDFLTFNNLLTDSRYGDESIQ
RAVSILLEKASAMQDTELTHALNDSFKRNLSSNVVQWSLWVSCLAQELASALKQHCRAGEFIIKKLKFWPIYVIIKPTKS
SSHIFYSLGIRKADVTRRLTGRVFSDTIDAGEWELTEFKSLKTCKLTNLVNLPCTMLNSIAFWREKLGVAPWLVRKPCSE
LREQVGLTFLISLEDKSKTEEIITLTRYTQMEGFVSPPMLPKPQKMLGKLDGPLRTKLQVYLLRKHLDCMVRIASQPFSL
IPREGRVEWGGTFHAISGRSTNLENMVNSWYIGYYKNKEESTELNALGEMYKKIVEMEEDKPSSPEFLGWGDTDSPKKHE
FSRSFLRAACSSLEREIAQRHGRQWKQNLEERVLREIGTKNILDLASMKATSNFSKDWELYSEVQTKEYHRSKLLEKMAT
LIEKGVMWYIDAVGQAWKAVLDDGCMRICLFKKNQHGGLREIYVMDANARLVQFGVETMARCVCELSPHETVANPRLKNS
IIENHGLKSARSLGPGSININSSNDAKKWNQGHYTTKLALVLCWFMPAKFHRFIWAAISMFRRKKMMVDLRFLAHLSSKS
ESRSSDPFREAMTDAFHGNRDVSWMDKGRTYIKTETGMMQGILHFTSSLLHSCVQSFYKSYFVSKLKEGYMGESISGVVD
VIEGSDDSAIMISIRPKSDMDEVRSRFFVANLLHSVKFLNPLFGIYSSEKSTVNTVYCVEYNSEFHFHRHLVRPTLRWIA
ASHQISETEALASRQEDYSNLLTQCLEGGASFSLTYLIQCAQLLHHYMLLGLCLHPLFGTFMGMLISDPDPALGFFLMDN
PAFAGGAGFRFNLWRACKTTDLGRKYAYYFNEIQGKTKGDEDYRALDATSGGTLSHSVMVYWGDRKKYQALLNRMGLPED
WVEQIDENPGVLYRRAANKKELLLKLAEKVHSPGVTSSLSKGHVVPRVVAAGVYLLSRHCFRFSSSIHGRGSTQKASLIK
LLMMSSISAMKHGGSLNPNQERMLFPQAQEYDRVCTLLEEVEHLTGKFVVRERNIVRSRIDLFQEPVDLRCKAEDLVSEV
WFGLKRTKLGPRLLKEEWDKLRASFAWLSTDPSETLRDGPFLSHVQFRNFIAHVDAKSRSVRLLGAPVKKSGGVTTISQV
VRMNFFPGFSLEAEKSLDNQERLESISILKHVLFMVLNGPYTEEYKLEMIIEAFSTLVIPQPSEVIRKSRTMTLCLLSNY
LSSRGGSILDQIERAQSGTLGGFSKPQKTFVRPGGGVGYKGKGVWTGVMEDTHVQILIDGDGTSNWLEEIRLSSDARLYD
VIESIRRLCDDLGINNRVASAYRGHCMVRLSGFKIKPASRTDGCPVRIMERGFRIRELQNPDEVKMRVRGDILNLSVTIQ
EGRVMNILSYRPRDTDISESAAAYLWSNRDLFSFGKKEPSCSWICLKTLDNWAWSHASVLLANDRKTQGIDNRAMGNIFR
DCLEGSLRKQGLMRSKLTEMVEKNVVPLTTQELVDILEEDIDFSDVIAVELSEGSLDIESIFDGAPILWSAEVEEFGEGV
VAVSYSSKYYHLTLMDQAAITMCAIMGKEGCRGLLTEKRCMAAIREQVRPFLIFLQIPEDSISWVSDQFCDSRGLDEEST
IMWG
;
A
2 'polyribonucleotide' GAUCUGGGCGGUCUUUGUGU D,T
3 'polyribonucleotide' ACACAGAGACGCCCAGAUGA P
#
loop_
_chem_comp.id
_chem_comp.type
_chem_comp.name
_chem_comp.formula
A RNA linking ADENOSINE-5'-MONOPHOSPHATE 'C10 H14 N5 O7 P'
C RNA linking CYTIDINE-5'-MONOPHOSPHATE 'C9 H14 N3 O8 P'
G RNA linking GUANOSINE-5'-MONOPHOSPHATE 'C10 H14 N5 O8 P'
MG non-polymer 'MAGNESIUM ION' 'Mg 2'
U RNA linking URIDINE-5'-MONOPHOSPHATE 'C9 H13 N2 O9 P'
#
# COMPACT_ATOMS: atom_id res chain seq x y z
N MET A 1 13.31 -1.71 44.95
CA MET A 1 12.35 -2.70 45.41
C MET A 1 12.97 -4.11 45.41
N ASN A 2 12.23 -5.08 45.95
CA ASN A 2 12.72 -6.43 46.07
C ASN A 2 12.75 -7.12 44.71
N LEU A 3 13.58 -8.16 44.62
CA LEU A 3 13.80 -8.87 43.36
C LEU A 3 13.05 -10.19 43.25
N GLU A 4 12.73 -10.83 44.37
CA GLU A 4 12.02 -12.11 44.31
C GLU A 4 10.59 -11.94 43.82
N VAL A 5 10.01 -10.75 43.95
CA VAL A 5 8.71 -10.49 43.34
C VAL A 5 8.82 -10.57 41.82
N LEU A 6 9.87 -9.97 41.27
CA LEU A 6 10.10 -10.03 39.82
C LEU A 6 10.43 -11.45 39.38
N CYS A 7 11.21 -12.17 40.18
CA CYS A 7 11.64 -13.54 39.85
C CYS A 7 10.88 -14.59 40.67
N GLY A 8 9.59 -14.37 40.88
CA GLY A 8 8.75 -15.18 41.74
C GLY A 8 7.94 -16.17 40.93
N ARG A 9 6.70 -15.81 40.61
CA ARG A 9 5.67 -16.70 40.05
C ARG A 9 6.09 -17.44 38.79
N ILE A 10 7.25 -17.08 38.22
CA ILE A 10 7.70 -17.67 36.97
C ILE A 10 7.98 -19.15 37.16
N ASN A 11 7.44 -19.96 36.26
CA ASN A 11 7.70 -21.39 36.24
C ASN A 11 8.94 -21.68 35.40
N VAL A 12 9.51 -22.87 35.60
CA VAL A 12 10.77 -23.24 34.98
C VAL A 12 10.58 -24.11 33.73
N GLU A 13 9.65 -25.06 33.78
CA GLU A 13 9.36 -25.98 32.67
C GLU A 13 10.64 -26.67 32.19
N ASN A 14 11.18 -27.50 33.10
CA ASN A 14 12.42 -28.23 32.89
C ASN A 14 13.59 -27.28 32.65
N GLY A 15 14.03 -27.15 31.40
CA GLY A 15 15.14 -26.28 31.11
C GLY A 15 15.32 -26.11 29.62
N LEU A 16 16.27 -25.23 29.28
CA LEU A 16 16.60 -24.89 27.89
C LEU A 16 15.37 -24.40 27.14
N SER A 17 14.74 -23.38 27.69
CA SER A 17 13.53 -22.79 27.11
C SER A 17 13.49 -21.31 27.50
N LEU A 18 13.52 -20.43 26.51
CA LEU A 18 13.47 -19.00 26.75
C LEU A 18 12.02 -18.53 26.82
N GLY A 19 11.84 -17.22 26.90
CA GLY A 19 10.52 -16.62 26.96
C GLY A 19 10.25 -15.77 25.73
N GLU A 20 8.98 -15.74 25.33
CA GLU A 20 8.59 -14.96 24.16
C GLU A 20 8.72 -13.48 24.45
N PRO A 21 9.07 -12.67 23.45
CA PRO A 21 9.22 -11.22 23.66
C PRO A 21 7.87 -10.57 23.92
N GLY A 22 7.71 -10.02 25.13
CA GLY A 22 6.51 -9.31 25.48
C GLY A 22 6.74 -7.81 25.53
N LEU A 23 6.17 -7.09 24.57
CA LEU A 23 6.43 -5.66 24.43
C LEU A 23 5.50 -4.86 25.34
N TYR A 24 6.07 -4.00 26.16
CA TYR A 24 5.33 -3.08 27.02
C TYR A 24 5.71 -1.65 26.63
N ASP A 25 4.72 -0.78 26.52
CA ASP A 25 4.95 0.61 26.17
C ASP A 25 4.25 1.51 27.18
N GLN A 26 4.54 2.81 27.10
CA GLN A 26 4.03 3.76 28.09
C GLN A 26 2.55 4.01 27.86
N ILE A 27 1.71 3.06 28.29
CA ILE A 27 0.27 3.27 28.29
C ILE A 27 -0.10 4.33 29.32
N TYR A 28 0.51 4.27 30.49
CA TYR A 28 0.11 5.05 31.65
C TYR A 28 0.69 6.46 31.58
N ASP A 29 0.17 7.34 32.43
CA ASP A 29 0.60 8.73 32.50
C ASP A 29 1.56 8.92 33.67
N ARG A 30 2.58 9.74 33.44
CA ARG A 30 3.60 9.98 34.47
C ARG A 30 3.33 11.30 35.19
N PRO A 31 3.65 11.40 36.48
CA PRO A 31 3.39 12.66 37.22
C PRO A 31 4.13 13.86 36.67
N GLY A 32 5.37 13.68 36.23
CA GLY A 32 6.16 14.80 35.76
C GLY A 32 7.64 14.54 35.96
N LEU A 33 8.43 15.60 35.75
CA LEU A 33 9.88 15.49 35.84
C LEU A 33 10.41 16.37 36.97
N PRO A 34 11.14 15.80 37.92
CA PRO A 34 11.72 16.62 38.98
C PRO A 34 12.96 17.37 38.50
N ASP A 35 13.52 18.17 39.40
CA ASP A 35 14.74 18.91 39.08
C ASP A 35 15.96 17.99 39.19
N LEU A 36 16.82 18.06 38.17
CA LEU A 36 18.01 17.22 38.07
C LEU A 36 19.24 18.07 37.81
N ASP A 37 19.45 19.10 38.63
CA ASP A 37 20.64 19.94 38.51
C ASP A 37 21.90 19.11 38.69
N VAL A 38 22.89 19.36 37.84
CA VAL A 38 24.12 18.59 37.79
C VAL A 38 25.30 19.53 38.01
N THR A 39 26.22 19.11 38.88
CA THR A 39 27.41 19.87 39.21
C THR A 39 28.63 19.23 38.55
N VAL A 40 29.40 20.03 37.82
CA VAL A 40 30.56 19.52 37.10
C VAL A 40 31.71 19.30 38.08
N ASP A 41 32.76 18.63 37.58
CA ASP A 41 34.05 18.45 38.24
C ASP A 41 33.97 17.41 39.36
N ALA A 42 35.04 17.31 40.15
CA ALA A 42 35.28 16.32 41.20
C ALA A 42 35.39 14.91 40.62
N THR A 43 35.90 14.76 39.40
CA THR A 43 36.09 13.48 38.68
C THR A 43 34.92 12.50 38.90
N GLY A 44 33.71 13.04 38.86
CA GLY A 44 32.51 12.24 38.98
C GLY A 44 31.29 13.09 38.80
N VAL A 45 30.15 12.43 38.59
CA VAL A 45 28.87 13.12 38.42
C VAL A 45 28.22 13.26 39.80
N THR A 46 27.83 14.48 40.14
CA THR A 46 27.19 14.79 41.43
C THR A 46 25.83 15.39 41.13
N VAL A 47 24.80 14.54 41.06
CA VAL A 47 23.48 15.01 40.70
C VAL A 47 22.73 15.46 41.95
N ASP A 48 21.68 16.26 41.72
CA ASP A 48 20.83 16.78 42.79
C ASP A 48 19.37 16.44 42.42
N ILE A 49 18.92 15.27 42.85
CA ILE A 49 17.57 14.83 42.51
C ILE A 49 16.57 15.56 43.39
N GLY A 50 15.65 16.29 42.75
CA GLY A 50 14.62 17.00 43.49
C GLY A 50 13.47 16.11 43.88
N ALA A 51 12.53 16.68 44.64
CA ALA A 51 11.35 15.95 45.06
C ALA A 51 10.44 15.67 43.88
N VAL A 52 10.01 14.42 43.75
CA VAL A 52 9.12 14.05 42.65
C VAL A 52 7.74 14.65 42.89
N PRO A 53 7.08 15.20 41.87
CA PRO A 53 5.70 15.69 42.07
C PRO A 53 4.76 14.53 42.37
N ASP A 54 4.02 14.67 43.47
CA ASP A 54 3.12 13.62 43.90
C ASP A 54 1.89 13.56 43.00
N SER A 55 1.40 12.33 42.76
CA SER A 55 0.24 12.10 41.93
C SER A 55 -0.60 10.99 42.56
N ALA A 56 -1.89 10.96 42.19
CA ALA A 56 -2.79 9.96 42.73
C ALA A 56 -2.52 8.58 42.15
N SER A 57 -1.77 8.52 41.04
CA SER A 57 -1.44 7.24 40.42
C SER A 57 -0.33 6.54 41.20
N GLN A 58 0.46 7.30 41.96
CA GLN A 58 1.63 6.86 42.72
C GLN A 58 2.67 6.19 41.82
N LEU A 59 2.79 6.61 40.56
CA LEU A 59 3.76 5.99 39.67
C LEU A 59 5.19 6.34 40.09
N GLY A 60 5.44 7.61 40.41
CA GLY A 60 6.76 8.04 40.81
C GLY A 60 7.02 7.90 42.29
N SER A 61 7.16 6.65 42.77
CA SER A 61 7.40 6.39 44.18
C SER A 61 8.75 5.77 44.48
N SER A 62 9.36 5.07 43.52
CA SER A 62 10.63 4.40 43.73
C SER A 62 11.83 5.28 43.37
N ILE A 63 11.62 6.54 43.00
CA ILE A 63 12.73 7.42 42.68
C ILE A 63 13.52 7.72 43.95
N ASN A 64 14.83 7.88 43.81
CA ASN A 64 15.72 8.11 44.94
C ASN A 64 15.65 9.57 45.34
N ALA A 65 14.91 9.87 46.40
CA ALA A 65 14.82 11.23 46.90
C ALA A 65 16.05 11.57 47.72
N GLY A 66 16.88 12.46 47.18
CA GLY A 66 18.12 12.85 47.83
C GLY A 66 19.20 13.05 46.80
N LEU A 67 20.45 12.87 47.24
CA LEU A 67 21.62 13.07 46.41
C LEU A 67 22.38 11.75 46.30
N ILE A 68 22.73 11.36 45.07
CA ILE A 68 23.53 10.17 44.81
C ILE A 68 24.73 10.58 43.96
N THR A 69 25.91 10.10 44.34
CA THR A 69 27.15 10.42 43.66
C THR A 69 27.80 9.13 43.14
N ILE A 70 28.05 9.08 41.84
CA ILE A 70 28.74 7.96 41.20
C ILE A 70 29.96 8.51 40.48
N GLN A 71 31.08 7.79 40.56
CA GLN A 71 32.35 8.30 40.07
C GLN A 71 32.46 8.12 38.56
N LEU A 72 33.49 8.73 37.98
CA LEU A 72 33.76 8.54 36.55
C LEU A 72 34.25 7.13 36.28
N SER A 73 34.41 6.82 35.00
CA SER A 73 34.60 5.50 34.40
C SER A 73 33.34 4.64 34.55
N GLU A 74 32.26 5.20 35.10
CA GLU A 74 30.96 4.55 35.19
C GLU A 74 29.85 5.39 34.57
N ALA A 75 30.08 6.69 34.38
CA ALA A 75 29.07 7.55 33.78
C ALA A 75 28.82 7.20 32.32
N TYR A 76 29.76 6.49 31.69
CA TYR A 76 29.51 5.99 30.34
C TYR A 76 28.45 4.90 30.36
N LYS A 77 28.20 4.32 31.53
CA LYS A 77 27.07 3.44 31.77
C LYS A 77 26.13 3.98 32.84
N ILE A 78 25.95 5.31 32.90
CA ILE A 78 25.12 5.91 33.94
C ILE A 78 23.66 5.47 33.79
N ASN A 79 23.21 5.29 32.55
CA ASN A 79 21.86 4.78 32.33
C ASN A 79 21.73 3.36 32.86
N HIS A 80 22.74 2.52 32.60
CA HIS A 80 22.66 1.11 32.96
C HIS A 80 22.53 0.91 34.46
N ASP A 81 23.42 1.53 35.24
CA ASP A 81 23.38 1.35 36.68
C ASP A 81 22.29 2.21 37.32
N PHE A 82 21.84 3.26 36.63
CA PHE A 82 20.85 4.14 37.24
C PHE A 82 19.44 3.60 37.11
N THR A 83 19.05 3.13 35.91
CA THR A 83 17.66 2.72 35.74
C THR A 83 17.41 1.37 36.39
N PHE A 84 18.47 0.62 36.69
CA PHE A 84 18.34 -0.67 37.36
C PHE A 84 18.92 -0.65 38.76
N SER A 85 19.11 0.53 39.36
CA SER A 85 19.56 0.60 40.75
C SER A 85 18.51 0.00 41.66
N GLY A 86 18.95 -0.84 42.59
CA GLY A 86 18.03 -1.57 43.44
C GLY A 86 17.40 -2.79 42.79
N LEU A 87 17.79 -3.13 41.56
CA LEU A 87 17.26 -4.30 40.89
C LEU A 87 18.35 -5.34 40.68
N ARG A 93 28.65 -11.87 40.91
CA ARG A 93 29.07 -13.21 41.29
C ARG A 93 30.01 -13.80 40.24
N ARG A 94 29.93 -15.11 40.04
CA ARG A 94 30.80 -15.82 39.12
C ARG A 94 30.02 -16.90 38.39
N LEU A 95 30.34 -17.09 37.11
CA LEU A 95 29.67 -18.11 36.32
C LEU A 95 30.07 -19.51 36.79
N SER A 96 31.33 -19.70 37.20
CA SER A 96 31.76 -21.01 37.67
C SER A 96 31.13 -21.34 39.02
N GLU A 97 30.67 -20.33 39.75
CA GLU A 97 29.91 -20.57 40.98
C GLU A 97 28.58 -21.24 40.66
N VAL A 98 27.93 -20.82 39.57
CA VAL A 98 26.61 -21.36 39.23
C VAL A 98 26.70 -22.81 38.82
N PHE A 99 27.62 -23.14 37.92
CA PHE A 99 27.74 -24.49 37.40
C PHE A 99 29.22 -24.81 37.25
N PRO A 100 29.59 -26.09 37.23
CA PRO A 100 30.99 -26.45 36.98
C PRO A 100 31.46 -25.94 35.63
N ILE A 101 32.74 -25.58 35.58
CA ILE A 101 33.33 -24.91 34.42
C ILE A 101 34.26 -25.88 33.70
N THR A 102 34.19 -25.89 32.37
CA THR A 102 35.06 -26.73 31.54
C THR A 102 36.31 -26.00 31.08
N HIS A 103 36.48 -24.73 31.45
CA HIS A 103 37.64 -23.92 31.09
C HIS A 103 37.83 -23.85 29.57
N ASP A 104 36.72 -23.70 28.83
CA ASP A 104 36.81 -23.61 27.37
C ASP A 104 37.20 -22.22 26.90
N GLY A 105 37.26 -21.23 27.79
CA GLY A 105 37.64 -19.89 27.43
C GLY A 105 36.53 -18.87 27.52
N SER A 106 35.28 -19.29 27.63
CA SER A 106 34.14 -18.36 27.74
C SER A 106 33.82 -18.14 29.22
N ASP A 107 34.78 -17.55 29.92
CA ASP A 107 34.65 -17.29 31.35
C ASP A 107 35.22 -15.93 31.67
N GLY A 108 34.91 -15.44 32.87
CA GLY A 108 35.33 -14.14 33.31
C GLY A 108 34.35 -13.02 33.03
N MET A 109 33.25 -13.30 32.34
CA MET A 109 32.20 -12.32 32.07
C MET A 109 31.02 -12.62 32.99
N THR A 110 30.52 -11.58 33.66
CA THR A 110 29.49 -11.77 34.69
C THR A 110 28.21 -11.07 34.29
N PRO A 111 27.05 -11.73 34.43
CA PRO A 111 25.78 -11.04 34.24
C PRO A 111 25.56 -9.98 35.31
N ALA A 112 24.65 -9.04 35.02
CA ALA A 112 24.36 -7.98 35.97
C ALA A 112 23.79 -8.53 37.27
N VAL A 113 22.85 -9.47 37.17
CA VAL A 113 22.26 -10.14 38.34
C VAL A 113 22.43 -11.63 38.15
N ILE A 114 23.07 -12.27 39.12
CA ILE A 114 23.43 -13.69 39.04
C ILE A 114 22.79 -14.49 40.16
N HIS A 115 22.14 -13.82 41.11
CA HIS A 115 21.57 -14.49 42.28
C HIS A 115 20.54 -15.54 41.88
N THR A 116 20.58 -16.68 42.58
CA THR A 116 19.83 -17.85 42.14
C THR A 116 18.32 -17.68 42.35
N ARG A 117 17.93 -16.91 43.36
CA ARG A 117 16.54 -16.74 43.84
C ARG A 117 16.02 -18.03 44.46
N LEU A 118 16.89 -18.99 44.80
CA LEU A 118 16.52 -20.27 45.40
C LEU A 118 15.66 -21.08 44.42
N ASP A 119 15.05 -22.17 44.89
CA ASP A 119 14.15 -23.13 44.24
C ASP A 119 14.87 -24.02 43.21
N GLY A 120 16.18 -23.96 43.10
CA GLY A 120 16.92 -24.82 42.21
C GLY A 120 17.12 -24.31 40.80
N THR A 121 16.45 -23.22 40.42
CA THR A 121 16.61 -22.61 39.11
C THR A 121 17.36 -21.29 39.28
N ILE A 122 18.42 -21.11 38.49
CA ILE A 122 19.30 -19.96 38.68
C ILE A 122 18.61 -18.67 38.31
N VAL A 123 17.89 -18.66 37.19
CA VAL A 123 17.16 -17.50 36.68
C VAL A 123 18.17 -16.37 36.46
N VAL A 124 19.10 -16.59 35.55
CA VAL A 124 20.05 -15.54 35.20
C VAL A 124 19.37 -14.51 34.30
N VAL A 125 19.49 -13.23 34.67
CA VAL A 125 18.89 -12.13 33.92
C VAL A 125 19.99 -11.14 33.53
N GLU A 126 19.82 -10.52 32.37
CA GLU A 126 20.78 -9.55 31.85
C GLU A 126 20.05 -8.24 31.58
N PHE A 127 20.73 -7.13 31.81
CA PHE A 127 20.13 -5.80 31.71
C PHE A 127 20.73 -5.06 30.52
N SER A 128 19.88 -4.33 29.79
CA SER A 128 20.30 -3.56 28.63
C SER A 128 19.44 -2.30 28.51
N THR A 129 19.97 -1.29 27.82
CA THR A 129 19.29 -0.02 27.62
C THR A 129 19.38 0.37 26.15
N THR A 130 18.33 1.02 25.65
CA THR A 130 18.28 1.53 24.28
C THR A 130 17.88 3.00 24.29
N ARG A 131 18.73 3.84 23.71
CA ARG A 131 18.39 5.26 23.60
C ARG A 131 17.64 5.55 22.30
N SER A 132 17.80 4.68 21.30
CA SER A 132 17.11 4.86 20.03
C SER A 132 15.60 4.70 20.23
N HIS A 133 14.84 5.62 19.62
CA HIS A 133 13.40 5.71 19.86
C HIS A 133 12.64 4.96 18.76
N ASN A 134 12.95 3.67 18.63
CA ASN A 134 12.33 2.85 17.60
C ASN A 134 12.30 1.41 18.05
N ILE A 135 11.43 0.62 17.41
CA ILE A 135 11.29 -0.79 17.72
C ILE A 135 12.52 -1.56 17.26
N GLY A 136 13.18 -1.09 16.19
CA GLY A 136 14.28 -1.83 15.60
C GLY A 136 15.45 -2.01 16.55
N GLY A 137 15.97 -0.90 17.10
CA GLY A 137 17.06 -1.01 18.06
C GLY A 137 16.65 -1.70 19.35
N LEU A 138 15.40 -1.48 19.76
CA LEU A 138 14.85 -2.13 20.96
C LEU A 138 14.86 -3.65 20.82
N GLU A 139 14.49 -4.17 19.66
CA GLU A 139 14.55 -5.60 19.42
C GLU A 139 15.98 -6.07 19.20
N ALA A 140 16.81 -5.25 18.54
CA ALA A 140 18.17 -5.65 18.23
C ALA A 140 19.00 -5.83 19.49
N ALA A 141 18.83 -4.95 20.48
CA ALA A 141 19.59 -5.09 21.72
C ALA A 141 19.23 -6.36 22.46
N TYR A 142 17.93 -6.69 22.54
CA TYR A 142 17.49 -7.92 23.18
C TYR A 142 18.03 -9.14 22.44
N ARG A 143 17.97 -9.10 21.10
CA ARG A 143 18.49 -10.20 20.29
C ARG A 143 19.99 -10.39 20.49
N THR A 144 20.75 -9.29 20.52
CA THR A 144 22.20 -9.43 20.63
C THR A 144 22.62 -9.81 22.04
N LYS A 145 21.83 -9.42 23.05
CA LYS A 145 22.09 -9.92 24.40
C LYS A 145 21.89 -11.43 24.45
N ILE A 146 20.81 -11.92 23.84
CA ILE A 146 20.61 -13.37 23.76
C ILE A 146 21.75 -14.03 22.99
N GLU A 147 22.22 -13.39 21.92
CA GLU A 147 23.28 -13.98 21.12
C GLU A 147 24.58 -14.06 21.91
N LYS A 148 24.91 -13.04 22.70
CA LYS A 148 26.21 -13.00 23.35
C LYS A 148 26.19 -13.70 24.71
N TYR A 149 25.01 -14.12 25.18
CA TYR A 149 24.96 -15.06 26.31
C TYR A 149 24.20 -16.34 25.98
N ARG A 150 24.11 -16.73 24.71
CA ARG A 150 23.43 -17.97 24.34
C ARG A 150 24.25 -19.19 24.73
N ASP A 151 25.57 -19.12 24.52
CA ASP A 151 26.40 -20.31 24.66
C ASP A 151 26.39 -20.94 26.05
N PRO A 152 26.59 -20.20 27.16
CA PRO A 152 26.57 -20.87 28.47
C PRO A 152 25.26 -21.54 28.79
N ILE A 153 24.13 -20.88 28.52
CA ILE A 153 22.83 -21.47 28.80
C ILE A 153 22.58 -22.65 27.88
N SER A 154 23.05 -22.58 26.64
CA SER A 154 22.75 -23.64 25.67
C SER A 154 23.50 -24.93 25.99
N ARG A 155 24.80 -24.85 26.27
CA ARG A 155 25.56 -26.08 26.50
C ARG A 155 26.11 -26.22 27.91
N ARG A 156 26.61 -25.15 28.52
CA ARG A 156 27.31 -25.27 29.79
C ARG A 156 26.37 -25.77 30.89
N VAL A 157 25.09 -25.47 30.76
CA VAL A 157 24.13 -25.89 31.77
C VAL A 157 23.87 -27.39 31.70
N ASP A 158 23.82 -27.94 30.49
CA ASP A 158 23.32 -29.31 30.30
C ASP A 158 24.19 -30.34 31.01
N ILE A 159 25.48 -30.05 31.18
CA ILE A 159 26.37 -31.01 31.83
C ILE A 159 26.37 -30.77 33.34
N MET A 160 25.31 -31.24 34.00
CA MET A 160 25.14 -31.26 35.45
C MET A 160 23.80 -31.92 35.72
N GLU A 161 23.59 -32.34 36.96
CA GLU A 161 22.45 -33.19 37.31
C GLU A 161 21.20 -32.34 37.47
N ASN A 162 20.16 -32.65 36.68
CA ASN A 162 18.85 -32.00 36.71
C ASN A 162 18.97 -30.50 36.44
N PRO A 163 19.24 -30.10 35.19
CA PRO A 163 19.43 -28.67 34.90
C PRO A 163 18.15 -27.86 35.05
N ARG A 164 18.28 -26.67 35.62
CA ARG A 164 17.18 -25.74 35.81
C ARG A 164 17.70 -24.31 35.64
N VAL A 165 17.42 -23.71 34.49
CA VAL A 165 17.82 -22.33 34.20
C VAL A 165 16.70 -21.61 33.47
N PHE A 166 16.78 -20.28 33.47
CA PHE A 166 15.88 -19.42 32.71
C PHE A 166 16.59 -18.10 32.44
N PHE A 167 16.83 -17.79 31.17
CA PHE A 167 17.56 -16.60 30.78
C PHE A 167 16.57 -15.46 30.55
N GLY A 168 16.88 -14.29 31.10
CA GLY A 168 16.07 -13.11 30.88
C GLY A 168 16.85 -11.90 30.43
N VAL A 169 16.25 -11.08 29.57
CA VAL A 169 16.86 -9.86 29.07
C VAL A 169 15.92 -8.70 29.38
N ILE A 170 16.46 -7.66 30.01
CA ILE A 170 15.71 -6.45 30.33
C ILE A 170 16.20 -5.35 29.38
N VAL A 171 15.33 -4.90 28.50
CA VAL A 171 15.63 -3.82 27.55
C VAL A 171 14.61 -2.71 27.78
N VAL A 172 15.08 -1.54 28.20
CA VAL A 172 14.23 -0.42 28.54
C VAL A 172 14.46 0.70 27.53
N SER A 173 13.37 1.29 27.06
CA SER A 173 13.40 2.51 26.27
C SER A 173 12.28 3.43 26.75
N SER A 174 12.44 4.72 26.48
CA SER A 174 11.40 5.68 26.85
C SER A 174 10.11 5.40 26.11
N GLY A 175 10.19 5.00 24.84
CA GLY A 175 9.00 4.62 24.11
C GLY A 175 8.35 3.35 24.64
N GLY A 176 9.16 2.34 24.96
CA GLY A 176 8.63 1.10 25.46
C GLY A 176 9.71 0.23 26.06
N VAL A 177 9.27 -0.80 26.79
CA VAL A 177 10.17 -1.73 27.46
C VAL A 177 9.83 -3.15 27.02
N LEU A 178 10.85 -3.92 26.67
CA LEU A 178 10.69 -5.29 26.18
C LEU A 178 11.46 -6.23 27.09
N SER A 179 10.81 -7.32 27.49
CA SER A 179 11.46 -8.36 28.28
C SER A 179 10.66 -9.65 28.19
N ASN A 180 11.38 -10.77 28.28
CA ASN A 180 10.71 -12.06 28.43
C ASN A 180 10.30 -12.31 29.87
N MET A 181 10.85 -11.52 30.79
CA MET A 181 10.51 -11.66 32.20
C MET A 181 9.06 -11.23 32.43
N PRO A 182 8.27 -12.02 33.14
CA PRO A 182 6.97 -11.51 33.60
C PRO A 182 7.18 -10.36 34.57
N LEU A 183 6.80 -9.17 34.11
CA LEU A 183 7.19 -7.93 34.78
C LEU A 183 5.95 -7.09 35.04
N THR A 184 5.89 -6.51 36.25
CA THR A 184 4.73 -5.73 36.65
C THR A 184 4.62 -4.46 35.82
N GLN A 185 3.39 -4.11 35.43
CA GLN A 185 3.12 -2.91 34.66
C GLN A 185 3.73 -1.67 35.30
N ASP A 186 3.28 -1.35 36.52
CA ASP A 186 3.81 -0.21 37.24
C ASP A 186 5.32 -0.26 37.37
N GLU A 187 5.89 -1.47 37.53
CA GLU A 187 7.34 -1.61 37.48
C GLU A 187 7.88 -1.24 36.10
N ALA A 188 7.14 -1.53 35.03
CA ALA A 188 7.61 -1.19 33.69
C ALA A 188 7.66 0.32 33.49
N GLU A 189 6.58 1.04 33.82
CA GLU A 189 6.69 2.50 33.71
C GLU A 189 7.65 3.08 34.74
N GLU A 190 7.88 2.43 35.88
CA GLU A 190 8.95 2.88 36.78
C GLU A 190 10.32 2.77 36.13
N LEU A 191 10.58 1.66 35.43
CA LEU A 191 11.83 1.49 34.73
C LEU A 191 12.00 2.53 33.64
N MET A 192 10.96 2.78 32.86
CA MET A 192 11.05 3.79 31.81
C MET A 192 11.22 5.20 32.39
N TYR A 193 10.56 5.48 33.51
CA TYR A 193 10.72 6.76 34.18
C TYR A 193 12.17 6.96 34.64
N ARG A 194 12.71 5.98 35.36
CA ARG A 194 14.10 6.06 35.82
C ARG A 194 15.05 6.16 34.63
N PHE A 195 14.71 5.53 33.51
CA PHE A 195 15.55 5.64 32.32
C PHE A 195 15.48 7.07 31.79
N CYS A 196 14.31 7.71 31.88
CA CYS A 196 14.20 9.10 31.44
C CYS A 196 15.09 10.03 32.26
N ILE A 197 15.06 9.87 33.59
CA ILE A 197 16.01 10.63 34.43
C ILE A 197 17.46 10.30 34.06
N ALA A 198 17.74 9.02 33.81
CA ALA A 198 19.11 8.64 33.45
C ALA A 198 19.55 9.28 32.14
N ASN A 199 18.66 9.33 31.15
CA ASN A 199 18.95 10.00 29.89
C ASN A 199 19.18 11.49 30.08
N GLU A 200 18.35 12.13 30.91
CA GLU A 200 18.56 13.55 31.19
C GLU A 200 19.93 13.79 31.81
N ILE A 201 20.30 12.96 32.80
CA ILE A 201 21.60 13.09 33.45
C ILE A 201 22.73 12.85 32.47
N TYR A 202 22.58 11.84 31.61
CA TYR A 202 23.62 11.53 30.62
C TYR A 202 23.81 12.67 29.63
N THR A 203 22.71 13.26 29.14
CA THR A 203 22.83 14.38 28.21
C THR A 203 23.46 15.60 28.88
N LYS A 204 23.07 15.90 30.12
CA LYS A 204 23.70 17.03 30.81
C LYS A 204 25.18 16.78 31.08
N ALA A 205 25.55 15.54 31.41
CA ALA A 205 26.94 15.22 31.65
C ALA A 205 27.77 15.31 30.38
N ARG A 206 27.22 14.82 29.26
CA ARG A 206 27.95 14.87 28.00
C ARG A 206 28.07 16.29 27.49
N SER A 207 27.03 17.11 27.69
CA SER A 207 27.10 18.51 27.29
C SER A 207 28.08 19.29 28.15
N MET A 208 28.15 18.95 29.45
CA MET A 208 29.02 19.69 30.35
C MET A 208 30.50 19.46 30.03
N ASP A 209 30.86 18.20 29.75
CA ASP A 209 32.26 17.87 29.51
C ASP A 209 32.32 16.62 28.64
N ALA A 210 33.48 16.39 28.03
CA ALA A 210 33.68 15.26 27.16
C ALA A 210 34.23 14.07 27.95
N ASP A 211 34.48 12.97 27.23
CA ASP A 211 35.03 11.70 27.74
C ASP A 211 34.05 10.93 28.62
N ILE A 212 32.89 11.51 28.92
CA ILE A 212 31.81 10.70 29.50
C ILE A 212 31.24 9.76 28.45
N GLU A 213 31.03 10.27 27.23
CA GLU A 213 30.50 9.47 26.15
C GLU A 213 31.49 8.40 25.71
N LEU A 214 30.95 7.24 25.33
CA LEU A 214 31.75 6.10 24.89
C LEU A 214 32.20 6.34 23.46
N GLN A 215 33.44 5.96 23.17
CA GLN A 215 34.03 6.20 21.85
C GLN A 215 33.21 5.52 20.75
N LYS A 216 32.93 6.27 19.70
CA LYS A 216 32.09 5.84 18.59
C LYS A 216 32.96 5.52 17.37
N SER A 217 32.31 5.20 16.26
CA SER A 217 33.02 4.92 15.03
C SER A 217 33.58 6.22 14.44
N GLU A 218 34.63 6.06 13.63
CA GLU A 218 35.27 7.22 13.01
C GLU A 218 34.35 7.87 11.99
N GLU A 219 33.51 7.08 11.30
CA GLU A 219 32.67 7.63 10.24
C GLU A 219 31.55 8.49 10.80
N GLU A 220 31.05 8.17 11.99
CA GLU A 220 30.00 9.00 12.59
C GLU A 220 30.53 10.34 13.03
N LEU A 221 31.75 10.38 13.58
CA LEU A 221 32.35 11.65 13.98
C LEU A 221 32.59 12.55 12.77
N GLU A 222 33.11 11.99 11.68
CA GLU A 222 33.31 12.77 10.46
C GLU A 222 31.97 13.21 9.88
N ALA A 223 30.96 12.35 9.95
CA ALA A 223 29.63 12.70 9.46
C ALA A 223 29.03 13.88 10.24
N ILE A 224 29.19 13.88 11.56
CA ILE A 224 28.76 15.01 12.36
C ILE A 224 29.57 16.26 12.01
N SER A 225 30.88 16.09 11.78
CA SER A 225 31.73 17.23 11.46
C SER A 225 31.33 17.91 10.15
N ARG A 226 31.05 17.12 9.11
CA ARG A 226 30.65 17.70 7.83
C ARG A 226 29.36 18.50 7.97
N ALA A 227 28.36 17.92 8.64
CA ALA A 227 27.08 18.60 8.80
C ALA A 227 27.23 19.87 9.63
N LEU A 228 28.01 19.81 10.71
CA LEU A 228 28.22 21.00 11.53
C LEU A 228 28.93 22.09 10.75
N SER A 229 29.96 21.74 10.00
CA SER A 229 30.68 22.72 9.19
C SER A 229 29.77 23.34 8.13
N PHE A 230 28.95 22.52 7.49
CA PHE A 230 28.01 23.03 6.50
C PHE A 230 27.01 24.00 7.12
N PHE A 231 26.38 23.59 8.23
CA PHE A 231 25.34 24.42 8.82
C PHE A 231 25.90 25.70 9.41
N SER A 232 27.17 25.68 9.83
CA SER A 232 27.81 26.91 10.30
C SER A 232 28.23 27.79 9.12
N LEU A 233 28.58 27.18 7.99
CA LEU A 233 29.17 27.94 6.90
C LEU A 233 28.12 28.37 5.89
N PHE A 234 27.09 27.55 5.68
CA PHE A 234 26.12 27.80 4.61
C PHE A 234 25.36 29.09 4.86
N GLU A 235 25.23 29.91 3.81
CA GLU A 235 24.45 31.14 3.85
C GLU A 235 23.49 31.14 2.67
N PRO A 236 22.22 31.48 2.87
CA PRO A 236 21.25 31.47 1.77
C PRO A 236 21.02 32.81 1.09
N ASN A 237 21.73 33.87 1.49
CA ASN A 237 21.54 35.22 0.97
C ASN A 237 20.08 35.65 1.14
N ILE A 238 19.69 35.84 2.41
CA ILE A 238 18.30 35.96 2.80
C ILE A 238 17.60 37.11 2.09
N GLU A 239 18.35 38.16 1.70
CA GLU A 239 17.74 39.28 0.99
C GLU A 239 17.18 38.85 -0.35
N ARG A 240 17.93 38.02 -1.09
CA ARG A 240 17.47 37.59 -2.41
C ARG A 240 16.27 36.65 -2.30
N VAL A 241 16.26 35.79 -1.29
CA VAL A 241 15.13 34.85 -1.16
C VAL A 241 13.89 35.57 -0.64
N GLU A 242 14.08 36.68 0.08
CA GLU A 242 12.94 37.51 0.44
C GLU A 242 12.41 38.28 -0.78
N GLY A 243 13.31 38.80 -1.61
CA GLY A 243 12.88 39.61 -2.74
C GLY A 243 12.26 38.80 -3.87
N THR A 244 12.84 37.65 -4.19
CA THR A 244 12.45 36.91 -5.38
C THR A 244 11.08 36.26 -5.22
N PHE A 245 10.85 35.59 -4.11
CA PHE A 245 9.65 34.83 -3.85
C PHE A 245 8.59 35.71 -3.18
N PRO A 246 7.34 35.22 -3.05
CA PRO A 246 6.35 35.96 -2.25
C PRO A 246 6.72 36.00 -0.78
N ASN A 247 5.82 36.53 0.06
CA ASN A 247 6.16 36.96 1.43
C ASN A 247 6.96 35.92 2.19
N SER A 248 8.24 36.24 2.41
CA SER A 248 9.16 35.29 3.03
C SER A 248 10.10 35.98 4.02
N GLU A 249 9.73 37.15 4.54
CA GLU A 249 10.62 37.92 5.39
C GLU A 249 10.97 37.14 6.66
N ILE A 250 12.25 37.19 7.04
CA ILE A 250 12.71 36.48 8.22
C ILE A 250 12.11 37.04 9.50
N LYS A 251 11.63 38.28 9.47
CA LYS A 251 11.04 38.91 10.66
C LYS A 251 9.86 38.09 11.19
N MET A 252 9.17 37.37 10.30
CA MET A 252 8.10 36.47 10.72
C MET A 252 8.62 35.44 11.72
N LEU A 253 9.81 34.89 11.46
CA LEU A 253 10.37 33.87 12.34
C LEU A 253 10.69 34.43 13.71
N GLU A 254 11.34 35.60 13.78
CA GLU A 254 11.67 36.18 15.08
C GLU A 254 10.40 36.58 15.83
N GLN A 255 9.39 37.09 15.13
CA GLN A 255 8.15 37.44 15.81
C GLN A 255 7.42 36.21 16.32
N PHE A 256 7.47 35.11 15.57
CA PHE A 256 6.81 33.88 16.01
C PHE A 256 7.53 33.26 17.20
N LEU A 257 8.85 33.24 17.18
CA LEU A 257 9.60 32.56 18.23
C LEU A 257 9.65 33.39 19.51
N SER A 258 9.72 34.71 19.39
CA SER A 258 9.97 35.55 20.57
C SER A 258 8.67 35.98 21.23
N THR A 259 7.73 36.51 20.45
CA THR A 259 6.53 37.10 21.04
C THR A 259 5.62 36.02 21.61
N PRO A 260 5.26 36.09 22.88
CA PRO A 260 4.31 35.12 23.45
C PRO A 260 2.93 35.27 22.85
N ALA A 261 2.19 34.16 22.89
CA ALA A 261 0.82 34.16 22.40
C ALA A 261 -0.07 35.04 23.28
N ASP A 262 -1.05 35.68 22.64
CA ASP A 262 -1.98 36.58 23.33
C ASP A 262 -3.02 35.70 24.04
N VAL A 263 -2.80 35.49 25.34
CA VAL A 263 -3.68 34.60 26.10
C VAL A 263 -5.09 35.18 26.22
N ASP A 264 -5.21 36.50 26.14
CA ASP A 264 -6.53 37.12 26.14
C ASP A 264 -7.27 36.84 24.83
N PHE A 265 -6.54 36.80 23.72
CA PHE A 265 -7.15 36.50 22.43
C PHE A 265 -7.65 35.06 22.38
N ILE A 266 -6.81 34.12 22.81
CA ILE A 266 -7.12 32.69 22.75
C ILE A 266 -8.32 32.39 23.63
N THR A 267 -8.37 32.97 24.83
CA THR A 267 -9.50 32.76 25.72
C THR A 267 -10.79 33.31 25.12
N LYS A 268 -10.73 34.51 24.55
CA LYS A 268 -11.93 35.11 23.96
C LYS A 268 -12.35 34.37 22.70
N THR A 269 -11.40 33.96 21.86
CA THR A 269 -11.73 33.25 20.63
C THR A 269 -12.36 31.89 20.92
N LEU A 270 -11.83 31.19 21.92
CA LEU A 270 -12.34 29.85 22.23
C LEU A 270 -13.78 29.89 22.70
N LYS A 271 -14.12 30.90 23.52
CA LYS A 271 -15.50 31.01 24.01
C LYS A 271 -16.47 31.36 22.89
N ALA A 272 -16.07 32.25 21.99
CA ALA A 272 -16.94 32.61 20.86
C ALA A 272 -17.17 31.42 19.94
N LYS A 273 -16.11 30.67 19.64
CA LYS A 273 -16.26 29.49 18.79
C LYS A 273 -17.07 28.41 19.50
N GLU A 274 -16.93 28.30 20.82
CA GLU A 274 -17.74 27.35 21.58
C GLU A 274 -19.22 27.71 21.50
N VAL A 275 -19.54 29.01 21.64
CA VAL A 275 -20.92 29.46 21.54
C VAL A 275 -21.47 29.21 20.14
N GLU A 276 -20.65 29.49 19.11
CA GLU A 276 -21.08 29.25 17.74
C GLU A 276 -21.33 27.77 17.48
N ALA A 277 -20.45 26.90 17.99
CA ALA A 277 -20.65 25.46 17.84
C ALA A 277 -21.89 25.00 18.59
N TYR A 278 -22.14 25.55 19.77
CA TYR A 278 -23.36 25.22 20.50
C TYR A 278 -24.61 25.61 19.71
N ALA A 279 -24.60 26.82 19.14
CA ALA A 279 -25.75 27.26 18.35
C ALA A 279 -25.96 26.39 17.12
N ASP A 280 -24.86 26.04 16.43
CA ASP A 280 -24.98 25.20 15.25
C ASP A 280 -25.46 23.80 15.61
N LEU A 281 -25.00 23.26 16.74
CA LEU A 281 -25.45 21.95 17.19
C LEU A 281 -26.94 21.97 17.53
N CYS A 282 -27.40 23.04 18.19
CA CYS A 282 -28.83 23.15 18.49
C CYS A 282 -29.66 23.29 17.23
N ASP A 283 -29.19 24.09 16.26
CA ASP A 283 -29.98 24.35 15.06
C ASP A 283 -30.03 23.13 14.15
N SER A 284 -28.89 22.49 13.92
CA SER A 284 -28.83 21.40 12.94
C SER A 284 -29.46 20.12 13.50
N HIS A 285 -29.33 19.88 14.79
CA HIS A 285 -29.81 18.65 15.41
C HIS A 285 -31.12 18.83 16.16
N TYR A 286 -31.73 20.02 16.10
CA TYR A 286 -33.05 20.30 16.64
C TYR A 286 -33.15 20.00 18.13
N LEU A 287 -32.33 20.67 18.94
CA LEU A 287 -32.30 20.40 20.37
C LEU A 287 -33.08 21.40 21.20
N LYS A 288 -33.51 22.53 20.65
CA LYS A 288 -34.31 23.52 21.40
C LYS A 288 -35.43 24.00 20.48
N PRO A 289 -36.69 24.01 20.97
CA PRO A 289 -37.13 23.62 22.31
C PRO A 289 -37.16 22.11 22.52
N GLU A 290 -37.55 21.68 23.72
CA GLU A 290 -37.51 20.28 24.12
C GLU A 290 -38.37 19.39 23.21
N LYS A 291 -37.78 18.32 22.70
CA LYS A 291 -38.47 17.34 21.87
C LYS A 291 -37.94 15.95 22.17
N THR A 292 -38.80 14.93 22.11
CA THR A 292 -38.35 13.56 22.28
C THR A 292 -37.53 13.14 21.07
N ILE A 293 -36.79 12.03 21.23
CA ILE A 293 -35.87 11.58 20.19
C ILE A 293 -36.62 11.27 18.90
N GLN A 294 -37.82 10.69 19.02
CA GLN A 294 -38.58 10.30 17.84
C GLN A 294 -38.97 11.51 16.99
N GLU A 295 -39.37 12.61 17.63
CA GLU A 295 -39.79 13.79 16.87
C GLU A 295 -38.62 14.39 16.09
N ARG A 296 -37.45 14.51 16.73
CA ARG A 296 -36.27 15.01 16.02
C ARG A 296 -35.85 14.05 14.92
N LEU A 297 -36.03 12.74 15.14
CA LEU A 297 -35.72 11.76 14.09
C LEU A 297 -36.64 11.94 12.88
N GLU A 298 -37.93 12.20 13.13
CA GLU A 298 -38.85 12.43 12.02
C GLU A 298 -38.54 13.74 11.29
N ILE A 299 -38.14 14.78 12.04
CA ILE A 299 -37.74 16.02 11.39
C ILE A 299 -36.51 15.80 10.51
N ASN A 300 -35.54 15.02 11.00
CA ASN A 300 -34.37 14.68 10.21
C ASN A 300 -34.76 13.88 8.97
N ARG A 301 -35.71 12.95 9.12
CA ARG A 301 -36.22 12.20 7.98
C ARG A 301 -36.82 13.14 6.93
N CYS A 302 -37.65 14.09 7.37
CA CYS A 302 -38.29 15.01 6.43
C CYS A 302 -37.25 15.87 5.70
N GLU A 303 -36.26 16.38 6.44
CA GLU A 303 -35.22 17.19 5.82
C GLU A 303 -34.38 16.38 4.84
N ALA A 304 -34.04 15.14 5.21
CA ALA A 304 -33.27 14.29 4.30
C ALA A 304 -34.06 13.97 3.05
N ILE A 305 -35.35 13.69 3.19
CA ILE A 305 -36.20 13.41 2.03
C ILE A 305 -36.28 14.64 1.13
N ASP A 306 -36.45 15.83 1.73
CA ASP A 306 -36.52 17.06 0.94
C ASP A 306 -35.23 17.31 0.18
N LYS A 307 -34.08 17.11 0.83
CA LYS A 307 -32.80 17.30 0.14
C LYS A 307 -32.60 16.26 -0.95
N THR A 308 -33.04 15.03 -0.72
CA THR A 308 -32.94 13.99 -1.74
C THR A 308 -33.77 14.34 -2.98
N GLN A 309 -35.01 14.77 -2.77
CA GLN A 309 -35.85 15.16 -3.90
C GLN A 309 -35.30 16.41 -4.59
N ASP A 310 -34.70 17.31 -3.82
CA ASP A 310 -34.05 18.48 -4.42
C ASP A 310 -32.90 18.06 -5.33
N LEU A 311 -32.07 17.12 -4.88
CA LEU A 311 -30.98 16.62 -5.71
C LEU A 311 -31.52 15.94 -6.97
N LEU A 312 -32.57 15.14 -6.82
CA LEU A 312 -33.14 14.45 -7.98
C LEU A 312 -33.70 15.44 -9.00
N ALA A 313 -34.39 16.48 -8.51
CA ALA A 313 -34.94 17.49 -9.42
C ALA A 313 -33.83 18.30 -10.07
N GLY A 314 -32.75 18.56 -9.34
CA GLY A 314 -31.63 19.28 -9.92
C GLY A 314 -30.93 18.49 -11.02
N LEU A 315 -30.74 17.19 -10.80
CA LEU A 315 -30.12 16.37 -11.83
C LEU A 315 -31.06 16.11 -13.00
N HIS A 316 -32.38 16.15 -12.74
CA HIS A 316 -33.35 15.90 -13.80
C HIS A 316 -33.34 17.01 -14.84
N ALA A 317 -33.25 18.27 -14.39
CA ALA A 317 -33.35 19.40 -15.32
C ALA A 317 -32.17 19.43 -16.28
N ARG A 318 -30.96 19.12 -15.80
CA ARG A 318 -29.79 19.13 -16.67
C ARG A 318 -29.82 17.98 -17.67
N SER A 319 -30.63 16.96 -17.40
CA SER A 319 -30.64 15.77 -18.25
C SER A 319 -31.69 15.90 -19.35
N ASN A 320 -31.57 15.02 -20.34
CA ASN A 320 -32.62 14.90 -21.35
C ASN A 320 -33.80 14.10 -20.79
N LYS A 321 -34.98 14.70 -20.77
CA LYS A 321 -36.14 14.12 -20.10
C LYS A 321 -36.69 12.96 -20.93
N GLN A 322 -35.96 11.84 -20.86
CA GLN A 322 -36.34 10.61 -21.54
C GLN A 322 -36.58 9.52 -20.51
N THR A 323 -37.72 8.82 -20.63
CA THR A 323 -38.10 7.85 -19.61
C THR A 323 -37.27 6.58 -19.71
N SER A 324 -37.01 6.08 -20.91
CA SER A 324 -36.35 4.80 -21.11
C SER A 324 -35.27 4.90 -22.17
N LEU A 325 -34.16 4.20 -21.95
CA LEU A 325 -33.09 4.05 -22.92
C LEU A 325 -32.84 2.58 -23.19
N ASN A 326 -32.28 2.30 -24.36
CA ASN A 326 -32.05 0.93 -24.82
C ASN A 326 -30.63 0.45 -24.52
N ARG A 327 -29.83 1.24 -23.80
CA ARG A 327 -28.46 0.85 -23.51
C ARG A 327 -28.42 -0.40 -22.63
N GLY A 328 -27.40 -1.22 -22.87
CA GLY A 328 -27.17 -2.42 -22.07
C GLY A 328 -25.97 -2.23 -21.17
N THR A 329 -26.09 -2.71 -19.93
CA THR A 329 -25.01 -2.55 -18.96
C THR A 329 -23.76 -3.31 -19.39
N VAL A 330 -23.94 -4.53 -19.90
CA VAL A 330 -22.82 -5.39 -20.30
C VAL A 330 -22.71 -5.34 -21.82
N LYS A 331 -21.52 -5.00 -22.31
CA LYS A 331 -21.27 -4.89 -23.74
C LYS A 331 -20.85 -6.21 -24.38
N LEU A 332 -21.09 -7.33 -23.71
CA LEU A 332 -20.75 -8.65 -24.21
C LEU A 332 -21.99 -9.53 -24.23
N PRO A 333 -22.05 -10.50 -25.14
CA PRO A 333 -23.26 -11.33 -25.26
C PRO A 333 -23.41 -12.26 -24.08
N PRO A 334 -24.64 -12.70 -23.78
CA PRO A 334 -24.85 -13.66 -22.67
C PRO A 334 -24.44 -15.08 -22.99
N TRP A 335 -23.70 -15.31 -24.08
CA TRP A 335 -23.47 -16.66 -24.59
C TRP A 335 -22.68 -17.50 -23.58
N LEU A 336 -23.09 -18.77 -23.45
CA LEU A 336 -22.36 -19.77 -22.68
C LEU A 336 -22.18 -21.00 -23.56
N PRO A 337 -21.32 -20.93 -24.58
CA PRO A 337 -21.12 -22.08 -25.46
C PRO A 337 -20.44 -23.23 -24.73
N LYS A 338 -20.78 -24.44 -25.12
CA LYS A 338 -20.14 -25.61 -24.56
C LYS A 338 -18.70 -25.68 -25.05
N PRO A 339 -17.71 -25.81 -24.16
CA PRO A 339 -16.32 -25.91 -24.62
C PRO A 339 -16.09 -27.18 -25.43
N SER A 340 -15.20 -27.05 -26.42
CA SER A 340 -14.87 -28.14 -27.33
C SER A 340 -13.38 -28.47 -27.19
N SER A 341 -12.88 -29.32 -28.08
CA SER A 341 -11.47 -29.67 -28.10
C SER A 341 -10.63 -28.44 -28.42
N GLU A 342 -9.44 -28.40 -27.82
CA GLU A 342 -8.56 -27.24 -27.95
C GLU A 342 -8.05 -27.16 -29.38
N SER A 343 -8.35 -26.06 -30.05
CA SER A 343 -7.94 -25.81 -31.43
C SER A 343 -8.21 -24.35 -31.77
N ILE A 344 -7.17 -23.67 -32.27
CA ILE A 344 -7.36 -22.33 -32.83
C ILE A 344 -7.61 -22.39 -34.33
N ASP A 345 -7.83 -23.57 -34.89
CA ASP A 345 -8.09 -23.72 -36.31
C ASP A 345 -9.44 -23.11 -36.67
N ILE A 346 -9.51 -22.48 -37.83
CA ILE A 346 -10.75 -21.94 -38.38
C ILE A 346 -11.16 -22.80 -39.56
N LYS A 347 -12.34 -23.40 -39.48
CA LYS A 347 -12.84 -24.32 -40.49
C LYS A 347 -14.06 -23.71 -41.18
N THR A 348 -14.27 -24.10 -42.43
CA THR A 348 -15.32 -23.47 -43.24
C THR A 348 -16.71 -23.86 -42.75
N ASP A 349 -16.93 -25.15 -42.51
CA ASP A 349 -18.24 -25.72 -42.15
C ASP A 349 -19.21 -25.36 -43.28
N SER A 350 -20.42 -24.87 -42.97
CA SER A 350 -21.39 -24.52 -44.00
C SER A 350 -22.36 -23.49 -43.42
N GLY A 351 -23.32 -23.09 -44.25
CA GLY A 351 -24.33 -22.15 -43.85
C GLY A 351 -23.97 -20.69 -44.00
N PHE A 352 -22.76 -20.37 -44.50
CA PHE A 352 -22.36 -18.98 -44.65
C PHE A 352 -23.06 -18.33 -45.84
N GLY A 353 -23.70 -19.13 -46.69
CA GLY A 353 -24.41 -18.57 -47.83
C GLY A 353 -25.62 -17.74 -47.44
N SER A 354 -26.34 -18.19 -46.40
CA SER A 354 -27.56 -17.49 -46.00
C SER A 354 -27.25 -16.20 -45.26
N LEU A 355 -25.98 -15.96 -44.91
CA LEU A 355 -25.62 -14.78 -44.13
C LEU A 355 -25.74 -13.49 -44.92
N MET A 356 -25.86 -13.57 -46.26
CA MET A 356 -25.82 -12.37 -47.09
C MET A 356 -27.01 -11.45 -46.83
N ASP A 357 -28.20 -12.02 -46.65
CA ASP A 357 -29.41 -11.20 -46.61
C ASP A 357 -29.54 -10.43 -45.29
N HIS A 358 -29.17 -11.05 -44.17
CA HIS A 358 -29.45 -10.49 -42.85
C HIS A 358 -28.47 -9.36 -42.52
N GLY A 359 -28.80 -8.16 -42.99
CA GLY A 359 -28.14 -6.95 -42.53
C GLY A 359 -26.72 -6.78 -43.06
N ALA A 360 -26.10 -5.70 -42.58
CA ALA A 360 -24.72 -5.39 -42.99
C ALA A 360 -23.72 -6.28 -42.26
N TYR A 361 -23.98 -6.58 -40.98
CA TYR A 361 -23.09 -7.47 -40.24
C TYR A 361 -23.12 -8.88 -40.85
N GLY A 362 -24.28 -9.31 -41.32
CA GLY A 362 -24.34 -10.58 -42.05
C GLY A 362 -23.54 -10.54 -43.33
N GLU A 363 -23.53 -9.38 -44.01
CA GLU A 363 -22.72 -9.24 -45.22
C GLU A 363 -21.24 -9.36 -44.91
N LEU A 364 -20.78 -8.72 -43.84
CA LEU A 364 -19.38 -8.84 -43.44
C LEU A 364 -19.04 -10.27 -43.06
N TRP A 365 -19.91 -10.92 -42.30
CA TRP A 365 -19.64 -12.28 -41.85
C TRP A 365 -19.81 -13.31 -42.97
N ALA A 366 -20.45 -12.94 -44.08
CA ALA A 366 -20.48 -13.79 -45.26
C ALA A 366 -19.27 -13.59 -46.14
N LYS A 367 -18.79 -12.35 -46.27
CA LYS A 367 -17.56 -12.11 -47.01
C LYS A 367 -16.37 -12.71 -46.28
N CYS A 368 -16.39 -12.70 -44.95
CA CYS A 368 -15.25 -13.18 -44.17
C CYS A 368 -15.07 -14.69 -44.31
N LEU A 369 -16.15 -15.45 -44.14
CA LEU A 369 -16.04 -16.91 -44.18
C LEU A 369 -15.86 -17.40 -45.61
N LEU A 370 -16.33 -16.64 -46.60
CA LEU A 370 -16.16 -17.05 -47.99
C LEU A 370 -14.70 -16.99 -48.40
N ASP A 371 -13.96 -16.01 -47.88
CA ASP A 371 -12.52 -15.95 -48.13
C ASP A 371 -11.80 -17.13 -47.49
N VAL A 372 -12.30 -17.61 -46.35
CA VAL A 372 -11.73 -18.79 -45.72
C VAL A 372 -11.91 -20.01 -46.60
N SER A 373 -13.10 -20.15 -47.21
CA SER A 373 -13.37 -21.31 -48.05
C SER A 373 -12.47 -21.32 -49.29
N LEU A 374 -12.25 -20.17 -49.91
CA LEU A 374 -11.41 -20.11 -51.09
C LEU A 374 -9.92 -20.13 -50.76
N GLY A 375 -9.55 -19.91 -49.50
CA GLY A 375 -8.16 -20.00 -49.09
C GLY A 375 -7.32 -18.77 -49.32
N ASN A 376 -7.93 -17.62 -49.64
CA ASN A 376 -7.15 -16.40 -49.82
C ASN A 376 -6.49 -15.97 -48.52
N VAL A 377 -7.20 -16.10 -47.41
CA VAL A 377 -6.66 -15.76 -46.09
C VAL A 377 -5.86 -16.93 -45.56
N GLU A 378 -4.67 -16.63 -45.01
CA GLU A 378 -3.80 -17.66 -44.49
C GLU A 378 -4.01 -17.85 -42.99
N GLY A 379 -3.47 -18.94 -42.46
CA GLY A 379 -3.57 -19.23 -41.05
C GLY A 379 -4.89 -19.82 -40.61
N VAL A 380 -5.77 -20.18 -41.54
CA VAL A 380 -7.05 -20.79 -41.16
C VAL A 380 -6.82 -22.16 -40.53
N VAL A 381 -5.73 -22.82 -40.90
CA VAL A 381 -5.31 -24.08 -40.29
C VAL A 381 -4.00 -23.85 -39.55
N SER A 382 -3.95 -24.28 -38.30
CA SER A 382 -2.77 -24.15 -37.46
C SER A 382 -2.18 -25.52 -37.21
N ASP A 383 -0.90 -25.69 -37.55
CA ASP A 383 -0.22 -26.95 -37.33
C ASP A 383 0.87 -26.81 -36.28
N PRO A 384 0.65 -27.30 -35.06
CA PRO A 384 1.69 -27.17 -34.02
C PRO A 384 2.92 -28.02 -34.29
N ALA A 385 2.85 -28.94 -35.26
CA ALA A 385 3.99 -29.79 -35.58
C ALA A 385 5.18 -28.96 -36.06
N LYS A 386 4.93 -27.97 -36.92
CA LYS A 386 6.01 -27.10 -37.37
C LYS A 386 6.43 -26.15 -36.26
N GLU A 387 5.48 -25.66 -35.46
CA GLU A 387 5.81 -24.74 -34.38
C GLU A 387 6.60 -25.45 -33.28
N LEU A 388 6.34 -26.76 -33.08
CA LEU A 388 7.15 -27.52 -32.13
C LEU A 388 8.59 -27.62 -32.60
N ASP A 389 8.81 -27.65 -33.91
CA ASP A 389 10.17 -27.67 -34.45
C ASP A 389 10.91 -26.38 -34.12
N ILE A 390 10.22 -25.24 -34.20
CA ILE A 390 10.85 -23.95 -33.94
C ILE A 390 11.31 -23.87 -32.48
N ALA A 391 10.52 -24.46 -31.57
CA ALA A 391 10.88 -24.40 -30.15
C ALA A 391 12.15 -25.20 -29.87
N ILE A 392 12.31 -26.35 -30.52
CA ILE A 392 13.39 -27.27 -30.19
C ILE A 392 14.61 -27.12 -31.09
N SER A 393 14.52 -26.39 -32.19
CA SER A 393 15.63 -26.30 -33.11
C SER A 393 16.71 -25.34 -32.61
N ASP A 394 17.96 -25.72 -32.85
CA ASP A 394 19.07 -24.81 -32.63
C ASP A 394 19.24 -23.88 -33.82
N ASP A 395 20.07 -22.84 -33.63
CA ASP A 395 20.29 -21.77 -34.60
C ASP A 395 18.95 -21.16 -35.00
N PRO A 396 18.30 -20.42 -34.10
CA PRO A 396 16.91 -20.05 -34.34
C PRO A 396 16.66 -18.81 -35.20
N GLU A 397 17.68 -18.05 -35.60
CA GLU A 397 17.45 -16.95 -36.53
C GLU A 397 17.02 -17.45 -37.90
N LYS A 398 17.62 -18.54 -38.36
CA LYS A 398 17.31 -19.06 -39.69
C LYS A 398 15.93 -19.71 -39.72
N ASP A 399 15.55 -20.40 -38.63
CA ASP A 399 14.35 -21.22 -38.65
C ASP A 399 13.08 -20.38 -38.60
N THR A 400 13.09 -19.28 -37.86
CA THR A 400 11.87 -18.52 -37.63
C THR A 400 11.45 -17.79 -38.91
N PRO A 401 10.22 -17.99 -39.38
CA PRO A 401 9.74 -17.26 -40.56
C PRO A 401 9.32 -15.84 -40.24
N LYS A 402 10.01 -14.85 -40.82
CA LYS A 402 9.66 -13.45 -40.58
C LYS A 402 8.43 -13.04 -41.39
N GLU A 403 8.26 -13.60 -42.59
CA GLU A 403 7.24 -13.11 -43.50
C GLU A 403 5.84 -13.57 -43.09
N ALA A 404 5.76 -14.56 -42.20
CA ALA A 404 4.45 -15.06 -41.78
C ALA A 404 3.70 -14.09 -40.89
N LYS A 405 4.39 -13.09 -40.33
CA LYS A 405 3.74 -12.16 -39.41
C LYS A 405 2.74 -11.26 -40.12
N ILE A 406 3.11 -10.76 -41.30
CA ILE A 406 2.33 -9.70 -41.94
C ILE A 406 0.97 -10.22 -42.41
N THR A 407 0.95 -11.40 -43.03
CA THR A 407 -0.25 -11.92 -43.67
C THR A 407 -1.00 -12.93 -42.82
N TYR A 408 -0.67 -13.04 -41.53
CA TYR A 408 -1.32 -14.02 -40.68
C TYR A 408 -2.78 -13.62 -40.40
N ARG A 409 -3.70 -14.34 -41.04
CA ARG A 409 -5.14 -14.22 -40.78
C ARG A 409 -5.64 -12.80 -41.05
N ARG A 410 -5.39 -12.31 -42.25
CA ARG A 410 -5.86 -11.00 -42.71
C ARG A 410 -6.70 -11.19 -43.96
N PHE A 411 -7.87 -10.58 -43.99
CA PHE A 411 -8.77 -10.68 -45.14
C PHE A 411 -9.30 -9.30 -45.51
N LYS A 412 -9.50 -9.09 -46.81
CA LYS A 412 -10.11 -7.88 -47.33
C LYS A 412 -11.47 -8.21 -47.89
N PRO A 413 -12.57 -7.75 -47.28
CA PRO A 413 -13.90 -8.16 -47.72
C PRO A 413 -14.43 -7.46 -48.96
N ALA A 414 -13.81 -6.35 -49.39
CA ALA A 414 -14.32 -5.53 -50.48
C ALA A 414 -15.79 -5.15 -50.25
N LEU A 415 -16.04 -4.51 -49.12
CA LEU A 415 -17.40 -4.37 -48.63
C LEU A 415 -18.12 -3.21 -49.32
N SER A 416 -19.45 -3.22 -49.23
CA SER A 416 -20.27 -2.22 -49.89
C SER A 416 -20.29 -0.92 -49.09
N SER A 417 -21.03 0.06 -49.62
CA SER A 417 -21.04 1.39 -49.03
C SER A 417 -21.85 1.45 -47.73
N SER A 418 -23.03 0.83 -47.72
CA SER A 418 -23.93 0.96 -46.58
C SER A 418 -23.36 0.31 -45.32
N ALA A 419 -22.72 -0.86 -45.48
CA ALA A 419 -22.06 -1.50 -44.34
C ALA A 419 -20.95 -0.62 -43.79
N ARG A 420 -20.19 0.02 -44.68
CA ARG A 420 -19.14 0.94 -44.23
C ARG A 420 -19.74 2.14 -43.50
N GLN A 421 -20.89 2.63 -43.96
CA GLN A 421 -21.56 3.72 -43.26
C GLN A 421 -21.98 3.30 -41.85
N GLU A 422 -22.56 2.10 -41.73
CA GLU A 422 -22.97 1.63 -40.42
C GLU A 422 -21.77 1.42 -39.50
N PHE A 423 -20.66 0.93 -40.05
CA PHE A 423 -19.46 0.72 -39.24
C PHE A 423 -18.85 2.04 -38.82
N SER A 424 -18.93 3.06 -39.69
CA SER A 424 -18.50 4.40 -39.29
C SER A 424 -19.40 4.95 -38.19
N LEU A 425 -20.70 4.66 -38.26
CA LEU A 425 -21.59 4.98 -37.15
C LEU A 425 -21.17 4.25 -35.89
N GLN A 426 -20.62 3.05 -36.03
CA GLN A 426 -20.14 2.26 -34.90
C GLN A 426 -18.69 2.56 -34.55
N GLY A 427 -18.07 3.54 -35.20
CA GLY A 427 -16.71 3.96 -34.87
C GLY A 427 -15.62 3.34 -35.70
N VAL A 428 -15.89 2.32 -36.48
CA VAL A 428 -14.88 1.68 -37.31
C VAL A 428 -14.64 2.53 -38.54
N GLU A 429 -13.38 2.94 -38.75
CA GLU A 429 -12.99 3.83 -39.85
C GLU A 429 -13.81 5.11 -39.85
N GLY A 430 -13.93 5.72 -38.67
CA GLY A 430 -14.74 6.91 -38.50
C GLY A 430 -14.11 8.21 -38.93
N LYS A 431 -12.84 8.20 -39.35
CA LYS A 431 -12.19 9.41 -39.84
C LYS A 431 -12.58 9.74 -41.28
N LYS A 432 -12.80 8.71 -42.10
CA LYS A 432 -13.14 8.95 -43.51
C LYS A 432 -14.53 9.59 -43.65
N TRP A 433 -15.48 9.17 -42.82
CA TRP A 433 -16.84 9.69 -42.91
C TRP A 433 -17.24 10.34 -41.59
N LYS A 434 -16.38 11.21 -41.06
CA LYS A 434 -16.61 11.79 -39.74
C LYS A 434 -17.82 12.72 -39.73
N ARG A 435 -17.89 13.66 -40.67
CA ARG A 435 -18.95 14.67 -40.61
C ARG A 435 -20.26 14.14 -41.19
N MET A 436 -20.28 13.91 -42.52
CA MET A 436 -21.39 13.37 -43.30
C MET A 436 -22.79 13.76 -42.78
N ALA A 437 -23.65 12.76 -42.59
CA ALA A 437 -25.01 12.97 -42.13
C ALA A 437 -25.31 12.00 -40.99
N ALA A 438 -25.93 12.54 -39.93
CA ALA A 438 -26.40 11.80 -38.75
C ALA A 438 -25.25 11.33 -37.86
N ASN A 439 -24.02 11.43 -38.35
CA ASN A 439 -22.87 11.17 -37.49
C ASN A 439 -22.74 12.24 -36.42
N GLN A 440 -22.92 13.51 -36.80
CA GLN A 440 -22.96 14.58 -35.83
C GLN A 440 -24.16 14.45 -34.90
N LYS A 441 -25.28 13.95 -35.42
CA LYS A 441 -26.44 13.70 -34.56
C LYS A 441 -26.13 12.66 -33.49
N LYS A 442 -25.49 11.56 -33.87
CA LYS A 442 -25.09 10.56 -32.89
C LYS A 442 -24.05 11.11 -31.92
N GLU A 443 -23.13 11.93 -32.42
CA GLU A 443 -22.09 12.50 -31.57
C GLU A 443 -22.68 13.44 -30.53
N LYS A 444 -23.67 14.26 -30.91
CA LYS A 444 -24.29 15.16 -29.95
C LYS A 444 -25.25 14.41 -29.04
N GLU A 445 -25.80 13.28 -29.51
CA GLU A 445 -26.62 12.45 -28.63
C GLU A 445 -25.77 11.73 -27.61
N SER A 446 -24.49 11.52 -27.92
CA SER A 446 -23.60 10.85 -26.98
C SER A 446 -23.40 11.65 -25.70
N HIS A 447 -23.23 12.97 -25.83
CA HIS A 447 -23.00 13.84 -24.68
C HIS A 447 -24.35 14.31 -24.11
N GLU A 448 -25.06 13.36 -23.52
CA GLU A 448 -26.35 13.64 -22.88
C GLU A 448 -26.40 12.93 -21.54
N THR A 449 -26.52 13.72 -20.47
CA THR A 449 -26.66 13.15 -19.13
C THR A 449 -28.02 12.50 -18.98
N LEU A 450 -28.03 11.32 -18.36
CA LEU A 450 -29.27 10.59 -18.14
C LEU A 450 -30.04 11.17 -16.95
N SER A 451 -31.33 10.84 -16.89
CA SER A 451 -32.22 11.34 -15.85
C SER A 451 -32.30 10.36 -14.68
N PRO A 452 -32.37 10.87 -13.45
CA PRO A 452 -32.44 9.98 -12.28
C PRO A 452 -33.71 9.14 -12.22
N PHE A 453 -34.80 9.57 -12.88
CA PHE A 453 -36.05 8.83 -12.88
C PHE A 453 -36.14 7.83 -14.03
N LEU A 454 -34.99 7.34 -14.51
CA LEU A 454 -34.98 6.35 -15.57
C LEU A 454 -35.58 5.03 -15.08
N ASP A 455 -36.09 4.24 -16.02
CA ASP A 455 -36.75 2.97 -15.70
C ASP A 455 -35.69 1.89 -15.52
N VAL A 456 -34.88 2.05 -14.46
CA VAL A 456 -33.83 1.08 -14.14
C VAL A 456 -34.46 0.05 -13.20
N GLU A 457 -35.16 -0.91 -13.81
CA GLU A 457 -35.69 -2.04 -13.08
C GLU A 457 -35.13 -3.38 -13.55
N ASP A 458 -34.46 -3.42 -14.71
CA ASP A 458 -33.78 -4.64 -15.13
C ASP A 458 -32.60 -4.94 -14.22
N ILE A 459 -31.92 -3.91 -13.72
CA ILE A 459 -30.79 -4.11 -12.81
C ILE A 459 -31.26 -4.74 -11.51
N GLY A 460 -32.35 -4.24 -10.95
CA GLY A 460 -32.86 -4.77 -9.70
C GLY A 460 -33.34 -6.19 -9.81
N ASP A 461 -33.96 -6.54 -10.94
CA ASP A 461 -34.36 -7.92 -11.17
C ASP A 461 -33.15 -8.83 -11.39
N PHE A 462 -32.13 -8.34 -12.12
CA PHE A 462 -30.96 -9.15 -12.41
C PHE A 462 -30.16 -9.44 -11.15
N LEU A 463 -29.99 -8.44 -10.28
CA LEU A 463 -29.22 -8.66 -9.05
C LEU A 463 -29.93 -9.66 -8.13
N THR A 464 -31.25 -9.58 -8.05
CA THR A 464 -31.98 -10.47 -7.15
C THR A 464 -32.17 -11.85 -7.77
N PHE A 465 -32.62 -11.90 -9.03
CA PHE A 465 -32.90 -13.17 -9.72
C PHE A 465 -32.05 -13.24 -10.98
N ASN A 466 -31.16 -14.23 -11.03
CA ASN A 466 -30.35 -14.49 -12.20
C ASN A 466 -29.88 -15.94 -12.15
N ASN A 467 -29.18 -16.37 -13.20
CA ASN A 467 -28.62 -17.71 -13.24
C ASN A 467 -27.12 -17.70 -12.93
N LEU A 468 -26.63 -16.63 -12.32
CA LEU A 468 -25.27 -16.64 -11.81
C LEU A 468 -25.15 -17.62 -10.65
N LEU A 469 -23.94 -18.15 -10.47
CA LEU A 469 -23.62 -19.13 -9.43
C LEU A 469 -24.42 -20.42 -9.60
N THR A 470 -24.96 -20.65 -10.79
CA THR A 470 -25.65 -21.89 -11.11
C THR A 470 -24.67 -22.82 -11.82
N ASP A 471 -24.62 -24.06 -11.36
CA ASP A 471 -23.70 -25.04 -11.92
C ASP A 471 -24.04 -25.29 -13.38
N SER A 472 -23.10 -24.95 -14.28
CA SER A 472 -23.32 -25.11 -15.71
C SER A 472 -23.33 -26.56 -16.15
N ARG A 473 -22.98 -27.50 -15.26
CA ARG A 473 -22.94 -28.93 -15.54
C ARG A 473 -22.00 -29.28 -16.68
N TYR A 474 -20.95 -28.49 -16.87
CA TYR A 474 -19.90 -28.84 -17.82
C TYR A 474 -18.96 -29.82 -17.15
N GLY A 475 -18.33 -29.40 -16.04
CA GLY A 475 -17.62 -30.32 -15.17
C GLY A 475 -16.32 -30.85 -15.74
N ASP A 476 -16.43 -31.69 -16.76
CA ASP A 476 -15.28 -32.31 -17.41
C ASP A 476 -15.23 -31.77 -18.84
N GLU A 477 -14.58 -30.63 -19.01
CA GLU A 477 -14.41 -30.02 -20.33
C GLU A 477 -12.98 -29.51 -20.43
N SER A 478 -12.61 -29.11 -21.65
CA SER A 478 -11.19 -28.93 -21.99
C SER A 478 -10.49 -27.93 -21.07
N ILE A 479 -11.06 -26.74 -20.91
CA ILE A 479 -10.45 -25.74 -20.03
C ILE A 479 -10.45 -26.22 -18.59
N GLN A 480 -11.56 -26.81 -18.13
CA GLN A 480 -11.63 -27.25 -16.74
C GLN A 480 -10.79 -28.50 -16.53
N ARG A 481 -10.69 -29.37 -17.53
CA ARG A 481 -9.78 -30.50 -17.44
C ARG A 481 -8.34 -30.05 -17.32
N ALA A 482 -7.95 -29.04 -18.11
CA ALA A 482 -6.60 -28.50 -18.01
C ALA A 482 -6.33 -27.89 -16.64
N VAL A 483 -7.29 -27.10 -16.13
CA VAL A 483 -7.13 -26.49 -14.82
C VAL A 483 -7.04 -27.56 -13.72
N SER A 484 -7.88 -28.59 -13.81
CA SER A 484 -7.84 -29.68 -12.85
C SER A 484 -6.53 -30.45 -12.90
N ILE A 485 -6.01 -30.72 -14.09
CA ILE A 485 -4.71 -31.39 -14.21
C ILE A 485 -3.61 -30.55 -13.59
N LEU A 486 -3.63 -29.24 -13.86
CA LEU A 486 -2.63 -28.35 -13.28
C LEU A 486 -2.73 -28.31 -11.75
N LEU A 487 -3.95 -28.24 -11.22
CA LEU A 487 -4.13 -28.27 -9.76
C LEU A 487 -3.64 -29.58 -9.16
N GLU A 488 -3.97 -30.72 -9.77
CA GLU A 488 -3.58 -32.01 -9.22
C GLU A 488 -2.07 -32.22 -9.29
N LYS A 489 -1.42 -31.66 -10.32
CA LYS A 489 0.03 -31.76 -10.38
C LYS A 489 0.69 -30.82 -9.36
N ALA A 490 0.13 -29.61 -9.20
CA ALA A 490 0.69 -28.67 -8.24
C ALA A 490 0.56 -29.19 -6.81
N SER A 491 -0.58 -29.81 -6.49
CA SER A 491 -0.79 -30.38 -5.16
C SER A 491 -0.34 -31.84 -5.13
N ALA A 492 0.98 -32.03 -5.24
CA ALA A 492 1.56 -33.36 -5.23
C ALA A 492 2.45 -33.55 -4.01
N MET A 493 3.30 -32.56 -3.73
CA MET A 493 4.11 -32.60 -2.52
C MET A 493 3.27 -32.47 -1.26
N GLN A 494 2.04 -31.96 -1.39
CA GLN A 494 1.11 -31.82 -0.28
C GLN A 494 -0.18 -32.60 -0.49
N ASP A 495 -0.15 -33.65 -1.32
CA ASP A 495 -1.37 -34.35 -1.69
C ASP A 495 -1.90 -35.17 -0.52
N THR A 496 -2.84 -34.60 0.21
CA THR A 496 -3.50 -35.26 1.33
C THR A 496 -4.98 -34.88 1.31
N GLU A 497 -5.72 -35.38 2.29
CA GLU A 497 -7.05 -34.87 2.52
C GLU A 497 -6.94 -33.49 3.15
N LEU A 498 -8.01 -32.69 3.02
CA LEU A 498 -8.13 -31.25 3.30
C LEU A 498 -7.47 -30.46 2.17
N THR A 499 -6.83 -31.13 1.22
CA THR A 499 -6.43 -30.51 -0.03
C THR A 499 -7.47 -30.85 -1.08
N HIS A 500 -7.93 -32.11 -1.08
CA HIS A 500 -9.00 -32.51 -1.99
C HIS A 500 -10.30 -31.78 -1.68
N ALA A 501 -10.60 -31.59 -0.39
CA ALA A 501 -11.84 -30.93 -0.01
C ALA A 501 -11.86 -29.47 -0.45
N LEU A 502 -10.72 -28.78 -0.36
CA LEU A 502 -10.62 -27.39 -0.78
C LEU A 502 -10.32 -27.24 -2.26
N ASN A 503 -9.95 -28.31 -2.95
CA ASN A 503 -9.85 -28.29 -4.41
C ASN A 503 -11.16 -28.59 -5.09
N ASP A 504 -11.99 -29.45 -4.50
CA ASP A 504 -13.32 -29.72 -5.07
C ASP A 504 -14.21 -28.50 -4.99
N SER A 505 -14.07 -27.70 -3.92
CA SER A 505 -14.82 -26.45 -3.83
C SER A 505 -14.39 -25.48 -4.93
N PHE A 506 -13.10 -25.41 -5.21
CA PHE A 506 -12.62 -24.55 -6.29
C PHE A 506 -13.14 -25.01 -7.65
N LYS A 507 -13.17 -26.33 -7.87
CA LYS A 507 -13.71 -26.85 -9.13
C LYS A 507 -15.20 -26.63 -9.23
N ARG A 508 -15.93 -26.70 -8.11
CA ARG A 508 -17.36 -26.40 -8.13
C ARG A 508 -17.61 -24.93 -8.44
N ASN A 509 -16.80 -24.04 -7.87
CA ASN A 509 -16.89 -22.62 -8.16
C ASN A 509 -16.43 -22.28 -9.56
N LEU A 510 -15.58 -23.11 -10.17
CA LEU A 510 -15.13 -22.92 -11.54
C LEU A 510 -16.13 -23.39 -12.58
N SER A 511 -17.15 -24.15 -12.16
CA SER A 511 -18.14 -24.69 -13.09
C SER A 511 -19.41 -23.87 -13.15
N SER A 512 -19.48 -22.75 -12.44
CA SER A 512 -20.66 -21.90 -12.49
C SER A 512 -20.75 -21.19 -13.83
N ASN A 513 -21.94 -20.68 -14.14
CA ASN A 513 -22.14 -19.94 -15.39
C ASN A 513 -21.27 -18.71 -15.47
N VAL A 514 -21.18 -17.95 -14.37
CA VAL A 514 -20.44 -16.69 -14.36
C VAL A 514 -18.96 -16.95 -14.62
N VAL A 515 -18.42 -18.04 -14.08
CA VAL A 515 -16.98 -18.29 -14.22
C VAL A 515 -16.63 -18.77 -15.61
N GLN A 516 -17.48 -19.62 -16.21
CA GLN A 516 -17.25 -20.01 -17.60
C GLN A 516 -17.38 -18.81 -18.54
N TRP A 517 -18.37 -17.96 -18.29
CA TRP A 517 -18.53 -16.75 -19.09
C TRP A 517 -17.30 -15.86 -18.99
N SER A 518 -16.81 -15.65 -17.75
CA SER A 518 -15.59 -14.89 -17.54
C SER A 518 -14.39 -15.57 -18.20
N LEU A 519 -14.38 -16.89 -18.26
CA LEU A 519 -13.28 -17.61 -18.88
C LEU A 519 -13.19 -17.29 -20.37
N TRP A 520 -14.32 -17.37 -21.08
CA TRP A 520 -14.19 -17.10 -22.51
C TRP A 520 -14.05 -15.60 -22.78
N VAL A 521 -14.59 -14.75 -21.90
CA VAL A 521 -14.36 -13.31 -22.04
C VAL A 521 -12.88 -12.98 -21.82
N SER A 522 -12.24 -13.68 -20.88
CA SER A 522 -10.81 -13.47 -20.66
C SER A 522 -9.99 -13.98 -21.84
N CYS A 523 -10.40 -15.10 -22.44
CA CYS A 523 -9.74 -15.57 -23.65
C CYS A 523 -9.85 -14.54 -24.77
N LEU A 524 -11.06 -13.96 -24.93
CA LEU A 524 -11.25 -12.89 -25.90
C LEU A 524 -10.36 -11.69 -25.61
N ALA A 525 -10.24 -11.32 -24.32
CA ALA A 525 -9.42 -10.18 -23.95
C ALA A 525 -7.94 -10.43 -24.24
N GLN A 526 -7.46 -11.64 -23.95
CA GLN A 526 -6.08 -11.98 -24.27
C GLN A 526 -5.84 -11.97 -25.77
N GLU A 527 -6.79 -12.46 -26.55
CA GLU A 527 -6.62 -12.44 -28.00
C GLU A 527 -6.65 -11.02 -28.55
N LEU A 528 -7.48 -10.15 -27.97
CA LEU A 528 -7.50 -8.75 -28.39
C LEU A 528 -6.21 -8.03 -27.98
N ALA A 529 -5.63 -8.40 -26.84
CA ALA A 529 -4.34 -7.84 -26.45
C ALA A 529 -3.23 -8.32 -27.37
N SER A 530 -3.31 -9.58 -27.81
CA SER A 530 -2.33 -10.08 -28.78
C SER A 530 -2.54 -9.44 -30.15
N ALA A 531 -3.75 -9.00 -30.45
CA ALA A 531 -4.04 -8.37 -31.72
C ALA A 531 -3.74 -6.87 -31.74
N LEU A 532 -3.27 -6.31 -30.63
CA LEU A 532 -3.00 -4.87 -30.57
C LEU A 532 -1.86 -4.49 -31.51
N LYS A 533 -0.80 -5.30 -31.54
CA LYS A 533 0.36 -5.03 -32.39
C LYS A 533 0.26 -5.68 -33.76
N GLN A 534 -0.85 -6.34 -34.07
CA GLN A 534 -1.07 -6.91 -35.41
C GLN A 534 -1.77 -5.87 -36.27
N HIS A 535 -0.99 -4.86 -36.65
CA HIS A 535 -1.53 -3.72 -37.40
C HIS A 535 -1.97 -4.14 -38.79
N CYS A 536 -3.05 -3.53 -39.28
CA CYS A 536 -3.61 -3.83 -40.58
C CYS A 536 -3.79 -2.54 -41.37
N ARG A 537 -3.89 -2.69 -42.69
CA ARG A 537 -4.12 -1.57 -43.58
C ARG A 537 -5.61 -1.22 -43.58
N ALA A 538 -5.99 -0.29 -44.45
CA ALA A 538 -7.40 0.11 -44.54
C ALA A 538 -8.22 -1.02 -45.15
N GLY A 539 -9.36 -1.30 -44.53
CA GLY A 539 -10.22 -2.37 -45.01
C GLY A 539 -9.73 -3.77 -44.71
N GLU A 540 -8.80 -3.93 -43.79
CA GLU A 540 -8.23 -5.24 -43.45
C GLU A 540 -8.60 -5.59 -42.02
N PHE A 541 -9.20 -6.77 -41.84
CA PHE A 541 -9.63 -7.24 -40.52
C PHE A 541 -8.89 -8.53 -40.18
N ILE A 542 -9.03 -8.96 -38.93
CA ILE A 542 -8.38 -10.18 -38.43
C ILE A 542 -9.49 -11.09 -37.89
N ILE A 543 -9.64 -12.26 -38.52
CA ILE A 543 -10.46 -13.31 -37.91
C ILE A 543 -9.62 -14.10 -36.92
N LYS A 544 -10.22 -14.42 -35.77
CA LYS A 544 -9.59 -15.28 -34.78
C LYS A 544 -10.63 -16.25 -34.23
N LYS A 545 -10.15 -17.22 -33.46
CA LYS A 545 -11.03 -18.16 -32.78
C LYS A 545 -10.42 -18.50 -31.42
N LEU A 546 -11.28 -18.52 -30.40
CA LEU A 546 -10.89 -18.86 -29.05
C LEU A 546 -10.47 -20.33 -29.01
N LYS A 547 -9.47 -20.64 -28.19
CA LYS A 547 -8.87 -21.97 -28.18
C LYS A 547 -9.87 -23.04 -27.76
N PHE A 548 -10.65 -22.78 -26.73
CA PHE A 548 -11.56 -23.78 -26.18
C PHE A 548 -13.02 -23.55 -26.53
N TRP A 549 -13.35 -22.42 -27.15
CA TRP A 549 -14.76 -22.12 -27.39
C TRP A 549 -15.02 -21.87 -28.87
N PRO A 550 -16.17 -22.33 -29.40
CA PRO A 550 -16.51 -22.14 -30.81
C PRO A 550 -17.01 -20.72 -31.13
N ILE A 551 -16.21 -19.73 -30.76
CA ILE A 551 -16.54 -18.32 -30.96
C ILE A 551 -15.52 -17.70 -31.90
N TYR A 552 -16.01 -17.10 -32.98
CA TYR A 552 -15.16 -16.46 -33.98
C TYR A 552 -15.25 -14.95 -33.80
N VAL A 553 -14.10 -14.29 -33.82
CA VAL A 553 -13.99 -12.86 -33.55
C VAL A 553 -13.33 -12.18 -34.74
N ILE A 554 -13.95 -11.09 -35.21
CA ILE A 554 -13.39 -10.26 -36.26
C ILE A 554 -12.85 -9.00 -35.61
N ILE A 555 -11.56 -8.73 -35.80
CA ILE A 555 -10.86 -7.66 -35.12
C ILE A 555 -10.39 -6.64 -36.14
N LYS A 556 -10.63 -5.36 -35.83
CA LYS A 556 -10.15 -4.24 -36.63
C LYS A 556 -9.21 -3.42 -35.75
N PRO A 557 -7.91 -3.71 -35.79
CA PRO A 557 -6.96 -2.98 -34.94
C PRO A 557 -6.91 -1.50 -35.32
N THR A 558 -6.72 -0.66 -34.31
CA THR A 558 -6.60 0.78 -34.50
C THR A 558 -5.13 1.17 -34.46
N LYS A 559 -4.75 2.11 -35.33
CA LYS A 559 -3.37 2.58 -35.36
C LYS A 559 -2.98 3.22 -34.03
N SER A 560 -1.70 3.08 -33.69
CA SER A 560 -1.14 3.58 -32.42
C SER A 560 -1.88 2.97 -31.23
N SER A 561 -2.25 1.69 -31.35
CA SER A 561 -2.91 0.91 -30.29
C SER A 561 -4.20 1.61 -29.89
N SER A 562 -4.36 2.03 -28.62
CA SER A 562 -5.54 2.75 -28.12
C SER A 562 -6.76 1.84 -28.26
N HIS A 563 -7.74 2.17 -29.08
CA HIS A 563 -8.98 1.39 -29.13
C HIS A 563 -8.77 0.08 -29.90
N ILE A 564 -9.71 -0.84 -29.70
CA ILE A 564 -9.79 -2.07 -30.48
C ILE A 564 -11.26 -2.31 -30.82
N PHE A 565 -11.51 -2.78 -32.04
CA PHE A 565 -12.87 -3.06 -32.50
C PHE A 565 -13.01 -4.55 -32.75
N TYR A 566 -14.02 -5.15 -32.13
CA TYR A 566 -14.24 -6.60 -32.20
C TYR A 566 -15.71 -6.89 -32.43
N SER A 567 -15.99 -7.82 -33.33
CA SER A 567 -17.34 -8.33 -33.55
C SER A 567 -17.33 -9.84 -33.41
N LEU A 568 -18.19 -10.36 -32.54
CA LEU A 568 -18.27 -11.78 -32.27
C LEU A 568 -19.31 -12.45 -33.15
N GLY A 569 -19.12 -13.74 -33.37
CA GLY A 569 -20.07 -14.53 -34.13
C GLY A 569 -20.02 -15.98 -33.69
N ILE A 570 -21.19 -16.61 -33.65
CA ILE A 570 -21.29 -17.99 -33.23
C ILE A 570 -22.56 -18.57 -33.85
N ARG A 571 -22.52 -19.85 -34.20
CA ARG A 571 -23.70 -20.52 -34.74
C ARG A 571 -24.77 -20.64 -33.67
N LYS A 572 -26.03 -20.51 -34.09
CA LYS A 572 -27.15 -20.51 -33.15
C LYS A 572 -27.25 -21.84 -32.41
N ALA A 573 -26.85 -22.94 -33.06
CA ALA A 573 -26.88 -24.25 -32.43
C ALA A 573 -25.66 -24.46 -31.53
N ASP A 574 -24.70 -23.54 -31.60
CA ASP A 574 -23.44 -23.68 -30.87
C ASP A 574 -23.49 -23.00 -29.50
N VAL A 575 -24.60 -22.39 -29.12
CA VAL A 575 -24.78 -21.82 -27.79
C VAL A 575 -25.67 -22.78 -27.00
N THR A 576 -25.09 -23.41 -25.99
CA THR A 576 -25.81 -24.36 -25.16
C THR A 576 -26.77 -23.64 -24.22
N ARG A 577 -26.24 -22.70 -23.45
CA ARG A 577 -27.03 -21.93 -22.48
C ARG A 577 -26.70 -20.45 -22.60
N ARG A 578 -27.51 -19.63 -21.94
CA ARG A 578 -27.33 -18.19 -21.90
C ARG A 578 -27.53 -17.70 -20.47
N LEU A 579 -26.97 -16.53 -20.18
CA LEU A 579 -27.19 -15.91 -18.89
C LEU A 579 -28.53 -15.19 -18.87
N THR A 580 -29.32 -15.44 -17.83
CA THR A 580 -30.67 -14.92 -17.72
C THR A 580 -30.62 -13.52 -17.15
N GLY A 581 -30.67 -12.51 -18.02
CA GLY A 581 -30.68 -11.14 -17.59
C GLY A 581 -30.91 -10.21 -18.76
N ARG A 582 -31.41 -9.02 -18.44
CA ARG A 582 -31.66 -7.98 -19.43
C ARG A 582 -30.57 -6.92 -19.45
N VAL A 583 -29.48 -7.12 -18.71
CA VAL A 583 -28.41 -6.15 -18.66
C VAL A 583 -27.49 -6.22 -19.87
N PHE A 584 -27.56 -7.31 -20.65
CA PHE A 584 -26.65 -7.52 -21.76
C PHE A 584 -27.13 -6.76 -23.00
N SER A 585 -26.17 -6.42 -23.85
CA SER A 585 -26.48 -5.68 -25.07
C SER A 585 -27.16 -6.59 -26.09
N ASP A 586 -27.85 -5.96 -27.04
CA ASP A 586 -28.56 -6.69 -28.07
C ASP A 586 -27.57 -7.32 -29.05
N THR A 587 -27.95 -8.48 -29.58
CA THR A 587 -27.12 -9.24 -30.51
C THR A 587 -27.87 -9.42 -31.82
N ILE A 588 -27.16 -9.23 -32.93
CA ILE A 588 -27.78 -9.39 -34.24
C ILE A 588 -28.07 -10.86 -34.50
N ASP A 589 -29.31 -11.16 -34.89
CA ASP A 589 -29.72 -12.49 -35.27
C ASP A 589 -29.71 -12.61 -36.78
N ALA A 590 -28.76 -13.38 -37.31
CA ALA A 590 -28.54 -13.49 -38.76
C ALA A 590 -28.57 -14.96 -39.14
N GLY A 591 -29.78 -15.48 -39.39
CA GLY A 591 -29.95 -16.87 -39.77
C GLY A 591 -29.47 -17.84 -38.72
N GLU A 592 -28.57 -18.74 -39.13
CA GLU A 592 -27.96 -19.68 -38.19
C GLU A 592 -26.85 -19.06 -37.36
N TRP A 593 -26.42 -17.85 -37.70
CA TRP A 593 -25.31 -17.18 -37.03
C TRP A 593 -25.84 -16.05 -36.15
N GLU A 594 -25.32 -15.97 -34.93
CA GLU A 594 -25.62 -14.85 -34.04
C GLU A 594 -24.41 -13.93 -33.97
N LEU A 595 -24.63 -12.65 -34.24
CA LEU A 595 -23.55 -11.68 -34.39
C LEU A 595 -23.62 -10.63 -33.31
N THR A 596 -22.72 -9.64 -33.40
CA THR A 596 -22.59 -8.60 -32.40
C THR A 596 -22.01 -7.36 -33.06
N GLU A 597 -22.50 -6.19 -32.66
CA GLU A 597 -22.02 -4.93 -33.21
C GLU A 597 -20.54 -4.72 -32.88
N PHE A 598 -19.93 -3.76 -33.58
CA PHE A 598 -18.52 -3.45 -33.41
C PHE A 598 -18.34 -2.63 -32.14
N LYS A 599 -18.21 -3.33 -31.01
CA LYS A 599 -17.93 -2.66 -29.75
C LYS A 599 -16.46 -2.23 -29.69
N SER A 600 -16.14 -1.41 -28.69
CA SER A 600 -14.80 -0.86 -28.58
C SER A 600 -14.28 -0.99 -27.16
N LEU A 601 -13.00 -1.31 -27.03
CA LEU A 601 -12.30 -1.35 -25.76
C LEU A 601 -10.95 -0.68 -25.91
N LYS A 602 -10.54 0.06 -24.88
CA LYS A 602 -9.25 0.72 -24.90
C LYS A 602 -8.16 -0.26 -24.51
N THR A 603 -6.90 0.19 -24.54
CA THR A 603 -5.77 -0.67 -24.24
C THR A 603 -5.72 -1.07 -22.77
N CYS A 604 -6.38 -0.34 -21.89
CA CYS A 604 -6.40 -0.67 -20.47
C CYS A 604 -7.70 -1.34 -20.03
N LYS A 605 -8.71 -1.40 -20.89
CA LYS A 605 -9.94 -2.10 -20.54
C LYS A 605 -9.77 -3.61 -20.63
N LEU A 606 -8.76 -4.09 -21.37
CA LEU A 606 -8.54 -5.52 -21.48
C LEU A 606 -7.95 -6.10 -20.21
N THR A 607 -7.26 -5.29 -19.42
CA THR A 607 -6.67 -5.78 -18.17
C THR A 607 -7.74 -6.19 -17.17
N ASN A 608 -8.88 -5.50 -17.15
CA ASN A 608 -9.94 -5.85 -16.23
C ASN A 608 -10.66 -7.12 -16.65
N LEU A 609 -10.70 -7.40 -17.96
CA LEU A 609 -11.37 -8.59 -18.46
C LEU A 609 -10.48 -9.84 -18.45
N VAL A 610 -9.16 -9.67 -18.50
CA VAL A 610 -8.26 -10.81 -18.38
C VAL A 610 -8.36 -11.41 -16.98
N ASN A 611 -8.43 -10.56 -15.95
CA ASN A 611 -8.51 -11.01 -14.57
C ASN A 611 -9.92 -11.37 -14.15
N LEU A 612 -10.88 -11.38 -15.08
CA LEU A 612 -12.28 -11.63 -14.73
C LEU A 612 -12.54 -12.98 -14.08
N PRO A 613 -12.01 -14.12 -14.59
CA PRO A 613 -12.32 -15.39 -13.91
C PRO A 613 -11.80 -15.48 -12.48
N CYS A 614 -10.58 -15.02 -12.24
CA CYS A 614 -10.05 -15.01 -10.88
C CYS A 614 -10.82 -14.05 -9.99
N THR A 615 -11.23 -12.91 -10.54
CA THR A 615 -12.06 -11.96 -9.79
C THR A 615 -13.37 -12.60 -9.36
N MET A 616 -14.04 -13.29 -10.29
CA MET A 616 -15.30 -13.94 -9.95
C MET A 616 -15.11 -15.06 -8.94
N LEU A 617 -14.03 -15.85 -9.09
CA LEU A 617 -13.76 -16.93 -8.14
C LEU A 617 -13.53 -16.39 -6.74
N ASN A 618 -12.73 -15.32 -6.62
CA ASN A 618 -12.47 -14.75 -5.31
C ASN A 618 -13.72 -14.13 -4.71
N SER A 619 -14.56 -13.48 -5.54
CA SER A 619 -15.80 -12.92 -5.03
C SER A 619 -16.72 -14.02 -4.51
N ILE A 620 -16.85 -15.12 -5.26
CA ILE A 620 -17.69 -16.23 -4.83
C ILE A 620 -17.18 -16.82 -3.53
N ALA A 621 -15.88 -17.10 -3.44
CA ALA A 621 -15.33 -17.69 -2.23
C ALA A 621 -15.48 -16.75 -1.03
N PHE A 622 -15.20 -15.47 -1.21
CA PHE A 622 -15.27 -14.51 -0.11
C PHE A 622 -16.70 -14.36 0.39
N TRP A 623 -17.65 -14.13 -0.52
CA TRP A 623 -19.02 -13.92 -0.10
C TRP A 623 -19.72 -15.22 0.31
N ARG A 624 -19.15 -16.38 -0.02
CA ARG A 624 -19.60 -17.63 0.61
C ARG A 624 -19.04 -17.76 2.02
N GLU A 625 -17.82 -17.27 2.26
CA GLU A 625 -17.27 -17.30 3.62
C GLU A 625 -18.03 -16.34 4.53
N LYS A 626 -18.35 -15.14 4.05
CA LYS A 626 -18.98 -14.13 4.89
C LYS A 626 -20.41 -14.48 5.26
N LEU A 627 -21.05 -15.40 4.54
CA LEU A 627 -22.40 -15.84 4.87
C LEU A 627 -22.40 -17.10 5.73
N GLY A 628 -21.23 -17.62 6.10
CA GLY A 628 -21.15 -18.78 6.97
C GLY A 628 -21.22 -20.12 6.27
N VAL A 629 -21.34 -20.15 4.95
CA VAL A 629 -21.41 -21.41 4.21
C VAL A 629 -20.00 -21.97 4.08
N ALA A 630 -19.80 -23.19 4.58
CA ALA A 630 -18.48 -23.82 4.52
C ALA A 630 -18.15 -24.24 3.09
N PRO A 631 -16.86 -24.18 2.72
CA PRO A 631 -16.47 -24.59 1.36
C PRO A 631 -16.79 -26.05 1.04
N TRP A 632 -16.69 -26.95 2.03
CA TRP A 632 -16.89 -28.35 1.74
C TRP A 632 -18.38 -28.70 1.64
N LEU A 633 -19.25 -27.83 2.16
CA LEU A 633 -20.68 -28.03 2.00
C LEU A 633 -21.14 -27.58 0.61
N VAL A 634 -22.28 -28.11 0.19
CA VAL A 634 -22.94 -27.72 -1.06
C VAL A 634 -24.34 -27.25 -0.73
N ARG A 635 -24.67 -26.04 -1.18
CA ARG A 635 -25.98 -25.46 -0.91
C ARG A 635 -26.34 -24.49 -2.02
N LYS A 636 -27.64 -24.25 -2.21
CA LYS A 636 -28.08 -23.30 -3.21
C LYS A 636 -27.74 -21.87 -2.75
N PRO A 637 -27.39 -20.99 -3.69
CA PRO A 637 -27.09 -19.60 -3.31
C PRO A 637 -28.30 -18.90 -2.72
N CYS A 638 -28.04 -18.04 -1.74
CA CYS A 638 -29.09 -17.23 -1.12
C CYS A 638 -29.28 -15.94 -1.91
N SER A 639 -30.18 -15.09 -1.40
CA SER A 639 -30.42 -13.80 -2.05
C SER A 639 -29.22 -12.88 -1.89
N GLU A 640 -28.63 -12.83 -0.69
CA GLU A 640 -27.47 -11.98 -0.45
C GLU A 640 -26.30 -12.38 -1.34
N LEU A 641 -26.03 -13.69 -1.45
CA LEU A 641 -24.93 -14.17 -2.26
C LEU A 641 -25.08 -13.75 -3.71
N ARG A 642 -26.28 -14.00 -4.27
CA ARG A 642 -26.53 -13.65 -5.67
C ARG A 642 -26.41 -12.14 -5.89
N GLU A 643 -26.96 -11.34 -4.96
CA GLU A 643 -26.92 -9.90 -5.14
C GLU A 643 -25.49 -9.37 -5.06
N GLN A 644 -24.69 -9.87 -4.13
CA GLN A 644 -23.30 -9.39 -4.02
C GLN A 644 -22.48 -9.80 -5.24
N VAL A 645 -22.63 -11.05 -5.70
CA VAL A 645 -21.87 -11.47 -6.88
C VAL A 645 -22.33 -10.70 -8.11
N GLY A 646 -23.63 -10.43 -8.23
CA GLY A 646 -24.11 -9.65 -9.35
C GLY A 646 -23.61 -8.22 -9.34
N LEU A 647 -23.55 -7.60 -8.15
CA LEU A 647 -23.00 -6.26 -8.05
C LEU A 647 -21.53 -6.24 -8.44
N THR A 648 -20.76 -7.23 -7.98
CA THR A 648 -19.35 -7.33 -8.36
C THR A 648 -19.21 -7.53 -9.87
N PHE A 649 -20.08 -8.36 -10.45
CA PHE A 649 -20.05 -8.64 -11.88
C PHE A 649 -20.31 -7.37 -12.69
N LEU A 650 -21.36 -6.63 -12.33
CA LEU A 650 -21.72 -5.42 -13.06
C LEU A 650 -20.68 -4.32 -12.87
N ILE A 651 -20.07 -4.24 -11.68
CA ILE A 651 -18.99 -3.28 -11.48
C ILE A 651 -17.77 -3.63 -12.31
N SER A 652 -17.34 -4.90 -12.29
CA SER A 652 -16.14 -5.29 -13.02
C SER A 652 -16.30 -5.13 -14.52
N LEU A 653 -17.50 -5.40 -15.04
CA LEU A 653 -17.68 -5.33 -16.49
C LEU A 653 -17.77 -3.89 -16.99
N GLU A 654 -18.43 -3.01 -16.24
CA GLU A 654 -18.58 -1.63 -16.70
C GLU A 654 -17.24 -0.91 -16.71
N ASP A 655 -16.50 -0.98 -15.60
CA ASP A 655 -15.16 -0.39 -15.48
C ASP A 655 -15.19 1.12 -15.73
N LYS A 656 -16.02 1.82 -14.95
CA LYS A 656 -16.13 3.27 -15.05
C LYS A 656 -15.86 3.89 -13.68
N SER A 657 -15.17 5.03 -13.67
CA SER A 657 -14.76 5.65 -12.42
C SER A 657 -15.96 6.18 -11.64
N LYS A 658 -16.93 6.78 -12.33
CA LYS A 658 -18.08 7.37 -11.64
C LYS A 658 -18.91 6.30 -10.94
N THR A 659 -19.09 5.14 -11.56
CA THR A 659 -19.91 4.08 -10.97
C THR A 659 -19.38 3.65 -9.61
N GLU A 660 -18.06 3.62 -9.46
CA GLU A 660 -17.46 3.23 -8.17
C GLU A 660 -17.74 4.28 -7.10
N GLU A 661 -17.85 5.55 -7.50
CA GLU A 661 -17.92 6.63 -6.51
C GLU A 661 -19.20 6.60 -5.71
N ILE A 662 -20.28 6.02 -6.26
CA ILE A 662 -21.50 5.89 -5.47
C ILE A 662 -21.28 4.91 -4.32
N ILE A 663 -20.71 3.75 -4.61
CA ILE A 663 -20.54 2.72 -3.59
C ILE A 663 -19.36 3.07 -2.67
N THR A 664 -18.33 3.71 -3.23
CA THR A 664 -17.19 4.15 -2.44
C THR A 664 -17.63 5.13 -1.36
N LEU A 665 -18.55 6.04 -1.71
CA LEU A 665 -19.04 7.03 -0.77
C LEU A 665 -20.17 6.52 0.11
N THR A 666 -20.61 5.27 -0.06
CA THR A 666 -21.60 4.72 0.86
C THR A 666 -21.03 4.51 2.26
N ARG A 667 -19.70 4.40 2.36
CA ARG A 667 -19.06 4.24 3.66
C ARG A 667 -19.33 5.46 4.55
N TYR A 668 -19.20 6.66 3.99
CA TYR A 668 -19.34 7.88 4.77
C TYR A 668 -20.78 8.25 5.06
N THR A 669 -21.74 7.70 4.30
CA THR A 669 -23.14 7.92 4.61
C THR A 669 -23.74 6.81 5.48
N GLN A 670 -23.08 5.65 5.56
CA GLN A 670 -23.56 4.58 6.42
C GLN A 670 -22.81 4.49 7.74
N MET A 671 -21.64 5.12 7.84
CA MET A 671 -20.96 5.23 9.13
C MET A 671 -21.65 6.22 10.06
N GLU A 672 -22.47 7.11 9.51
CA GLU A 672 -23.20 8.09 10.29
C GLU A 672 -24.31 7.48 11.13
N GLY A 673 -24.65 6.21 10.89
CA GLY A 673 -25.63 5.54 11.73
C GLY A 673 -25.14 5.14 13.10
N PHE A 674 -23.84 5.28 13.35
CA PHE A 674 -23.27 5.02 14.67
C PHE A 674 -23.25 6.25 15.56
N VAL A 675 -23.74 7.39 15.07
CA VAL A 675 -23.69 8.64 15.81
C VAL A 675 -24.72 8.58 16.94
N SER A 676 -24.25 8.61 18.17
CA SER A 676 -25.11 8.53 19.34
C SER A 676 -25.80 9.87 19.60
N PRO A 677 -26.88 9.86 20.37
CA PRO A 677 -27.48 11.13 20.84
C PRO A 677 -26.50 11.87 21.73
N PRO A 678 -26.66 13.20 21.89
CA PRO A 678 -27.75 14.07 21.43
C PRO A 678 -27.72 14.42 19.95
N MET A 679 -26.63 14.11 19.26
CA MET A 679 -26.58 14.35 17.83
C MET A 679 -27.40 13.32 17.08
N LEU A 680 -28.02 13.75 16.02
CA LEU A 680 -28.75 12.90 15.11
C LEU A 680 -27.88 12.52 13.92
N PRO A 681 -28.11 11.35 13.31
CA PRO A 681 -27.41 11.04 12.07
C PRO A 681 -27.75 12.04 10.98
N LYS A 682 -26.72 12.48 10.25
CA LYS A 682 -26.85 13.44 9.17
C LYS A 682 -26.22 12.86 7.92
N PRO A 683 -26.86 11.86 7.30
CA PRO A 683 -26.27 11.26 6.09
C PRO A 683 -26.39 12.13 4.85
N GLN A 684 -27.09 13.26 4.93
CA GLN A 684 -27.29 14.13 3.77
C GLN A 684 -26.13 15.08 3.53
N LYS A 685 -25.02 14.91 4.23
CA LYS A 685 -23.81 15.67 3.93
C LYS A 685 -23.19 15.20 2.61
N MET A 686 -23.49 13.97 2.20
CA MET A 686 -22.84 13.37 1.04
C MET A 686 -23.41 13.91 -0.26
N LEU A 687 -24.53 14.63 -0.19
CA LEU A 687 -25.24 15.08 -1.38
C LEU A 687 -24.43 16.08 -2.19
N GLY A 688 -23.46 16.75 -1.55
CA GLY A 688 -22.60 17.65 -2.28
C GLY A 688 -21.70 16.94 -3.28
N LYS A 689 -21.34 15.69 -2.98
CA LYS A 689 -20.47 14.89 -3.83
C LYS A 689 -21.25 13.99 -4.79
N LEU A 690 -22.59 14.06 -4.78
CA LEU A 690 -23.41 13.27 -5.68
C LEU A 690 -23.99 14.11 -6.82
N ASP A 691 -23.35 15.23 -7.14
CA ASP A 691 -23.81 16.13 -8.19
C ASP A 691 -23.32 15.72 -9.57
N GLY A 692 -22.53 14.65 -9.68
CA GLY A 692 -21.97 14.23 -10.93
C GLY A 692 -23.00 13.78 -11.94
N PRO A 693 -22.75 14.06 -13.23
CA PRO A 693 -23.68 13.63 -14.28
C PRO A 693 -23.82 12.13 -14.38
N LEU A 694 -25.04 11.65 -14.64
CA LEU A 694 -25.32 10.23 -14.79
C LEU A 694 -25.26 9.86 -16.26
N ARG A 695 -24.34 8.95 -16.61
CA ARG A 695 -24.15 8.55 -18.00
C ARG A 695 -24.37 7.08 -18.25
N THR A 696 -24.81 6.32 -17.26
CA THR A 696 -25.07 4.89 -17.42
C THR A 696 -26.23 4.51 -16.51
N LYS A 697 -27.03 3.55 -16.97
CA LYS A 697 -28.17 3.07 -16.20
C LYS A 697 -27.78 2.45 -14.86
N LEU A 698 -26.62 1.79 -14.79
CA LEU A 698 -26.16 1.27 -13.50
C LEU A 698 -25.82 2.40 -12.55
N GLN A 699 -25.28 3.51 -13.05
CA GLN A 699 -25.07 4.68 -12.21
C GLN A 699 -26.39 5.21 -11.68
N VAL A 700 -27.44 5.22 -12.51
CA VAL A 700 -28.76 5.67 -12.07
C VAL A 700 -29.28 4.75 -10.97
N TYR A 701 -29.16 3.44 -11.16
CA TYR A 701 -29.63 2.49 -10.15
C TYR A 701 -28.87 2.64 -8.85
N LEU A 702 -27.54 2.80 -8.92
CA LEU A 702 -26.74 2.95 -7.71
C LEU A 702 -27.06 4.25 -7.00
N LEU A 703 -27.31 5.32 -7.75
CA LEU A 703 -27.68 6.58 -7.11
C LEU A 703 -29.05 6.48 -6.44
N ARG A 704 -30.01 5.80 -7.09
CA ARG A 704 -31.32 5.62 -6.47
C ARG A 704 -31.24 4.78 -5.20
N LYS A 705 -30.43 3.72 -5.22
CA LYS A 705 -30.25 2.91 -4.03
C LYS A 705 -29.42 3.61 -2.96
N HIS A 706 -28.59 4.58 -3.37
CA HIS A 706 -27.78 5.32 -2.41
C HIS A 706 -28.63 6.30 -1.61
N LEU A 707 -29.55 6.98 -2.29
CA LEU A 707 -30.40 7.95 -1.61
C LEU A 707 -31.42 7.28 -0.69
N ASP A 708 -31.84 6.06 -1.03
CA ASP A 708 -32.72 5.31 -0.12
C ASP A 708 -31.98 4.89 1.14
N CYS A 709 -30.69 4.57 1.02
CA CYS A 709 -29.87 4.33 2.21
C CYS A 709 -29.71 5.60 3.05
N MET A 710 -29.77 6.77 2.40
CA MET A 710 -29.65 8.02 3.13
C MET A 710 -30.88 8.30 3.98
N VAL A 711 -32.06 7.90 3.52
CA VAL A 711 -33.27 8.12 4.31
C VAL A 711 -33.29 7.21 5.53
N ARG A 712 -32.85 5.95 5.37
CA ARG A 712 -32.89 5.00 6.47
C ARG A 712 -31.94 5.39 7.59
N ILE A 713 -30.75 5.86 7.26
CA ILE A 713 -29.78 6.25 8.28
C ILE A 713 -30.27 7.46 9.06
N ALA A 714 -30.84 8.44 8.35
CA ALA A 714 -31.42 9.60 9.02
C ALA A 714 -32.64 9.21 9.85
N SER A 715 -33.39 8.20 9.39
CA SER A 715 -34.59 7.78 10.10
C SER A 715 -34.24 7.06 11.39
N GLN A 716 -33.29 6.12 11.34
CA GLN A 716 -32.98 5.27 12.47
C GLN A 716 -31.49 4.97 12.50
N PRO A 717 -30.84 5.12 13.66
CA PRO A 717 -29.44 4.72 13.79
C PRO A 717 -29.31 3.29 14.28
N PHE A 718 -28.09 2.76 14.15
CA PHE A 718 -27.81 1.42 14.65
C PHE A 718 -27.82 1.42 16.17
N SER A 719 -28.73 0.65 16.75
CA SER A 719 -28.83 0.56 18.20
C SER A 719 -27.62 -0.16 18.78
N LEU A 720 -27.24 0.25 19.99
CA LEU A 720 -26.04 -0.31 20.61
C LEU A 720 -26.22 -1.78 20.96
N ILE A 721 -27.32 -2.12 21.61
CA ILE A 721 -27.67 -3.48 22.06
C ILE A 721 -26.51 -4.06 22.86
N PRO A 722 -26.30 -3.63 24.11
CA PRO A 722 -25.28 -4.29 24.94
C PRO A 722 -25.79 -5.59 25.54
N ARG A 723 -25.25 -6.73 25.09
CA ARG A 723 -25.72 -8.01 25.60
C ARG A 723 -24.91 -8.50 26.80
N GLU A 724 -23.59 -8.63 26.67
CA GLU A 724 -22.75 -9.06 27.79
C GLU A 724 -21.31 -8.63 27.51
N GLY A 725 -20.80 -7.71 28.34
CA GLY A 725 -19.42 -7.29 28.29
C GLY A 725 -18.97 -6.67 26.98
N ARG A 726 -19.92 -6.30 26.12
CA ARG A 726 -19.61 -5.80 24.80
C ARG A 726 -20.85 -5.13 24.24
N VAL A 727 -20.66 -4.43 23.12
CA VAL A 727 -21.74 -3.79 22.38
C VAL A 727 -21.76 -4.38 20.98
N GLU A 728 -22.96 -4.78 20.52
CA GLU A 728 -23.13 -5.37 19.21
C GLU A 728 -24.25 -4.63 18.48
N TRP A 729 -23.87 -3.84 17.49
CA TRP A 729 -24.81 -2.95 16.82
C TRP A 729 -25.80 -3.76 15.98
N GLY A 730 -27.07 -3.36 16.07
CA GLY A 730 -28.13 -4.02 15.33
C GLY A 730 -28.79 -3.04 14.38
N GLY A 731 -29.28 -3.59 13.27
CA GLY A 731 -29.85 -2.79 12.21
C GLY A 731 -28.93 -2.56 11.04
N THR A 732 -27.74 -3.17 11.04
CA THR A 732 -26.82 -3.02 9.92
C THR A 732 -27.43 -3.65 8.66
N PHE A 733 -27.16 -3.03 7.52
CA PHE A 733 -27.80 -3.42 6.27
C PHE A 733 -26.91 -3.02 5.11
N HIS A 734 -26.99 -3.81 4.04
CA HIS A 734 -26.19 -3.54 2.85
C HIS A 734 -26.62 -2.20 2.22
N ALA A 735 -25.62 -1.41 1.83
CA ALA A 735 -25.90 -0.05 1.35
C ALA A 735 -26.72 -0.06 0.07
N ILE A 736 -26.29 -0.83 -0.92
CA ILE A 736 -27.00 -0.87 -2.21
C ILE A 736 -28.11 -1.90 -2.20
N SER A 737 -27.84 -3.10 -1.67
CA SER A 737 -28.85 -4.15 -1.64
C SER A 737 -30.03 -3.77 -0.76
N GLY A 738 -29.77 -3.16 0.40
CA GLY A 738 -30.81 -2.82 1.34
C GLY A 738 -31.24 -3.96 2.24
N ARG A 739 -30.64 -5.14 2.10
CA ARG A 739 -31.01 -6.29 2.91
C ARG A 739 -30.22 -6.31 4.20
N SER A 740 -30.86 -6.76 5.27
CA SER A 740 -30.23 -6.78 6.59
C SER A 740 -29.08 -7.78 6.61
N THR A 741 -28.03 -7.45 7.35
CA THR A 741 -26.84 -8.29 7.47
C THR A 741 -26.09 -7.87 8.73
N ASN A 742 -24.95 -8.52 8.98
CA ASN A 742 -24.17 -8.25 10.17
C ASN A 742 -23.22 -7.07 9.91
N LEU A 743 -22.31 -6.82 10.85
CA LEU A 743 -21.48 -5.63 10.78
C LEU A 743 -20.37 -5.76 9.74
N GLU A 744 -19.73 -6.92 9.67
CA GLU A 744 -18.60 -7.09 8.76
C GLU A 744 -19.05 -7.05 7.30
N ASN A 745 -20.21 -7.64 7.00
CA ASN A 745 -20.74 -7.58 5.65
C ASN A 745 -21.07 -6.14 5.25
N MET A 746 -21.64 -5.37 6.17
CA MET A 746 -21.91 -3.96 5.90
C MET A 746 -20.63 -3.18 5.68
N VAL A 747 -19.59 -3.45 6.47
CA VAL A 747 -18.31 -2.78 6.28
C VAL A 747 -17.67 -3.21 4.96
N ASN A 748 -17.71 -4.51 4.65
CA ASN A 748 -17.07 -5.02 3.44
C ASN A 748 -17.79 -4.58 2.17
N SER A 749 -19.10 -4.30 2.25
CA SER A 749 -19.84 -3.85 1.08
C SER A 749 -19.37 -2.49 0.60
N TRP A 750 -18.77 -1.68 1.48
CA TRP A 750 -18.27 -0.36 1.10
C TRP A 750 -17.05 -0.41 0.20
N TYR A 751 -16.41 -1.58 0.07
CA TYR A 751 -15.20 -1.73 -0.73
C TYR A 751 -15.43 -2.60 -1.95
N ILE A 752 -16.69 -2.78 -2.36
CA ILE A 752 -17.00 -3.50 -3.59
C ILE A 752 -16.49 -2.71 -4.79
N GLY A 753 -16.55 -1.37 -4.71
CA GLY A 753 -16.11 -0.51 -5.80
C GLY A 753 -14.63 -0.60 -6.12
N TYR A 754 -13.82 -1.20 -5.24
CA TYR A 754 -12.40 -1.39 -5.50
C TYR A 754 -12.13 -2.53 -6.47
N TYR A 755 -13.16 -3.11 -7.09
CA TYR A 755 -12.96 -4.12 -8.12
C TYR A 755 -12.58 -3.52 -9.46
N LYS A 756 -12.69 -2.20 -9.61
CA LYS A 756 -12.23 -1.52 -10.82
C LYS A 756 -10.71 -1.58 -10.92
N ASN A 757 -10.21 -1.67 -12.14
CA ASN A 757 -8.77 -1.64 -12.38
C ASN A 757 -8.19 -0.30 -11.91
N LYS A 758 -6.98 -0.38 -11.36
CA LYS A 758 -6.35 0.80 -10.76
C LYS A 758 -6.08 1.89 -11.79
N GLU A 759 -5.46 1.54 -12.91
CA GLU A 759 -5.09 2.49 -13.95
C GLU A 759 -6.11 2.40 -15.08
N GLU A 760 -6.85 3.49 -15.31
CA GLU A 760 -7.80 3.55 -16.41
C GLU A 760 -7.20 4.19 -17.65
N SER A 761 -6.84 5.48 -17.57
CA SER A 761 -6.20 6.22 -18.65
C SER A 761 -5.83 7.62 -18.20
N THR A 762 -5.08 8.35 -19.04
CA THR A 762 -4.80 9.77 -18.83
C THR A 762 -5.12 10.47 -20.16
N GLU A 763 -6.41 10.78 -20.36
CA GLU A 763 -6.82 11.45 -21.58
C GLU A 763 -6.91 12.96 -21.37
N LEU A 764 -6.95 13.69 -22.48
CA LEU A 764 -6.88 15.15 -22.44
C LEU A 764 -8.20 15.76 -21.96
N ASN A 765 -9.25 14.96 -21.88
CA ASN A 765 -10.53 15.41 -21.34
C ASN A 765 -10.59 15.32 -19.82
N ALA A 766 -10.15 14.21 -19.25
CA ALA A 766 -10.13 14.08 -17.78
C ALA A 766 -8.93 14.77 -17.16
N LEU A 767 -7.93 15.16 -17.96
CA LEU A 767 -6.79 15.88 -17.42
C LEU A 767 -7.11 17.33 -17.11
N GLY A 768 -8.19 17.87 -17.69
CA GLY A 768 -8.52 19.27 -17.47
C GLY A 768 -8.95 19.57 -16.04
N GLU A 769 -9.66 18.65 -15.40
CA GLU A 769 -10.16 18.88 -14.05
C GLU A 769 -9.05 18.88 -13.01
N MET A 770 -7.86 18.38 -13.33
CA MET A 770 -6.73 18.49 -12.43
C MET A 770 -6.35 19.95 -12.21
N TYR A 771 -6.19 20.70 -13.29
CA TYR A 771 -5.89 22.13 -13.18
C TYR A 771 -7.02 22.90 -12.51
N LYS A 772 -8.26 22.42 -12.62
CA LYS A 772 -9.34 23.04 -11.87
C LYS A 772 -9.12 22.88 -10.37
N LYS A 773 -8.66 21.71 -9.94
CA LYS A 773 -8.30 21.51 -8.54
C LYS A 773 -7.14 22.40 -8.14
N ILE A 774 -6.12 22.51 -9.01
CA ILE A 774 -4.95 23.31 -8.68
C ILE A 774 -5.29 24.79 -8.53
N VAL A 775 -6.17 25.32 -9.37
CA VAL A 775 -6.32 26.76 -9.54
C VAL A 775 -7.38 27.35 -8.62
N GLU A 776 -8.49 26.64 -8.41
CA GLU A 776 -9.62 27.23 -7.69
C GLU A 776 -9.26 27.58 -6.26
N MET A 777 -8.32 26.84 -5.67
CA MET A 777 -7.84 27.19 -4.33
C MET A 777 -6.87 28.37 -4.39
N GLU A 778 -6.12 28.49 -5.50
CA GLU A 778 -5.21 29.61 -5.66
C GLU A 778 -5.96 30.93 -5.80
N GLU A 779 -7.12 30.91 -6.47
CA GLU A 779 -7.90 32.14 -6.64
C GLU A 779 -8.48 32.64 -5.33
N ASP A 780 -8.54 31.80 -4.30
CA ASP A 780 -9.04 32.20 -2.99
C ASP A 780 -7.96 32.76 -2.09
N LYS A 781 -6.81 33.13 -2.65
CA LYS A 781 -5.74 33.70 -1.85
C LYS A 781 -6.17 35.03 -1.26
N PRO A 782 -5.90 35.29 0.03
CA PRO A 782 -6.24 36.58 0.61
C PRO A 782 -5.47 37.72 -0.03
N SER A 783 -6.11 38.89 -0.08
CA SER A 783 -5.50 40.05 -0.72
C SER A 783 -4.29 40.54 0.06
N SER A 784 -4.39 40.57 1.39
CA SER A 784 -3.29 41.08 2.20
C SER A 784 -2.57 39.94 2.93
N PRO A 785 -1.26 40.04 3.10
CA PRO A 785 -0.53 39.02 3.85
C PRO A 785 -0.54 39.27 5.35
N GLU A 786 -1.44 40.15 5.81
CA GLU A 786 -1.50 40.48 7.22
C GLU A 786 -1.85 39.27 8.07
N PHE A 787 -2.77 38.43 7.59
CA PHE A 787 -3.23 37.28 8.35
C PHE A 787 -2.49 36.00 7.97
N LEU A 788 -1.44 36.13 7.16
CA LEU A 788 -0.63 34.99 6.74
C LEU A 788 0.55 34.75 7.68
N GLY A 789 0.26 34.65 8.98
CA GLY A 789 1.28 34.38 9.97
C GLY A 789 1.80 35.60 10.71
N TRP A 790 1.27 36.79 10.44
CA TRP A 790 1.74 38.00 11.09
C TRP A 790 0.91 38.38 12.32
N GLY A 791 -0.32 37.92 12.41
CA GLY A 791 -1.18 38.32 13.51
C GLY A 791 -2.32 37.35 13.74
N ASP A 792 -3.28 37.82 14.54
CA ASP A 792 -4.45 37.04 14.95
C ASP A 792 -5.70 37.60 14.28
N THR A 793 -6.63 36.71 13.94
CA THR A 793 -7.77 37.09 13.13
C THR A 793 -9.13 36.87 13.79
N ASP A 794 -9.27 35.77 14.56
CA ASP A 794 -10.47 35.41 15.32
C ASP A 794 -11.58 34.95 14.39
N SER A 795 -11.39 35.12 13.07
CA SER A 795 -12.36 34.69 12.06
C SER A 795 -11.63 34.55 10.73
N PRO A 796 -10.82 33.51 10.59
CA PRO A 796 -9.97 33.38 9.39
C PRO A 796 -10.79 33.02 8.16
N LYS A 797 -10.48 33.66 7.04
CA LYS A 797 -10.97 33.21 5.76
C LYS A 797 -10.13 32.01 5.29
N LYS A 798 -10.42 31.56 4.06
CA LYS A 798 -9.63 30.48 3.49
C LYS A 798 -8.18 30.93 3.26
N HIS A 799 -7.25 29.98 3.44
CA HIS A 799 -5.79 30.14 3.32
C HIS A 799 -5.20 30.92 4.48
N GLU A 800 -5.97 31.22 5.52
CA GLU A 800 -5.50 32.03 6.63
C GLU A 800 -5.51 31.23 7.92
N PHE A 801 -4.60 31.59 8.83
CA PHE A 801 -4.50 30.94 10.13
C PHE A 801 -4.14 31.99 11.18
N SER A 802 -4.10 31.55 12.44
CA SER A 802 -3.79 32.42 13.57
C SER A 802 -2.40 32.08 14.10
N ARG A 803 -1.56 33.10 14.25
CA ARG A 803 -0.20 32.88 14.75
C ARG A 803 -0.20 32.44 16.21
N SER A 804 -1.03 33.08 17.04
CA SER A 804 -1.04 32.76 18.47
C SER A 804 -1.52 31.33 18.72
N PHE A 805 -2.52 30.89 17.95
CA PHE A 805 -2.99 29.52 18.09
C PHE A 805 -1.90 28.53 17.67
N LEU A 806 -1.16 28.86 16.61
CA LEU A 806 -0.04 28.02 16.19
C LEU A 806 1.03 27.93 17.27
N ARG A 807 1.34 29.07 17.91
CA ARG A 807 2.31 29.05 19.00
C ARG A 807 1.81 28.22 20.18
N ALA A 808 0.51 28.33 20.49
CA ALA A 808 -0.06 27.53 21.57
C ALA A 808 -0.01 26.04 21.26
N ALA A 809 -0.21 25.67 20.00
CA ALA A 809 -0.11 24.26 19.62
C ALA A 809 1.33 23.77 19.68
N CYS A 810 2.28 24.58 19.19
CA CYS A 810 3.68 24.18 19.24
C CYS A 810 4.18 24.05 20.68
N SER A 811 3.77 24.96 21.56
CA SER A 811 4.16 24.86 22.96
C SER A 811 3.59 23.61 23.61
N SER A 812 2.35 23.26 23.30
CA SER A 812 1.74 22.06 23.84
C SER A 812 2.46 20.80 23.35
N LEU A 813 2.81 20.76 22.07
CA LEU A 813 3.56 19.62 21.56
C LEU A 813 4.95 19.54 22.17
N GLU A 814 5.59 20.69 22.39
CA GLU A 814 6.90 20.70 23.04
C GLU A 814 6.81 20.16 24.45
N ARG A 815 5.78 20.57 25.21
CA ARG A 815 5.59 20.05 26.55
C ARG A 815 5.33 18.55 26.54
N GLU A 816 4.51 18.07 25.60
CA GLU A 816 4.21 16.64 25.56
C GLU A 816 5.41 15.82 25.12
N ILE A 817 6.27 16.37 24.26
CA ILE A 817 7.50 15.68 23.89
C ILE A 817 8.47 15.65 25.07
N ALA A 818 8.59 16.77 25.80
CA ALA A 818 9.49 16.80 26.94
C ALA A 818 8.99 15.93 28.08
N GLN A 819 7.68 15.65 28.11
CA GLN A 819 7.13 14.77 29.14
C GLN A 819 7.72 13.37 29.06
N ARG A 820 7.74 12.78 27.87
CA ARG A 820 8.23 11.41 27.74
C ARG A 820 9.73 11.37 27.45
N HIS A 821 10.23 12.31 26.67
CA HIS A 821 11.61 12.30 26.22
C HIS A 821 12.56 13.05 27.15
N GLY A 822 12.03 13.70 28.19
CA GLY A 822 12.86 14.45 29.11
C GLY A 822 13.33 15.76 28.52
N ARG A 823 14.02 16.53 29.35
CA ARG A 823 14.62 17.79 28.91
C ARG A 823 15.85 17.49 28.05
N GLN A 824 16.40 18.55 27.44
CA GLN A 824 17.50 18.43 26.48
C GLN A 824 17.16 17.50 25.32
N TRP A 825 15.88 17.47 24.94
CA TRP A 825 15.48 16.69 23.77
C TRP A 825 15.98 17.33 22.48
N LYS A 826 16.26 18.63 22.52
CA LYS A 826 16.84 19.30 21.34
C LYS A 826 18.26 18.82 21.07
N GLN A 827 19.00 18.45 22.12
CA GLN A 827 20.36 17.98 21.92
C GLN A 827 20.39 16.65 21.20
N ASN A 828 19.59 15.69 21.65
CA ASN A 828 19.53 14.39 20.98
C ASN A 828 19.01 14.51 19.56
N LEU A 829 18.00 15.36 19.34
CA LEU A 829 17.49 15.59 18.00
C LEU A 829 18.56 16.20 17.10
N GLU A 830 19.32 17.16 17.64
CA GLU A 830 20.41 17.77 16.89
C GLU A 830 21.47 16.74 16.49
N GLU A 831 21.87 15.91 17.45
CA GLU A 831 22.87 14.88 17.15
C GLU A 831 22.37 13.89 16.12
N ARG A 832 21.11 13.46 16.24
CA ARG A 832 20.55 12.51 15.29
C ARG A 832 20.46 13.12 13.89
N VAL A 833 20.04 14.39 13.80
CA VAL A 833 19.92 15.05 12.51
C VAL A 833 21.29 15.19 11.85
N LEU A 834 22.28 15.66 12.60
CA LEU A 834 23.63 15.82 12.05
C LEU A 834 24.20 14.48 11.61
N ARG A 835 23.98 13.44 12.42
CA ARG A 835 24.49 12.11 12.09
C ARG A 835 23.85 11.57 10.82
N GLU A 836 22.53 11.70 10.69
CA GLU A 836 21.83 11.13 9.54
C GLU A 836 22.03 11.95 8.27
N ILE A 837 22.37 13.24 8.39
CA ILE A 837 22.74 14.02 7.22
C ILE A 837 24.18 13.81 6.79
N GLY A 838 25.13 13.68 7.71
CA GLY A 838 26.52 13.51 7.31
C GLY A 838 26.85 12.14 6.76
N THR A 839 26.18 11.09 7.25
CA THR A 839 26.53 9.73 6.84
C THR A 839 26.15 9.46 5.39
N LYS A 840 25.05 10.06 4.93
CA LYS A 840 24.50 9.67 3.63
C LYS A 840 25.33 10.23 2.49
N ASN A 841 25.52 9.41 1.47
CA ASN A 841 26.27 9.78 0.28
C ASN A 841 25.32 10.08 -0.88
N ILE A 842 25.87 10.65 -1.96
CA ILE A 842 25.04 11.10 -3.07
C ILE A 842 24.45 9.91 -3.82
N LEU A 843 25.13 8.76 -3.79
CA LEU A 843 24.65 7.61 -4.57
C LEU A 843 23.50 6.90 -3.86
N ASP A 844 23.29 7.20 -2.58
CA ASP A 844 22.15 6.62 -1.87
C ASP A 844 20.84 7.12 -2.46
N LEU A 845 20.78 8.41 -2.77
CA LEU A 845 19.60 8.97 -3.42
C LEU A 845 19.47 8.55 -4.88
N ALA A 846 20.53 8.00 -5.46
CA ALA A 846 20.55 7.66 -6.87
C ALA A 846 19.70 6.44 -7.17
N SER A 847 18.39 6.63 -7.33
CA SER A 847 17.48 5.58 -7.76
C SER A 847 16.44 6.19 -8.68
N MET A 848 16.14 5.50 -9.78
CA MET A 848 15.21 6.03 -10.77
C MET A 848 13.77 5.95 -10.26
N LYS A 849 13.17 7.11 -9.98
CA LYS A 849 11.72 7.18 -9.84
C LYS A 849 11.09 8.07 -10.90
N ALA A 850 11.48 9.34 -10.96
CA ALA A 850 11.19 10.29 -12.04
C ALA A 850 11.84 11.62 -11.68
N THR A 851 12.07 12.45 -12.70
CA THR A 851 12.50 13.84 -12.54
C THR A 851 11.70 14.69 -13.52
N SER A 852 12.11 15.94 -13.66
CA SER A 852 11.47 16.87 -14.59
C SER A 852 12.53 17.69 -15.30
N ASN A 853 12.42 17.74 -16.63
CA ASN A 853 13.32 18.54 -17.44
C ASN A 853 12.74 19.90 -17.81
N PHE A 854 11.57 20.25 -17.27
CA PHE A 854 10.99 21.57 -17.49
C PHE A 854 11.94 22.66 -16.99
N SER A 855 12.17 23.67 -17.83
CA SER A 855 13.12 24.72 -17.52
C SER A 855 12.65 26.01 -18.19
N LYS A 856 13.55 27.00 -18.25
CA LYS A 856 13.23 28.27 -18.87
C LYS A 856 13.01 28.13 -20.37
N ASP A 857 13.73 27.21 -21.01
CA ASP A 857 13.59 27.01 -22.45
C ASP A 857 12.22 26.45 -22.83
N TRP A 858 11.50 25.87 -21.87
CA TRP A 858 10.21 25.25 -22.15
C TRP A 858 9.04 26.15 -21.75
N GLU A 859 9.31 27.41 -21.43
CA GLU A 859 8.29 28.33 -20.95
C GLU A 859 7.51 29.02 -22.07
N LEU A 860 7.95 28.90 -23.32
CA LEU A 860 7.28 29.51 -24.45
C LEU A 860 6.75 28.42 -25.36
N TYR A 861 5.46 28.52 -25.73
CA TYR A 861 4.84 27.47 -26.52
C TYR A 861 5.31 27.47 -27.97
N SER A 862 5.82 28.59 -28.48
CA SER A 862 6.23 28.67 -29.87
C SER A 862 7.42 27.77 -30.15
N GLU A 863 8.40 27.75 -29.25
CA GLU A 863 9.64 27.03 -29.49
C GLU A 863 9.56 25.54 -29.16
N VAL A 864 8.47 25.09 -28.53
CA VAL A 864 8.36 23.71 -28.06
C VAL A 864 7.41 22.89 -28.92
N GLN A 865 6.67 23.53 -29.82
CA GLN A 865 5.67 22.81 -30.62
C GLN A 865 6.31 21.71 -31.46
N THR A 866 7.54 21.92 -31.92
CA THR A 866 8.23 20.87 -32.67
C THR A 866 8.72 19.76 -31.76
N LYS A 867 9.27 20.10 -30.60
CA LYS A 867 9.87 19.10 -29.72
C LYS A 867 8.82 18.36 -28.91
N GLU A 868 9.24 17.24 -28.33
CA GLU A 868 8.41 16.43 -27.46
C GLU A 868 9.07 16.33 -26.08
N TYR A 869 8.25 16.44 -25.03
CA TYR A 869 8.74 16.46 -23.66
C TYR A 869 8.83 15.04 -23.11
N HIS A 870 10.04 14.63 -22.72
CA HIS A 870 10.26 13.39 -22.00
C HIS A 870 11.13 13.68 -20.79
N ARG A 871 10.82 13.02 -19.69
CA ARG A 871 11.42 13.31 -18.40
C ARG A 871 12.41 12.21 -18.03
N SER A 872 13.57 12.62 -17.53
CA SER A 872 14.65 11.69 -17.22
C SER A 872 14.52 11.15 -15.80
N LYS A 873 15.42 10.23 -15.46
CA LYS A 873 15.48 9.64 -14.14
C LYS A 873 16.54 10.32 -13.29
N LEU A 874 16.44 10.13 -11.98
CA LEU A 874 17.35 10.79 -11.06
C LEU A 874 18.78 10.25 -11.17
N LEU A 875 18.93 9.02 -11.67
CA LEU A 875 20.26 8.42 -11.76
C LEU A 875 21.16 9.18 -12.73
N GLU A 876 20.59 9.71 -13.82
CA GLU A 876 21.40 10.50 -14.75
C GLU A 876 21.96 11.75 -14.08
N LYS A 877 21.11 12.49 -13.34
CA LYS A 877 21.58 13.70 -12.68
C LYS A 877 22.58 13.37 -11.57
N MET A 878 22.34 12.28 -10.83
CA MET A 878 23.29 11.88 -9.80
C MET A 878 24.63 11.50 -10.41
N ALA A 879 24.62 10.80 -11.54
CA ALA A 879 25.86 10.44 -12.21
C ALA A 879 26.59 11.67 -12.73
N THR A 880 25.83 12.66 -13.23
CA THR A 880 26.45 13.92 -13.64
C THR A 880 27.12 14.62 -12.46
N LEU A 881 26.44 14.63 -11.30
CA LEU A 881 27.03 15.22 -10.10
C LEU A 881 28.29 14.48 -9.67
N ILE A 882 28.27 13.15 -9.71
CA ILE A 882 29.44 12.35 -9.31
C ILE A 882 30.60 12.61 -10.28
N GLU A 883 30.31 12.67 -11.57
CA GLU A 883 31.34 12.98 -12.56
C GLU A 883 31.90 14.39 -12.35
N LYS A 884 31.07 15.31 -11.84
CA LYS A 884 31.57 16.63 -11.49
C LYS A 884 32.61 16.54 -10.38
N GLY A 885 32.38 15.67 -9.39
CA GLY A 885 33.37 15.45 -8.35
C GLY A 885 32.80 15.22 -6.96
N VAL A 886 31.54 15.58 -6.75
CA VAL A 886 30.92 15.45 -5.44
C VAL A 886 30.51 14.00 -5.20
N MET A 887 30.83 13.50 -4.00
CA MET A 887 30.45 12.16 -3.60
C MET A 887 29.64 12.10 -2.32
N TRP A 888 29.68 13.15 -1.50
CA TRP A 888 28.92 13.23 -0.26
C TRP A 888 27.70 14.13 -0.45
N TYR A 889 26.59 13.73 0.16
CA TYR A 889 25.37 14.53 0.07
C TYR A 889 25.53 15.89 0.74
N ILE A 890 26.41 15.98 1.75
CA ILE A 890 26.61 17.24 2.45
C ILE A 890 27.31 18.26 1.57
N ASP A 891 28.20 17.81 0.67
CA ASP A 891 28.83 18.72 -0.29
C ASP A 891 27.87 19.16 -1.37
N ALA A 892 26.76 18.45 -1.55
CA ALA A 892 25.67 18.87 -2.41
C ALA A 892 24.80 19.90 -1.67
N VAL A 893 23.57 20.11 -2.18
CA VAL A 893 22.55 20.97 -1.58
C VAL A 893 22.88 22.44 -1.81
N GLY A 894 24.14 22.84 -1.59
CA GLY A 894 24.53 24.21 -1.86
C GLY A 894 24.36 24.58 -3.33
N GLN A 895 24.84 23.73 -4.23
CA GLN A 895 24.69 23.97 -5.65
C GLN A 895 23.22 23.92 -6.06
N ALA A 896 22.47 22.98 -5.50
CA ALA A 896 21.05 22.89 -5.83
C ALA A 896 20.28 24.12 -5.40
N TRP A 897 20.55 24.62 -4.19
CA TRP A 897 19.89 25.84 -3.72
C TRP A 897 20.31 27.05 -4.52
N LYS A 898 21.59 27.12 -4.92
CA LYS A 898 22.03 28.21 -5.78
C LYS A 898 21.29 28.18 -7.11
N ALA A 899 21.13 26.99 -7.70
CA ALA A 899 20.42 26.87 -8.96
C ALA A 899 18.95 27.25 -8.82
N VAL A 900 18.30 26.81 -7.74
CA VAL A 900 16.89 27.15 -7.52
C VAL A 900 16.73 28.65 -7.31
N LEU A 901 17.61 29.26 -6.52
CA LEU A 901 17.52 30.70 -6.27
C LEU A 901 17.77 31.49 -7.55
N ASP A 902 18.72 31.05 -8.39
CA ASP A 902 18.94 31.71 -9.68
C ASP A 902 17.73 31.55 -10.58
N ASP A 903 17.12 30.36 -10.60
CA ASP A 903 15.88 30.18 -11.36
C ASP A 903 14.74 30.96 -10.72
N GLY A 904 14.70 31.01 -9.40
CA GLY A 904 13.72 31.80 -8.69
C GLY A 904 12.38 31.14 -8.48
N CYS A 905 12.23 29.85 -8.82
CA CYS A 905 10.95 29.17 -8.68
C CYS A 905 11.21 27.67 -8.62
N MET A 906 10.14 26.89 -8.70
CA MET A 906 10.22 25.43 -8.76
C MET A 906 9.70 24.95 -10.11
N ARG A 907 10.40 23.98 -10.69
CA ARG A 907 10.04 23.42 -11.98
C ARG A 907 9.41 22.05 -11.75
N ILE A 908 8.10 21.95 -11.96
CA ILE A 908 7.32 20.77 -11.61
C ILE A 908 6.52 20.34 -12.83
N CYS A 909 6.50 19.04 -13.10
CA CYS A 909 5.62 18.46 -14.11
C CYS A 909 4.54 17.64 -13.40
N LEU A 910 3.55 17.17 -14.16
CA LEU A 910 2.35 16.60 -13.56
C LEU A 910 2.00 15.26 -14.20
N PHE A 911 1.56 14.33 -13.36
CA PHE A 911 0.89 13.09 -13.77
C PHE A 911 -0.53 13.08 -13.22
N LYS A 912 -1.38 12.27 -13.84
CA LYS A 912 -2.73 12.06 -13.31
C LYS A 912 -2.77 10.81 -12.43
N LYS A 913 -2.47 9.65 -13.00
CA LYS A 913 -2.62 8.35 -12.35
C LYS A 913 -4.03 8.17 -11.79
N ASN A 914 -4.20 7.25 -10.84
CA ASN A 914 -5.50 6.98 -10.24
C ASN A 914 -5.30 6.22 -8.94
N GLN A 915 -6.31 6.27 -8.09
CA GLN A 915 -6.35 5.57 -6.83
C GLN A 915 -7.65 4.79 -6.72
N HIS A 916 -7.70 3.88 -5.74
CA HIS A 916 -8.89 3.07 -5.54
C HIS A 916 -9.98 3.87 -4.82
N ARG A 920 -6.73 11.53 -7.77
CA ARG A 920 -5.30 11.51 -7.49
C ARG A 920 -4.55 12.49 -8.37
N GLU A 921 -3.64 13.25 -7.76
CA GLU A 921 -2.74 14.15 -8.47
C GLU A 921 -1.38 14.12 -7.79
N ILE A 922 -0.34 13.80 -8.55
CA ILE A 922 1.02 13.66 -8.05
C ILE A 922 1.90 14.68 -8.79
N TYR A 923 3.00 15.08 -8.15
CA TYR A 923 3.86 16.14 -8.66
C TYR A 923 5.29 15.63 -8.73
N VAL A 924 5.91 15.80 -9.89
CA VAL A 924 7.31 15.44 -10.08
C VAL A 924 8.12 16.72 -10.23
N MET A 925 9.16 16.86 -9.41
CA MET A 925 9.95 18.08 -9.33
C MET A 925 11.35 17.85 -9.91
N ASP A 926 12.05 18.96 -10.13
CA ASP A 926 13.38 18.91 -10.70
C ASP A 926 14.38 18.32 -9.70
N ALA A 927 15.54 17.89 -10.22
CA ALA A 927 16.56 17.30 -9.38
C ALA A 927 17.12 18.31 -8.39
N ASN A 928 17.28 19.57 -8.81
CA ASN A 928 17.80 20.61 -7.92
C ASN A 928 16.87 20.85 -6.75
N ALA A 929 15.56 20.92 -7.00
CA ALA A 929 14.60 21.16 -5.93
C ALA A 929 14.38 19.93 -5.05
N ARG A 930 14.72 18.74 -5.55
CA ARG A 930 14.47 17.52 -4.77
C ARG A 930 15.47 17.35 -3.64
N LEU A 931 16.74 17.72 -3.86
CA LEU A 931 17.75 17.56 -2.82
C LEU A 931 17.45 18.43 -1.60
N VAL A 932 17.08 19.69 -1.83
CA VAL A 932 16.71 20.58 -0.74
C VAL A 932 15.43 20.07 -0.07
N GLN A 933 14.49 19.56 -0.87
CA GLN A 933 13.30 18.94 -0.32
C GLN A 933 13.64 17.71 0.51
N PHE A 934 14.59 16.90 0.06
CA PHE A 934 15.00 15.75 0.84
C PHE A 934 15.63 16.17 2.16
N GLY A 935 16.42 17.24 2.15
CA GLY A 935 16.99 17.74 3.39
C GLY A 935 15.94 18.24 4.37
N VAL A 936 15.00 19.04 3.88
CA VAL A 936 13.99 19.59 4.79
C VAL A 936 13.05 18.48 5.27
N GLU A 937 12.94 17.39 4.49
CA GLU A 937 12.14 16.26 4.94
C GLU A 937 12.89 15.40 5.97
N THR A 938 14.21 15.26 5.82
CA THR A 938 14.95 14.45 6.79
C THR A 938 15.15 15.20 8.10
N MET A 939 15.02 16.54 8.08
CA MET A 939 14.83 17.23 9.35
C MET A 939 13.51 16.85 10.00
N ALA A 940 12.41 16.97 9.24
CA ALA A 940 11.08 16.83 9.82
C ALA A 940 10.80 15.41 10.27
N ARG A 941 11.41 14.41 9.61
CA ARG A 941 11.20 13.04 10.03
C ARG A 941 11.80 12.79 11.41
N CYS A 942 13.04 13.23 11.63
CA CYS A 942 13.64 13.09 12.95
C CYS A 942 12.91 13.94 13.99
N VAL A 943 12.34 15.08 13.59
CA VAL A 943 11.59 15.89 14.54
C VAL A 943 10.30 15.19 14.95
N CYS A 944 9.59 14.60 14.00
CA CYS A 944 8.24 14.11 14.28
C CYS A 944 8.28 12.72 14.94
N GLU A 945 9.43 12.05 14.91
CA GLU A 945 9.54 10.79 15.64
C GLU A 945 9.49 11.02 17.15
N LEU A 946 9.78 12.24 17.60
CA LEU A 946 9.69 12.54 19.02
C LEU A 946 8.24 12.66 19.47
N SER A 947 7.33 12.93 18.53
CA SER A 947 5.91 13.08 18.83
C SER A 947 5.33 11.78 19.34
N PRO A 948 4.57 11.81 20.44
CA PRO A 948 4.05 10.57 21.05
C PRO A 948 2.75 10.04 20.44
N HIS A 949 2.11 10.77 19.53
CA HIS A 949 0.82 10.28 19.04
C HIS A 949 0.63 10.43 17.52
N GLU A 950 1.69 10.51 16.73
CA GLU A 950 1.59 10.48 15.28
C GLU A 950 1.87 9.06 14.81
N THR A 951 1.54 8.77 13.56
CA THR A 951 1.78 7.42 13.03
C THR A 951 2.55 7.40 11.72
N VAL A 952 2.83 8.56 11.13
CA VAL A 952 3.49 8.57 9.83
C VAL A 952 4.95 8.13 9.95
N ALA A 953 5.65 8.54 11.02
CA ALA A 953 7.01 8.11 11.26
C ALA A 953 7.11 7.13 12.43
N ASN A 954 6.00 6.81 13.08
CA ASN A 954 5.94 5.82 14.15
C ASN A 954 4.84 4.82 13.80
N PRO A 955 5.11 3.91 12.87
CA PRO A 955 4.05 3.02 12.38
C PRO A 955 3.48 2.08 13.44
N ARG A 956 4.20 1.85 14.53
CA ARG A 956 3.65 1.02 15.61
C ARG A 956 2.47 1.70 16.29
N LEU A 957 2.42 3.03 16.26
CA LEU A 957 1.46 3.76 17.08
C LEU A 957 0.02 3.59 16.60
N LYS A 958 -0.19 3.21 15.33
CA LYS A 958 -1.53 3.03 14.77
C LYS A 958 -2.33 2.04 15.60
N ASN A 959 -1.90 0.79 15.65
CA ASN A 959 -2.59 -0.18 16.50
CA ASN A 959 -2.58 -0.19 16.49
C ASN A 959 -1.92 -0.29 17.85
N SER A 960 -1.61 0.85 18.47
CA SER A 960 -1.21 0.87 19.87
C SER A 960 -2.08 1.88 20.61
N ILE A 961 -2.20 3.08 20.03
CA ILE A 961 -2.82 4.20 20.74
C ILE A 961 -4.29 3.92 21.04
N ILE A 962 -5.00 3.32 20.07
CA ILE A 962 -6.44 3.17 20.20
C ILE A 962 -6.80 2.16 21.29
N GLU A 963 -6.12 1.01 21.31
CA GLU A 963 -6.44 -0.01 22.30
C GLU A 963 -5.88 0.33 23.68
N ASN A 964 -4.73 1.02 23.73
CA ASN A 964 -4.15 1.37 25.01
C ASN A 964 -4.97 2.43 25.74
N HIS A 965 -5.83 3.15 25.01
CA HIS A 965 -6.70 4.13 25.64
C HIS A 965 -7.66 3.49 26.63
N GLY A 966 -8.19 2.32 26.29
CA GLY A 966 -9.02 1.58 27.23
C GLY A 966 -8.27 1.16 28.48
N LEU A 967 -6.99 0.83 28.33
CA LEU A 967 -6.18 0.48 29.49
C LEU A 967 -5.96 1.69 30.41
N LYS A 968 -5.77 2.88 29.84
CA LYS A 968 -5.71 4.09 30.66
C LYS A 968 -7.03 4.34 31.36
N SER A 969 -8.14 4.18 30.62
CA SER A 969 -9.46 4.45 31.18
C SER A 969 -9.80 3.48 32.30
N ALA A 970 -9.30 2.24 32.21
CA ALA A 970 -9.61 1.22 33.20
C ALA A 970 -9.14 1.64 34.60
N ARG A 971 -7.95 2.23 34.71
CA ARG A 971 -7.49 2.67 36.01
C ARG A 971 -7.94 4.09 36.33
N SER A 972 -7.92 4.99 35.33
CA SER A 972 -8.25 6.39 35.60
C SER A 972 -9.73 6.61 35.84
N LEU A 973 -10.60 5.67 35.49
CA LEU A 973 -12.03 5.82 35.71
C LEU A 973 -12.68 4.64 36.40
N GLY A 974 -12.21 3.40 36.20
CA GLY A 974 -12.88 2.25 36.72
C GLY A 974 -13.81 1.63 35.70
N PRO A 975 -14.52 0.57 36.09
CA PRO A 975 -15.45 -0.07 35.17
C PRO A 975 -16.66 0.81 34.88
N GLY A 976 -17.25 0.57 33.71
CA GLY A 976 -18.44 1.30 33.31
C GLY A 976 -18.20 2.64 32.66
N SER A 977 -16.97 2.94 32.26
CA SER A 977 -16.67 4.20 31.60
C SER A 977 -17.26 4.23 30.20
N ILE A 978 -17.88 5.35 29.84
CA ILE A 978 -18.48 5.53 28.52
C ILE A 978 -17.44 6.12 27.59
N ASN A 979 -17.23 5.48 26.44
CA ASN A 979 -16.26 5.93 25.46
C ASN A 979 -16.98 6.64 24.32
N ILE A 980 -16.56 7.88 24.04
CA ILE A 980 -17.08 8.67 22.95
C ILE A 980 -15.92 9.03 22.03
N ASN A 981 -16.05 8.72 20.74
CA ASN A 981 -14.97 8.90 19.79
C ASN A 981 -15.40 9.86 18.69
N SER A 982 -14.45 10.20 17.82
CA SER A 982 -14.72 11.13 16.72
C SER A 982 -13.71 10.85 15.61
N SER A 983 -14.16 10.18 14.56
CA SER A 983 -13.34 9.98 13.38
C SER A 983 -13.31 11.26 12.55
N ASN A 984 -12.10 11.73 12.23
CA ASN A 984 -11.93 13.03 11.61
C ASN A 984 -11.22 12.89 10.27
N ASP A 985 -11.68 13.69 9.31
CA ASP A 985 -11.07 13.78 7.99
C ASP A 985 -10.88 15.25 7.63
N ALA A 986 -9.88 15.51 6.78
CA ALA A 986 -9.51 16.86 6.42
C ALA A 986 -9.79 17.10 4.93
N LYS A 987 -10.32 18.28 4.62
CA LYS A 987 -10.61 18.69 3.26
C LYS A 987 -9.57 19.69 2.77
N LYS A 988 -9.19 19.55 1.50
CA LYS A 988 -8.25 20.46 0.84
C LYS A 988 -6.94 20.56 1.61
N TRP A 989 -6.42 19.41 2.07
CA TRP A 989 -5.20 19.40 2.86
C TRP A 989 -4.02 19.93 2.06
N ASN A 990 -3.78 19.35 0.88
CA ASN A 990 -2.59 19.71 0.11
C ASN A 990 -2.69 21.13 -0.43
N GLN A 991 -3.89 21.56 -0.80
CA GLN A 991 -4.11 22.86 -1.41
C GLN A 991 -4.35 23.96 -0.40
N GLY A 992 -4.56 23.62 0.88
CA GLY A 992 -5.01 24.57 1.86
C GLY A 992 -4.00 25.08 2.86
N HIS A 993 -2.78 24.55 2.86
CA HIS A 993 -1.75 24.97 3.81
C HIS A 993 -0.81 25.96 3.14
N TYR A 994 -0.84 27.20 3.59
CA TYR A 994 0.16 28.16 3.18
C TYR A 994 1.51 27.79 3.80
N THR A 995 2.58 28.01 3.04
CA THR A 995 3.86 27.40 3.38
C THR A 995 4.53 28.08 4.57
N THR A 996 4.13 29.32 4.89
CA THR A 996 4.65 29.98 6.09
C THR A 996 4.28 29.23 7.36
N LYS A 997 3.13 28.55 7.38
CA LYS A 997 2.70 27.80 8.55
C LYS A 997 3.68 26.67 8.86
N LEU A 998 3.97 25.84 7.85
CA LEU A 998 4.85 24.70 8.04
C LEU A 998 6.27 25.15 8.40
N ALA A 999 6.72 26.28 7.84
CA ALA A 999 8.04 26.79 8.19
C ALA A 999 8.13 27.14 9.67
N LEU A 1000 7.11 27.83 10.20
CA LEU A 1000 7.11 28.17 11.62
C LEU A 1000 7.03 26.93 12.48
N VAL A 1001 6.17 25.97 12.10
CA VAL A 1001 6.02 24.76 12.89
C VAL A 1001 7.32 23.97 12.93
N LEU A 1002 8.01 23.84 11.79
CA LEU A 1002 9.27 23.13 11.75
C LEU A 1002 10.37 23.88 12.49
N CYS A 1003 10.47 25.20 12.34
CA CYS A 1003 11.51 25.99 12.99
C CYS A 1003 11.29 26.14 14.49
N TRP A 1004 10.09 25.85 14.99
CA TRP A 1004 9.88 25.84 16.44
C TRP A 1004 10.71 24.75 17.12
N PHE A 1005 10.84 23.60 16.48
CA PHE A 1005 11.40 22.42 17.13
C PHE A 1005 12.87 22.19 16.82
N MET A 1006 13.56 23.18 16.24
CA MET A 1006 14.98 23.06 15.94
C MET A 1006 15.81 24.08 16.70
N PRO A 1007 17.10 23.81 16.88
CA PRO A 1007 18.02 24.88 17.28
C PRO A 1007 18.11 25.95 16.20
N ALA A 1008 18.69 27.09 16.57
CA ALA A 1008 18.70 28.25 15.68
C ALA A 1008 19.57 28.00 14.45
N LYS A 1009 20.42 26.97 14.47
CA LYS A 1009 21.31 26.68 13.37
C LYS A 1009 20.56 26.29 12.10
N PHE A 1010 19.52 25.47 12.23
CA PHE A 1010 18.78 24.96 11.09
C PHE A 1010 17.70 25.91 10.59
N HIS A 1011 17.45 27.02 11.31
CA HIS A 1011 16.33 27.89 10.96
C HIS A 1011 16.51 28.53 9.59
N ARG A 1012 17.72 29.01 9.29
CA ARG A 1012 17.99 29.60 7.99
CA ARG A 1012 18.00 29.60 7.99
C ARG A 1012 17.81 28.59 6.87
N PHE A 1013 18.30 27.36 7.07
CA PHE A 1013 18.17 26.33 6.05
C PHE A 1013 16.72 25.98 5.78
N ILE A 1014 15.90 25.85 6.83
CA ILE A 1014 14.50 25.53 6.64
C ILE A 1014 13.76 26.68 5.95
N TRP A 1015 14.02 27.91 6.37
CA TRP A 1015 13.37 29.06 5.76
C TRP A 1015 13.72 29.16 4.28
N ALA A 1016 14.99 28.98 3.93
CA ALA A 1016 15.38 28.96 2.53
C ALA A 1016 14.79 27.77 1.78
N ALA A 1017 14.71 26.62 2.45
CA ALA A 1017 14.29 25.39 1.80
C ALA A 1017 12.84 25.46 1.37
N ILE A 1018 11.95 25.83 2.30
CA ILE A 1018 10.52 25.89 1.97
C ILE A 1018 10.02 27.32 1.84
N SER A 1019 10.90 28.29 1.58
CA SER A 1019 10.44 29.57 1.06
C SER A 1019 10.27 29.52 -0.45
N MET A 1020 10.80 28.46 -1.08
CA MET A 1020 10.74 28.35 -2.53
C MET A 1020 9.40 27.81 -3.00
N PHE A 1021 8.57 27.31 -2.07
CA PHE A 1021 7.28 26.76 -2.43
C PHE A 1021 6.26 27.84 -2.77
N ARG A 1022 6.56 29.10 -2.51
CA ARG A 1022 5.56 30.15 -2.66
C ARG A 1022 5.50 30.66 -4.10
N ARG A 1023 6.40 30.19 -4.96
CA ARG A 1023 6.32 30.46 -6.38
C ARG A 1023 6.66 29.18 -7.13
N LYS A 1024 5.63 28.53 -7.68
CA LYS A 1024 5.77 27.29 -8.41
C LYS A 1024 5.40 27.48 -9.86
N LYS A 1025 6.13 26.82 -10.76
CA LYS A 1025 5.86 26.86 -12.19
C LYS A 1025 5.62 25.43 -12.64
N MET A 1026 4.36 25.02 -12.68
CA MET A 1026 3.99 23.64 -12.95
C MET A 1026 3.65 23.47 -14.41
N MET A 1027 4.34 22.56 -15.09
CA MET A 1027 4.17 22.35 -16.51
C MET A 1027 2.95 21.47 -16.78
N VAL A 1028 2.05 21.95 -17.65
CA VAL A 1028 0.91 21.16 -18.09
C VAL A 1028 1.36 20.26 -19.24
N ASP A 1029 0.51 19.30 -19.60
CA ASP A 1029 0.83 18.41 -20.72
C ASP A 1029 0.89 19.19 -22.02
N LEU A 1030 1.84 18.81 -22.88
CA LEU A 1030 2.04 19.52 -24.14
C LEU A 1030 0.87 19.32 -25.09
N ARG A 1031 0.32 18.11 -25.15
CA ARG A 1031 -0.79 17.85 -26.07
C ARG A 1031 -2.05 18.60 -25.67
N PHE A 1032 -2.19 18.92 -24.38
CA PHE A 1032 -3.36 19.68 -23.93
C PHE A 1032 -3.37 21.08 -24.53
N LEU A 1033 -2.20 21.73 -24.57
CA LEU A 1033 -2.12 23.07 -25.15
C LEU A 1033 -2.35 23.06 -26.66
N ALA A 1034 -1.93 21.98 -27.34
CA ALA A 1034 -2.14 21.89 -28.78
C ALA A 1034 -3.63 21.90 -29.12
N HIS A 1035 -4.42 21.12 -28.39
CA HIS A 1035 -5.86 21.10 -28.62
C HIS A 1035 -6.56 22.30 -27.98
N LEU A 1036 -5.91 22.98 -27.04
CA LEU A 1036 -6.48 24.20 -26.47
C LEU A 1036 -6.33 25.37 -27.43
N SER A 1037 -5.25 25.41 -28.20
CA SER A 1037 -4.98 26.54 -29.08
C SER A 1037 -5.36 26.28 -30.52
N SER A 1038 -5.38 25.02 -30.96
CA SER A 1038 -5.69 24.71 -32.35
C SER A 1038 -7.13 25.09 -32.70
N LYS A 1039 -8.08 24.77 -31.82
CA LYS A 1039 -9.47 25.11 -32.07
C LYS A 1039 -9.70 26.61 -31.98
N SER A 1040 -9.13 27.25 -30.95
CA SER A 1040 -9.29 28.68 -30.70
C SER A 1040 -10.76 29.07 -30.62
N GLU A 1041 -11.55 28.23 -29.98
CA GLU A 1041 -12.99 28.42 -29.86
C GLU A 1041 -13.34 28.80 -28.43
N SER A 1042 -14.14 29.85 -28.28
CA SER A 1042 -14.58 30.30 -26.97
C SER A 1042 -15.83 29.59 -26.49
N ARG A 1043 -16.39 28.68 -27.28
CA ARG A 1043 -17.61 27.99 -26.90
C ARG A 1043 -17.32 26.95 -25.83
N SER A 1044 -18.02 27.06 -24.70
CA SER A 1044 -17.88 26.11 -23.60
C SER A 1044 -19.07 26.29 -22.67
N SER A 1045 -19.27 25.29 -21.80
CA SER A 1045 -20.33 25.34 -20.80
C SER A 1045 -19.80 25.34 -19.37
N ASP A 1046 -18.63 24.78 -19.11
CA ASP A 1046 -18.01 24.85 -17.80
C ASP A 1046 -17.14 26.11 -17.74
N PRO A 1047 -17.36 27.01 -16.78
CA PRO A 1047 -16.60 28.28 -16.79
C PRO A 1047 -15.10 28.12 -16.71
N PHE A 1048 -14.60 27.04 -16.10
CA PHE A 1048 -13.15 26.85 -16.01
C PHE A 1048 -12.54 26.61 -17.39
N ARG A 1049 -13.27 25.95 -18.29
CA ARG A 1049 -12.77 25.74 -19.64
C ARG A 1049 -12.54 27.07 -20.35
N GLU A 1050 -13.54 27.96 -20.30
CA GLU A 1050 -13.43 29.27 -20.90
C GLU A 1050 -12.34 30.10 -20.23
N ALA A 1051 -12.23 30.00 -18.90
CA ALA A 1051 -11.19 30.75 -18.19
C ALA A 1051 -9.80 30.30 -18.62
N MET A 1052 -9.58 28.98 -18.75
CA MET A 1052 -8.28 28.48 -19.17
C MET A 1052 -7.97 28.84 -20.62
N THR A 1053 -8.98 28.80 -21.49
CA THR A 1053 -8.77 29.22 -22.88
C THR A 1053 -8.44 30.71 -22.95
N ASP A 1054 -9.13 31.52 -22.16
CA ASP A 1054 -8.89 32.96 -22.13
C ASP A 1054 -7.50 33.28 -21.60
N ALA A 1055 -7.06 32.54 -20.57
CA ALA A 1055 -5.74 32.77 -20.00
C ALA A 1055 -4.63 32.48 -21.01
N PHE A 1056 -4.78 31.40 -21.80
CA PHE A 1056 -3.76 31.05 -22.77
C PHE A 1056 -3.73 32.05 -23.91
N HIS A 1057 -4.89 32.38 -24.47
CA HIS A 1057 -4.94 33.27 -25.62
C HIS A 1057 -4.76 34.74 -25.25
N GLY A 1058 -4.87 35.09 -23.97
CA GLY A 1058 -4.54 36.42 -23.52
C GLY A 1058 -5.55 37.50 -23.84
N ASN A 1059 -6.81 37.14 -24.10
CA ASN A 1059 -7.84 38.16 -24.26
C ASN A 1059 -8.07 38.92 -22.97
N ARG A 1060 -8.07 38.21 -21.84
CA ARG A 1060 -8.13 38.83 -20.51
C ARG A 1060 -7.10 38.15 -19.63
N ASP A 1061 -6.41 38.93 -18.82
CA ASP A 1061 -5.27 38.47 -18.05
C ASP A 1061 -5.69 38.03 -16.66
N VAL A 1062 -5.06 36.95 -16.16
CA VAL A 1062 -5.29 36.44 -14.83
C VAL A 1062 -3.94 36.15 -14.18
N SER A 1063 -3.97 35.94 -12.86
CA SER A 1063 -2.74 35.71 -12.12
C SER A 1063 -2.19 34.30 -12.31
N TRP A 1064 -3.06 33.30 -12.52
CA TRP A 1064 -2.63 31.92 -12.52
C TRP A 1064 -1.99 31.46 -13.82
N MET A 1065 -2.13 32.22 -14.91
CA MET A 1065 -1.43 31.92 -16.16
C MET A 1065 -0.99 33.22 -16.81
N ASP A 1066 -0.18 33.09 -17.86
CA ASP A 1066 0.28 34.21 -18.66
C ASP A 1066 0.00 33.91 -20.13
N LYS A 1067 0.31 34.89 -20.99
CA LYS A 1067 0.04 34.75 -22.41
C LYS A 1067 1.10 33.88 -23.06
N GLY A 1068 0.66 32.79 -23.70
CA GLY A 1068 1.56 31.92 -24.44
C GLY A 1068 2.61 31.24 -23.60
N ARG A 1069 2.23 30.71 -22.44
CA ARG A 1069 3.17 30.05 -21.54
C ARG A 1069 2.71 28.63 -21.25
N THR A 1070 3.66 27.71 -21.21
CA THR A 1070 3.37 26.30 -20.99
C THR A 1070 2.98 25.99 -19.55
N TYR A 1071 3.44 26.78 -18.59
CA TYR A 1071 3.28 26.49 -17.18
C TYR A 1071 2.07 27.20 -16.59
N ILE A 1072 1.61 26.69 -15.46
CA ILE A 1072 0.62 27.37 -14.62
C ILE A 1072 1.30 27.73 -13.30
N LYS A 1073 0.87 28.84 -12.70
CA LYS A 1073 1.50 29.36 -11.50
C LYS A 1073 0.58 29.15 -10.31
N THR A 1074 1.18 28.81 -9.17
CA THR A 1074 0.45 28.57 -7.93
C THR A 1074 1.32 28.97 -6.76
N GLU A 1075 0.82 29.91 -5.95
CA GLU A 1075 1.49 30.35 -4.73
C GLU A 1075 0.98 29.64 -3.48
N THR A 1076 -0.33 29.49 -3.36
CA THR A 1076 -0.94 28.96 -2.15
C THR A 1076 -1.07 27.45 -2.23
N GLY A 1077 -0.61 26.76 -1.20
CA GLY A 1077 -0.81 25.33 -1.09
C GLY A 1077 0.48 24.55 -1.30
N MET A 1078 0.66 23.51 -0.50
CA MET A 1078 1.77 22.59 -0.67
C MET A 1078 1.38 21.53 -1.70
N MET A 1079 2.15 20.45 -1.78
CA MET A 1079 1.90 19.40 -2.74
C MET A 1079 1.70 18.06 -2.05
N GLN A 1080 1.22 17.09 -2.82
CA GLN A 1080 0.89 15.77 -2.29
C GLN A 1080 2.16 14.96 -2.02
N GLY A 1081 2.49 14.80 -0.74
CA GLY A 1081 3.59 13.96 -0.33
C GLY A 1081 4.95 14.63 -0.33
N ILE A 1082 5.14 15.65 -1.17
CA ILE A 1082 6.41 16.37 -1.19
C ILE A 1082 6.68 17.03 0.17
N LEU A 1083 5.63 17.53 0.82
CA LEU A 1083 5.72 18.00 2.19
C LEU A 1083 4.80 17.10 3.02
N HIS A 1084 5.34 15.96 3.47
CA HIS A 1084 4.56 14.94 4.16
C HIS A 1084 4.84 14.84 5.65
N PHE A 1085 6.09 14.92 6.08
CA PHE A 1085 6.42 14.85 7.48
C PHE A 1085 6.36 16.18 8.21
N THR A 1086 6.21 17.29 7.49
CA THR A 1086 6.09 18.59 8.12
C THR A 1086 4.63 18.94 8.37
N SER A 1087 3.76 18.65 7.40
CA SER A 1087 2.33 18.79 7.62
C SER A 1087 1.84 17.84 8.71
N SER A 1088 2.45 16.66 8.81
CA SER A 1088 2.14 15.75 9.91
C SER A 1088 2.54 16.33 11.26
N LEU A 1089 3.68 17.01 11.32
CA LEU A 1089 4.08 17.70 12.55
C LEU A 1089 3.09 18.81 12.89
N LEU A 1090 2.65 19.57 11.88
CA LEU A 1090 1.64 20.59 12.09
C LEU A 1090 0.35 20.00 12.65
N HIS A 1091 -0.17 18.96 12.00
CA HIS A 1091 -1.41 18.34 12.40
C HIS A 1091 -1.28 17.59 13.71
N SER A 1092 -0.06 17.22 14.11
CA SER A 1092 0.20 16.73 15.45
C SER A 1092 0.17 17.83 16.48
N CYS A 1093 0.69 19.02 16.15
CA CYS A 1093 0.59 20.17 17.03
C CYS A 1093 -0.86 20.54 17.28
N VAL A 1094 -1.67 20.53 16.22
CA VAL A 1094 -3.07 20.95 16.31
C VAL A 1094 -3.85 20.04 17.26
N GLN A 1095 -3.63 18.73 17.18
CA GLN A 1095 -4.39 17.84 18.04
C GLN A 1095 -3.65 17.48 19.33
N SER A 1096 -2.44 18.00 19.54
CA SER A 1096 -1.88 18.12 20.88
C SER A 1096 -2.42 19.33 21.62
N PHE A 1097 -2.77 20.41 20.91
CA PHE A 1097 -3.53 21.50 21.51
C PHE A 1097 -4.94 21.04 21.91
N TYR A 1098 -5.58 20.25 21.05
CA TYR A 1098 -6.96 19.83 21.30
C TYR A 1098 -7.05 18.94 22.54
N LYS A 1099 -6.09 18.04 22.73
CA LYS A 1099 -6.13 17.16 23.89
C LYS A 1099 -6.01 17.94 25.20
N SER A 1100 -5.08 18.90 25.26
CA SER A 1100 -4.94 19.72 26.45
C SER A 1100 -6.18 20.58 26.69
N TYR A 1101 -6.76 21.13 25.61
CA TYR A 1101 -7.96 21.95 25.76
C TYR A 1101 -9.13 21.12 26.26
N PHE A 1102 -9.29 19.89 25.75
CA PHE A 1102 -10.36 19.02 26.21
C PHE A 1102 -10.13 18.57 27.66
N VAL A 1103 -8.88 18.33 28.03
CA VAL A 1103 -8.57 17.97 29.41
C VAL A 1103 -8.94 19.13 30.35
N SER A 1104 -8.59 20.36 29.95
CA SER A 1104 -8.94 21.52 30.76
C SER A 1104 -10.45 21.69 30.86
N LYS A 1105 -11.18 21.50 29.76
CA LYS A 1105 -12.63 21.64 29.79
C LYS A 1105 -13.27 20.57 30.65
N LEU A 1106 -12.77 19.33 30.59
CA LEU A 1106 -13.30 18.28 31.45
C LEU A 1106 -12.98 18.53 32.92
N LYS A 1107 -11.80 19.09 33.20
CA LYS A 1107 -11.44 19.41 34.58
C LYS A 1107 -12.32 20.51 35.14
N GLU A 1108 -12.61 21.55 34.34
CA GLU A 1108 -13.39 22.68 34.85
C GLU A 1108 -14.86 22.35 35.01
N GLY A 1109 -15.35 21.29 34.38
CA GLY A 1109 -16.71 20.86 34.57
C GLY A 1109 -17.71 21.66 33.75
N TYR A 1110 -18.98 21.43 34.06
CA TYR A 1110 -20.07 22.03 33.29
C TYR A 1110 -20.83 23.11 34.08
N MET A 1111 -20.82 23.06 35.42
CA MET A 1111 -21.05 24.29 36.18
C MET A 1111 -20.17 24.38 37.43
N GLY A 1112 -19.07 23.63 37.50
CA GLY A 1112 -18.14 23.81 38.60
C GLY A 1112 -17.71 22.54 39.34
N GLU A 1113 -17.98 21.38 38.76
CA GLU A 1113 -17.53 20.10 39.30
C GLU A 1113 -16.39 19.57 38.44
N SER A 1114 -15.95 18.36 38.77
CA SER A 1114 -14.83 17.72 38.07
C SER A 1114 -15.35 16.49 37.33
N ILE A 1115 -15.59 16.64 36.03
CA ILE A 1115 -15.97 15.52 35.18
C ILE A 1115 -14.71 14.75 34.83
N SER A 1116 -14.55 13.57 35.43
CA SER A 1116 -13.36 12.77 35.21
C SER A 1116 -13.39 12.16 33.82
N GLY A 1117 -12.32 12.36 33.06
CA GLY A 1117 -12.28 11.88 31.69
C GLY A 1117 -10.85 11.69 31.21
N VAL A 1118 -10.72 10.89 30.17
CA VAL A 1118 -9.44 10.60 29.54
C VAL A 1118 -9.55 10.97 28.07
N VAL A 1119 -8.63 11.81 27.60
CA VAL A 1119 -8.60 12.28 26.22
C VAL A 1119 -7.37 11.74 25.53
N ASP A 1120 -7.55 11.13 24.36
CA ASP A 1120 -6.46 10.52 23.62
C ASP A 1120 -6.65 10.87 22.14
N VAL A 1121 -5.55 11.12 21.45
CA VAL A 1121 -5.57 11.59 20.06
C VAL A 1121 -4.60 10.75 19.25
N ILE A 1122 -4.95 10.47 18.00
CA ILE A 1122 -4.06 9.83 17.03
C ILE A 1122 -4.23 10.52 15.68
N GLU A 1123 -3.10 10.89 15.06
CA GLU A 1123 -3.15 11.61 13.77
C GLU A 1123 -1.86 11.37 12.99
N GLY A 1124 -1.94 10.60 11.91
CA GLY A 1124 -0.78 10.43 11.07
C GLY A 1124 -0.44 11.60 10.16
N SER A 1125 -1.17 11.75 9.04
CA SER A 1125 -1.01 12.91 8.17
C SER A 1125 -2.36 13.57 8.00
N ASP A 1126 -3.39 12.85 7.55
CA ASP A 1126 -4.69 13.47 7.31
C ASP A 1126 -5.78 12.85 8.15
N ASP A 1127 -5.88 11.53 8.17
CA ASP A 1127 -6.83 10.84 9.03
C ASP A 1127 -6.45 11.04 10.49
N SER A 1128 -7.45 11.27 11.32
CA SER A 1128 -7.19 11.54 12.72
C SER A 1128 -8.42 11.15 13.53
N ALA A 1129 -8.20 10.94 14.82
CA ALA A 1129 -9.26 10.50 15.72
C ALA A 1129 -9.07 11.14 17.09
N ILE A 1130 -10.19 11.36 17.77
CA ILE A 1130 -10.19 11.86 19.13
C ILE A 1130 -11.04 10.93 19.98
N MET A 1131 -10.43 10.31 21.00
CA MET A 1131 -11.11 9.35 21.86
C MET A 1131 -11.25 9.94 23.25
N ILE A 1132 -12.49 10.12 23.69
CA ILE A 1132 -12.78 10.65 25.03
C ILE A 1132 -13.59 9.61 25.78
N SER A 1133 -13.10 9.24 26.97
CA SER A 1133 -13.78 8.27 27.81
C SER A 1133 -14.07 8.94 29.15
N ILE A 1134 -15.33 8.92 29.57
CA ILE A 1134 -15.78 9.58 30.79
C ILE A 1134 -16.59 8.61 31.61
N ARG A 1135 -16.77 8.93 32.90
CA ARG A 1135 -17.65 8.19 33.78
C ARG A 1135 -18.66 9.11 34.43
N PRO A 1136 -19.96 8.80 34.35
CA PRO A 1136 -20.95 9.65 35.01
C PRO A 1136 -21.11 9.30 36.49
N LYS A 1137 -21.16 10.33 37.34
CA LYS A 1137 -21.36 10.11 38.77
C LYS A 1137 -22.75 9.54 39.04
N SER A 1138 -23.76 10.09 38.39
CA SER A 1138 -25.14 9.64 38.53
C SER A 1138 -25.74 9.36 37.16
N ASP A 1139 -26.90 8.69 37.17
CA ASP A 1139 -27.61 8.41 35.94
C ASP A 1139 -28.11 9.69 35.28
N MET A 1140 -28.59 10.64 36.08
CA MET A 1140 -29.00 11.93 35.54
C MET A 1140 -27.81 12.72 35.01
N ASP A 1141 -26.65 12.58 35.66
CA ASP A 1141 -25.44 13.24 35.19
C ASP A 1141 -24.95 12.71 33.84
N GLU A 1142 -25.38 11.52 33.45
CA GLU A 1142 -24.87 10.91 32.22
C GLU A 1142 -25.26 11.72 30.99
N VAL A 1143 -26.51 12.17 30.91
CA VAL A 1143 -26.96 12.90 29.74
C VAL A 1143 -26.26 14.25 29.64
N ARG A 1144 -26.06 14.92 30.78
CA ARG A 1144 -25.35 16.21 30.76
C ARG A 1144 -23.89 16.02 30.37
N SER A 1145 -23.24 14.97 30.88
CA SER A 1145 -21.86 14.71 30.52
C SER A 1145 -21.72 14.37 29.04
N ARG A 1146 -22.63 13.57 28.50
CA ARG A 1146 -22.57 13.23 27.08
C ARG A 1146 -22.85 14.46 26.21
N PHE A 1147 -23.76 15.34 26.66
CA PHE A 1147 -23.98 16.59 25.94
C PHE A 1147 -22.74 17.47 25.96
N PHE A 1148 -22.04 17.52 27.10
CA PHE A 1148 -20.80 18.28 27.19
C PHE A 1148 -19.75 17.72 26.24
N VAL A 1149 -19.63 16.40 26.17
CA VAL A 1149 -18.65 15.78 25.28
C VAL A 1149 -19.01 16.02 23.82
N ALA A 1150 -20.32 15.98 23.51
CA ALA A 1150 -20.76 16.27 22.15
C ALA A 1150 -20.45 17.71 21.76
N ASN A 1151 -20.66 18.66 22.69
CA ASN A 1151 -20.29 20.04 22.42
C ASN A 1151 -18.78 20.19 22.26
N LEU A 1152 -18.00 19.46 23.04
CA LEU A 1152 -16.55 19.51 22.92
C LEU A 1152 -16.08 19.03 21.56
N LEU A 1153 -16.65 17.91 21.10
CA LEU A 1153 -16.23 17.35 19.81
C LEU A 1153 -16.77 18.16 18.63
N HIS A 1154 -17.95 18.76 18.77
CA HIS A 1154 -18.49 19.58 17.70
C HIS A 1154 -17.74 20.89 17.54
N SER A 1155 -17.06 21.35 18.59
CA SER A 1155 -16.29 22.58 18.50
C SER A 1155 -15.06 22.45 17.63
N VAL A 1156 -14.60 21.22 17.37
CA VAL A 1156 -13.40 21.00 16.56
C VAL A 1156 -13.62 21.53 15.14
N LYS A 1157 -14.81 21.31 14.58
CA LYS A 1157 -15.10 21.72 13.22
C LYS A 1157 -14.94 23.23 13.03
N PHE A 1158 -15.09 24.00 14.10
CA PHE A 1158 -14.88 25.45 14.05
C PHE A 1158 -13.51 25.87 14.54
N LEU A 1159 -12.81 25.01 15.30
CA LEU A 1159 -11.48 25.34 15.77
C LEU A 1159 -10.39 25.00 14.77
N ASN A 1160 -10.65 24.07 13.83
CA ASN A 1160 -9.67 23.77 12.80
C ASN A 1160 -9.28 24.98 11.93
N PRO A 1161 -10.20 25.82 11.44
CA PRO A 1161 -9.75 26.93 10.57
C PRO A 1161 -8.83 27.93 11.26
N LEU A 1162 -8.79 27.97 12.60
CA LEU A 1162 -7.84 28.84 13.28
C LEU A 1162 -6.41 28.42 13.00
N PHE A 1163 -6.17 27.13 12.75
CA PHE A 1163 -4.87 26.63 12.35
C PHE A 1163 -4.75 26.47 10.84
N GLY A 1164 -5.70 27.01 10.08
CA GLY A 1164 -5.70 26.85 8.65
C GLY A 1164 -5.95 25.44 8.18
N ILE A 1165 -6.85 24.72 8.85
CA ILE A 1165 -7.23 23.37 8.49
C ILE A 1165 -8.74 23.34 8.29
N TYR A 1166 -9.18 22.70 7.20
CA TYR A 1166 -10.59 22.66 6.85
C TYR A 1166 -11.11 21.25 7.08
N SER A 1167 -12.01 21.11 8.05
CA SER A 1167 -12.59 19.79 8.35
C SER A 1167 -13.54 19.38 7.24
N SER A 1168 -13.35 18.17 6.72
CA SER A 1168 -14.19 17.67 5.65
C SER A 1168 -15.54 17.23 6.19
N GLU A 1169 -16.45 16.93 5.28
CA GLU A 1169 -17.73 16.34 5.62
C GLU A 1169 -17.69 14.82 5.62
N LYS A 1170 -16.52 14.24 5.46
CA LYS A 1170 -16.32 12.80 5.60
C LYS A 1170 -16.01 12.40 7.04
N SER A 1171 -15.98 13.36 7.96
CA SER A 1171 -15.64 13.10 9.35
C SER A 1171 -16.88 12.73 10.13
N THR A 1172 -16.81 11.61 10.84
CA THR A 1172 -17.92 11.12 11.66
C THR A 1172 -17.64 11.48 13.12
N VAL A 1173 -18.51 12.30 13.71
CA VAL A 1173 -18.27 12.93 14.99
C VAL A 1173 -19.25 12.37 16.02
N ASN A 1174 -18.75 12.15 17.24
CA ASN A 1174 -19.54 11.76 18.39
C ASN A 1174 -20.20 10.39 18.18
N THR A 1175 -19.36 9.38 18.03
CA THR A 1175 -19.79 7.99 18.05
C THR A 1175 -19.31 7.32 19.32
N VAL A 1176 -20.07 6.34 19.78
CA VAL A 1176 -19.79 5.63 21.03
C VAL A 1176 -19.25 4.25 20.65
N TYR A 1177 -18.03 3.96 21.10
CA TYR A 1177 -17.31 2.71 20.86
C TYR A 1177 -16.97 2.50 19.39
N CYS A 1178 -17.17 3.53 18.56
CA CYS A 1178 -16.85 3.46 17.13
C CYS A 1178 -15.79 4.51 16.81
N VAL A 1179 -14.66 4.06 16.27
CA VAL A 1179 -13.61 4.95 15.81
C VAL A 1179 -12.96 4.34 14.58
N GLU A 1180 -12.55 5.21 13.65
CA GLU A 1180 -11.95 4.79 12.39
C GLU A 1180 -10.65 5.55 12.19
N TYR A 1181 -9.62 4.87 11.68
CA TYR A 1181 -8.32 5.47 11.46
C TYR A 1181 -7.58 4.67 10.39
N ASN A 1182 -7.29 5.32 9.26
CA ASN A 1182 -6.63 4.70 8.10
C ASN A 1182 -7.37 3.46 7.63
N SER A 1183 -8.67 3.61 7.37
CA SER A 1183 -9.56 2.54 6.88
C SER A 1183 -9.59 1.33 7.80
N GLU A 1184 -9.20 1.49 9.07
CA GLU A 1184 -9.24 0.42 10.04
C GLU A 1184 -10.27 0.75 11.11
N PHE A 1185 -11.37 0.01 11.11
CA PHE A 1185 -12.53 0.30 11.94
C PHE A 1185 -12.41 -0.44 13.26
N HIS A 1186 -12.53 0.30 14.36
CA HIS A 1186 -12.44 -0.25 15.70
C HIS A 1186 -13.83 -0.18 16.33
N PHE A 1187 -14.52 -1.32 16.35
CA PHE A 1187 -15.86 -1.42 16.93
C PHE A 1187 -15.72 -2.10 18.28
N HIS A 1188 -15.52 -1.30 19.33
CA HIS A 1188 -15.23 -1.77 20.68
C HIS A 1188 -14.06 -2.75 20.69
N ARG A 1189 -14.36 -4.03 20.93
CA ARG A 1189 -13.35 -5.08 20.95
C ARG A 1189 -13.38 -5.93 19.69
N HIS A 1190 -13.96 -5.43 18.60
CA HIS A 1190 -14.13 -6.17 17.36
C HIS A 1190 -13.49 -5.33 16.24
N LEU A 1191 -12.20 -5.54 16.01
CA LEU A 1191 -11.51 -4.83 14.94
C LEU A 1191 -11.96 -5.38 13.59
N VAL A 1192 -12.27 -4.49 12.66
CA VAL A 1192 -12.75 -4.86 11.33
C VAL A 1192 -11.87 -4.20 10.28
N ARG A 1193 -11.32 -5.01 9.38
CA ARG A 1193 -10.62 -4.52 8.20
C ARG A 1193 -11.30 -5.04 6.94
N PRO A 1194 -11.28 -4.27 5.86
CA PRO A 1194 -11.88 -4.76 4.61
C PRO A 1194 -11.04 -5.85 3.94
N THR A 1195 -11.49 -7.10 4.04
CA THR A 1195 -10.82 -8.18 3.33
C THR A 1195 -11.05 -8.08 1.83
N LEU A 1196 -12.20 -7.54 1.42
CA LEU A 1196 -12.49 -7.34 -0.01
C LEU A 1196 -11.51 -6.38 -0.66
N ARG A 1197 -10.89 -5.50 0.11
CA ARG A 1197 -9.93 -4.55 -0.46
C ARG A 1197 -8.66 -5.25 -0.94
N TRP A 1198 -8.23 -6.31 -0.25
CA TRP A 1198 -6.96 -6.95 -0.55
C TRP A 1198 -7.07 -8.19 -1.42
N ILE A 1199 -8.21 -8.89 -1.40
CA ILE A 1199 -8.37 -10.04 -2.28
C ILE A 1199 -8.60 -9.62 -3.73
N ALA A 1200 -9.05 -8.40 -3.97
CA ALA A 1200 -9.27 -7.94 -5.34
C ALA A 1200 -7.95 -7.59 -6.03
N ALA A 1201 -6.90 -7.33 -5.25
CA ALA A 1201 -5.58 -7.02 -5.78
C ALA A 1201 -4.61 -8.19 -5.66
N SER A 1202 -5.10 -9.36 -5.27
CA SER A 1202 -4.23 -10.52 -5.07
C SER A 1202 -3.68 -11.06 -6.38
N HIS A 1203 -4.43 -10.95 -7.47
CA HIS A 1203 -4.00 -11.42 -8.79
C HIS A 1203 -3.72 -10.19 -9.65
N GLN A 1204 -2.46 -9.77 -9.66
CA GLN A 1204 -1.99 -8.64 -10.46
C GLN A 1204 -1.02 -9.15 -11.51
N ILE A 1205 -1.21 -8.69 -12.76
CA ILE A 1205 -0.28 -9.06 -13.81
C ILE A 1205 1.09 -8.46 -13.50
N SER A 1206 2.09 -9.33 -13.40
CA SER A 1206 3.41 -8.96 -12.92
C SER A 1206 4.31 -8.60 -14.09
N GLU A 1207 4.98 -7.45 -13.99
CA GLU A 1207 5.91 -6.99 -15.00
C GLU A 1207 7.33 -7.46 -14.74
N THR A 1208 7.53 -8.33 -13.76
CA THR A 1208 8.87 -8.84 -13.46
C THR A 1208 9.36 -9.76 -14.59
N GLU A 1209 10.68 -9.91 -14.66
CA GLU A 1209 11.31 -10.63 -15.76
C GLU A 1209 11.82 -12.02 -15.38
N ALA A 1210 11.92 -12.31 -14.08
CA ALA A 1210 12.53 -13.56 -13.64
C ALA A 1210 11.66 -14.77 -13.97
N LEU A 1211 10.33 -14.60 -13.89
CA LEU A 1211 9.31 -15.63 -14.05
C LEU A 1211 9.30 -16.57 -12.84
N ALA A 1212 10.30 -16.43 -11.97
CA ALA A 1212 10.26 -16.99 -10.64
C ALA A 1212 9.88 -15.94 -9.60
N SER A 1213 10.07 -14.66 -9.92
CA SER A 1213 9.58 -13.57 -9.09
C SER A 1213 8.08 -13.35 -9.23
N ARG A 1214 7.46 -13.92 -10.27
CA ARG A 1214 6.00 -13.89 -10.36
C ARG A 1214 5.37 -14.60 -9.18
N GLN A 1215 5.90 -15.78 -8.83
CA GLN A 1215 5.36 -16.52 -7.68
C GLN A 1215 5.72 -15.83 -6.37
N GLU A 1216 6.86 -15.16 -6.31
CA GLU A 1216 7.19 -14.35 -5.13
C GLU A 1216 6.20 -13.21 -4.95
N ASP A 1217 5.85 -12.53 -6.03
CA ASP A 1217 4.84 -11.47 -5.96
C ASP A 1217 3.48 -12.04 -5.60
N TYR A 1218 3.14 -13.22 -6.14
CA TYR A 1218 1.88 -13.86 -5.78
C TYR A 1218 1.83 -14.19 -4.30
N SER A 1219 2.93 -14.69 -3.75
CA SER A 1219 2.98 -14.96 -2.31
C SER A 1219 2.91 -13.69 -1.49
N ASN A 1220 3.57 -12.62 -1.95
CA ASN A 1220 3.50 -11.34 -1.25
C ASN A 1220 2.09 -10.80 -1.22
N LEU A 1221 1.36 -10.89 -2.33
CA LEU A 1221 -0.04 -10.48 -2.36
C LEU A 1221 -0.96 -11.43 -1.61
N LEU A 1222 -0.59 -12.72 -1.53
CA LEU A 1222 -1.37 -13.68 -0.75
C LEU A 1222 -1.26 -13.41 0.74
N THR A 1223 -0.07 -13.00 1.20
CA THR A 1223 0.12 -12.72 2.62
C THR A 1223 -0.69 -11.51 3.05
N GLN A 1224 -0.92 -10.56 2.13
CA GLN A 1224 -1.68 -9.37 2.48
C GLN A 1224 -3.16 -9.68 2.66
N CYS A 1225 -3.67 -10.72 2.00
CA CYS A 1225 -5.05 -11.13 2.23
C CYS A 1225 -5.21 -11.79 3.59
N LEU A 1226 -4.21 -12.58 4.00
CA LEU A 1226 -4.27 -13.22 5.31
C LEU A 1226 -4.26 -12.20 6.44
N GLU A 1227 -3.43 -11.15 6.32
CA GLU A 1227 -3.38 -10.10 7.31
C GLU A 1227 -4.63 -9.24 7.33
N GLY A 1228 -5.45 -9.31 6.29
CA GLY A 1228 -6.69 -8.56 6.21
C GLY A 1228 -7.88 -9.24 6.84
N GLY A 1229 -7.70 -10.37 7.51
CA GLY A 1229 -8.79 -11.07 8.16
C GLY A 1229 -9.31 -12.29 7.44
N ALA A 1230 -8.68 -12.69 6.32
CA ALA A 1230 -9.12 -13.87 5.60
C ALA A 1230 -8.63 -15.13 6.27
N SER A 1231 -9.46 -16.17 6.28
CA SER A 1231 -9.08 -17.44 6.86
C SER A 1231 -8.10 -18.19 5.95
N PHE A 1232 -7.58 -19.30 6.47
CA PHE A 1232 -6.59 -20.06 5.71
C PHE A 1232 -7.23 -20.76 4.51
N SER A 1233 -8.47 -21.23 4.65
CA SER A 1233 -9.16 -21.86 3.54
C SER A 1233 -9.42 -20.87 2.41
N LEU A 1234 -9.90 -19.67 2.75
CA LEU A 1234 -10.10 -18.64 1.76
C LEU A 1234 -8.78 -18.20 1.12
N THR A 1235 -7.70 -18.16 1.91
CA THR A 1235 -6.40 -17.82 1.36
C THR A 1235 -5.93 -18.89 0.38
N TYR A 1236 -6.20 -20.16 0.67
CA TYR A 1236 -5.86 -21.24 -0.25
C TYR A 1236 -6.65 -21.12 -1.55
N LEU A 1237 -7.93 -20.73 -1.43
CA LEU A 1237 -8.74 -20.50 -2.63
C LEU A 1237 -8.20 -19.33 -3.45
N ILE A 1238 -7.75 -18.26 -2.77
CA ILE A 1238 -7.11 -17.14 -3.47
C ILE A 1238 -5.85 -17.62 -4.17
N GLN A 1239 -5.09 -18.52 -3.54
CA GLN A 1239 -3.90 -19.06 -4.17
C GLN A 1239 -4.23 -19.92 -5.39
N CYS A 1240 -5.32 -20.68 -5.32
CA CYS A 1240 -5.77 -21.43 -6.50
C CYS A 1240 -6.14 -20.49 -7.65
N ALA A 1241 -6.83 -19.40 -7.35
CA ALA A 1241 -7.11 -18.39 -8.37
C ALA A 1241 -5.83 -17.76 -8.91
N GLN A 1242 -4.83 -17.55 -8.04
CA GLN A 1242 -3.54 -17.04 -8.48
C GLN A 1242 -2.85 -18.02 -9.42
N LEU A 1243 -2.96 -19.31 -9.12
CA LEU A 1243 -2.43 -20.34 -10.03
C LEU A 1243 -3.12 -20.27 -11.38
N LEU A 1244 -4.45 -20.11 -11.38
CA LEU A 1244 -5.18 -19.99 -12.64
C LEU A 1244 -4.71 -18.77 -13.43
N HIS A 1245 -4.52 -17.64 -12.74
CA HIS A 1245 -4.00 -16.44 -13.40
C HIS A 1245 -2.60 -16.67 -13.95
N HIS A 1246 -1.74 -17.33 -13.18
CA HIS A 1246 -0.36 -17.57 -13.60
C HIS A 1246 -0.32 -18.42 -14.87
N TYR A 1247 -1.12 -19.49 -14.90
CA TYR A 1247 -1.13 -20.33 -16.09
C TYR A 1247 -1.88 -19.71 -17.25
N MET A 1248 -2.81 -18.77 -17.00
CA MET A 1248 -3.36 -17.98 -18.09
C MET A 1248 -2.30 -17.08 -18.72
N LEU A 1249 -1.44 -16.47 -17.90
CA LEU A 1249 -0.40 -15.61 -18.42
C LEU A 1249 0.69 -16.39 -19.15
N LEU A 1250 0.75 -17.72 -18.96
CA LEU A 1250 1.75 -18.54 -19.63
C LEU A 1250 1.28 -19.07 -20.97
N GLY A 1251 0.01 -18.94 -21.31
CA GLY A 1251 -0.47 -19.39 -22.60
C GLY A 1251 -1.48 -20.51 -22.54
N LEU A 1252 -2.30 -20.55 -21.48
CA LEU A 1252 -3.33 -21.58 -21.38
C LEU A 1252 -4.36 -21.44 -22.50
N CYS A 1253 -4.76 -20.21 -22.82
CA CYS A 1253 -5.78 -19.96 -23.82
C CYS A 1253 -5.22 -19.29 -25.08
N LEU A 1254 -3.90 -19.32 -25.25
CA LEU A 1254 -3.29 -18.65 -26.39
C LEU A 1254 -2.30 -19.50 -27.16
N HIS A 1255 -1.85 -20.64 -26.63
CA HIS A 1255 -0.80 -21.42 -27.27
C HIS A 1255 -1.28 -22.84 -27.52
N PRO A 1256 -1.25 -23.33 -28.77
CA PRO A 1256 -1.61 -24.73 -29.02
C PRO A 1256 -0.67 -25.73 -28.35
N LEU A 1257 0.60 -25.38 -28.18
CA LEU A 1257 1.60 -26.27 -27.61
C LEU A 1257 1.62 -26.24 -26.08
N PHE A 1258 0.56 -25.74 -25.44
CA PHE A 1258 0.54 -25.68 -23.99
C PHE A 1258 0.33 -27.05 -23.36
N GLY A 1259 -0.36 -27.95 -24.07
CA GLY A 1259 -0.48 -29.31 -23.58
C GLY A 1259 0.86 -30.04 -23.54
N THR A 1260 1.67 -29.87 -24.59
CA THR A 1260 3.02 -30.42 -24.56
C THR A 1260 3.84 -29.76 -23.46
N PHE A 1261 3.63 -28.47 -23.21
CA PHE A 1261 4.34 -27.78 -22.14
C PHE A 1261 4.00 -28.38 -20.78
N MET A 1262 2.71 -28.62 -20.51
CA MET A 1262 2.38 -29.21 -19.21
C MET A 1262 2.84 -30.66 -19.12
N GLY A 1263 2.83 -31.39 -20.24
CA GLY A 1263 3.33 -32.76 -20.22
C GLY A 1263 4.81 -32.82 -19.89
N MET A 1264 5.60 -31.91 -20.46
CA MET A 1264 7.02 -31.86 -20.15
C MET A 1264 7.30 -31.28 -18.77
N LEU A 1265 6.41 -30.41 -18.27
CA LEU A 1265 6.59 -29.80 -16.96
C LEU A 1265 6.23 -30.77 -15.83
N ILE A 1266 5.31 -31.70 -16.08
CA ILE A 1266 4.96 -32.70 -15.08
C ILE A 1266 6.19 -33.56 -14.74
N SER A 1267 6.94 -33.93 -15.77
CA SER A 1267 8.13 -34.76 -15.57
C SER A 1267 9.21 -34.02 -14.78
N ASP A 1268 9.32 -32.71 -15.00
CA ASP A 1268 10.34 -31.89 -14.34
C ASP A 1268 9.67 -30.70 -13.67
N PRO A 1269 9.09 -30.88 -12.48
CA PRO A 1269 8.50 -29.75 -11.77
C PRO A 1269 9.58 -28.83 -11.20
N ASP A 1270 9.50 -27.55 -11.57
CA ASP A 1270 10.52 -26.59 -11.17
C ASP A 1270 10.04 -25.16 -11.35
N PRO A 1271 10.14 -24.32 -10.33
CA PRO A 1271 9.95 -22.87 -10.53
C PRO A 1271 11.04 -22.31 -11.43
N ALA A 1272 10.87 -21.04 -11.79
CA ALA A 1272 11.66 -20.32 -12.78
C ALA A 1272 11.55 -20.93 -14.18
N LEU A 1273 10.63 -21.88 -14.36
CA LEU A 1273 10.36 -22.46 -15.66
C LEU A 1273 8.87 -22.58 -15.95
N GLY A 1274 8.00 -22.22 -15.01
CA GLY A 1274 6.57 -22.19 -15.27
C GLY A 1274 5.73 -23.09 -14.38
N PHE A 1275 6.27 -23.54 -13.25
CA PHE A 1275 5.54 -24.39 -12.33
C PHE A 1275 5.16 -23.61 -11.08
N PHE A 1276 3.92 -23.78 -10.64
CA PHE A 1276 3.38 -23.07 -9.49
C PHE A 1276 3.44 -23.96 -8.25
N LEU A 1277 3.88 -23.39 -7.14
CA LEU A 1277 3.93 -24.08 -5.86
C LEU A 1277 2.79 -23.60 -4.97
N MET A 1278 2.09 -24.54 -4.33
CA MET A 1278 0.92 -24.24 -3.52
C MET A 1278 1.23 -24.43 -2.04
N ASP A 1279 0.71 -23.53 -1.22
CA ASP A 1279 0.87 -23.61 0.22
C ASP A 1279 0.04 -24.77 0.79
N ASN A 1280 0.37 -25.15 2.02
CA ASN A 1280 -0.46 -26.08 2.76
C ASN A 1280 -1.78 -25.40 3.10
N PRO A 1281 -2.92 -26.00 2.77
CA PRO A 1281 -4.21 -25.34 3.03
C PRO A 1281 -4.44 -25.00 4.50
N ALA A 1282 -3.88 -25.79 5.42
CA ALA A 1282 -4.04 -25.50 6.84
C ALA A 1282 -3.31 -24.23 7.24
N PHE A 1283 -2.25 -23.86 6.52
CA PHE A 1283 -1.44 -22.69 6.84
C PHE A 1283 -1.10 -21.93 5.57
N ALA A 1284 -2.10 -21.71 4.72
CA ALA A 1284 -1.88 -21.04 3.44
C ALA A 1284 -1.73 -19.54 3.65
N GLY A 1285 -0.68 -18.96 3.07
CA GLY A 1285 -0.41 -17.55 3.18
C GLY A 1285 0.53 -17.17 4.31
N GLY A 1286 0.51 -17.92 5.42
CA GLY A 1286 1.39 -17.61 6.53
C GLY A 1286 2.83 -17.98 6.29
N ALA A 1287 3.09 -18.87 5.33
CA ALA A 1287 4.44 -19.29 4.98
C ALA A 1287 4.79 -18.74 3.60
N GLY A 1288 5.98 -18.14 3.49
CA GLY A 1288 6.40 -17.51 2.25
C GLY A 1288 6.78 -18.52 1.19
N PHE A 1289 7.32 -17.99 0.08
CA PHE A 1289 7.72 -18.84 -1.03
C PHE A 1289 8.94 -19.68 -0.69
N ARG A 1290 9.78 -19.20 0.24
CA ARG A 1290 10.97 -19.96 0.62
C ARG A 1290 10.60 -21.27 1.29
N PHE A 1291 9.56 -21.25 2.15
CA PHE A 1291 9.12 -22.48 2.79
C PHE A 1291 8.60 -23.48 1.77
N ASN A 1292 7.85 -23.01 0.78
CA ASN A 1292 7.37 -23.89 -0.28
C ASN A 1292 8.53 -24.46 -1.09
N LEU A 1293 9.52 -23.62 -1.41
CA LEU A 1293 10.67 -24.10 -2.17
C LEU A 1293 11.50 -25.08 -1.35
N TRP A 1294 11.62 -24.83 -0.04
CA TRP A 1294 12.31 -25.77 0.83
C TRP A 1294 11.59 -27.12 0.89
N ARG A 1295 10.26 -27.09 1.01
CA ARG A 1295 9.49 -28.32 1.04
C ARG A 1295 9.60 -29.07 -0.28
N ALA A 1296 9.60 -28.34 -1.40
CA ALA A 1296 9.81 -28.97 -2.71
C ALA A 1296 11.20 -29.59 -2.79
N CYS A 1297 12.22 -28.89 -2.29
CA CYS A 1297 13.57 -29.44 -2.29
C CYS A 1297 13.64 -30.74 -1.49
N LYS A 1298 12.96 -30.77 -0.34
CA LYS A 1298 12.99 -31.96 0.51
C LYS A 1298 12.10 -33.09 -0.03
N THR A 1299 11.10 -32.79 -0.85
CA THR A 1299 10.07 -33.76 -1.16
C THR A 1299 9.96 -34.14 -2.63
N THR A 1300 10.72 -33.52 -3.54
CA THR A 1300 10.63 -33.93 -4.94
C THR A 1300 12.00 -33.83 -5.57
N ASP A 1301 12.07 -34.03 -6.89
CA ASP A 1301 13.32 -34.19 -7.63
C ASP A 1301 14.07 -32.89 -7.85
N LEU A 1302 13.53 -31.75 -7.42
CA LEU A 1302 14.24 -30.48 -7.55
C LEU A 1302 15.53 -30.49 -6.74
N GLY A 1303 15.58 -31.31 -5.68
CA GLY A 1303 16.80 -31.45 -4.90
C GLY A 1303 17.95 -31.99 -5.73
N ARG A 1304 17.65 -32.88 -6.69
CA ARG A 1304 18.68 -33.36 -7.60
C ARG A 1304 19.28 -32.21 -8.41
N LYS A 1305 18.42 -31.34 -8.94
CA LYS A 1305 18.87 -30.20 -9.73
C LYS A 1305 19.72 -29.25 -8.91
N TYR A 1306 19.32 -28.95 -7.69
CA TYR A 1306 20.13 -28.06 -6.85
C TYR A 1306 21.42 -28.74 -6.40
N ALA A 1307 21.37 -30.07 -6.17
CA ALA A 1307 22.55 -30.79 -5.74
C ALA A 1307 23.64 -30.77 -6.81
N TYR A 1308 23.26 -31.04 -8.06
CA TYR A 1308 24.26 -30.95 -9.12
C TYR A 1308 24.66 -29.49 -9.35
N TYR A 1309 23.72 -28.56 -9.16
CA TYR A 1309 24.01 -27.15 -9.40
C TYR A 1309 25.07 -26.61 -8.45
N PHE A 1310 25.05 -27.06 -7.19
CA PHE A 1310 25.99 -26.54 -6.21
C PHE A 1310 27.00 -27.56 -5.71
N ASN A 1311 26.55 -28.74 -5.29
CA ASN A 1311 27.46 -29.71 -4.67
C ASN A 1311 28.47 -30.25 -5.68
N GLU A 1312 27.99 -30.72 -6.82
CA GLU A 1312 28.85 -31.38 -7.80
C GLU A 1312 29.06 -30.45 -8.99
N ILE A 1313 30.04 -29.57 -8.86
CA ILE A 1313 30.42 -28.64 -9.93
C ILE A 1313 31.85 -28.18 -9.67
N GLN A 1314 32.62 -28.04 -10.74
CA GLN A 1314 33.99 -27.56 -10.64
C GLN A 1314 34.35 -26.48 -11.64
N GLY A 1315 33.67 -26.39 -12.78
CA GLY A 1315 33.98 -25.37 -13.78
C GLY A 1315 35.11 -25.77 -14.70
N HIS A 1336 21.49 -20.26 -13.46
CA HIS A 1336 20.09 -20.66 -13.41
C HIS A 1336 19.23 -19.40 -13.52
N SER A 1337 17.91 -19.58 -13.49
CA SER A 1337 16.90 -18.53 -13.63
C SER A 1337 16.93 -17.92 -15.04
N VAL A 1338 15.90 -17.14 -15.38
CA VAL A 1338 15.75 -16.64 -16.74
C VAL A 1338 15.31 -15.18 -16.73
N MET A 1339 15.73 -14.42 -17.75
CA MET A 1339 15.23 -13.08 -17.98
C MET A 1339 14.48 -13.07 -19.30
N VAL A 1340 13.53 -12.14 -19.42
CA VAL A 1340 12.63 -12.10 -20.57
C VAL A 1340 12.54 -10.71 -21.20
N TYR A 1341 12.99 -9.66 -20.50
CA TYR A 1341 13.06 -8.30 -21.04
C TYR A 1341 11.69 -7.77 -21.48
N TRP A 1342 10.79 -7.59 -20.52
CA TRP A 1342 9.61 -6.78 -20.79
C TRP A 1342 10.03 -5.33 -21.04
N GLY A 1343 9.36 -4.68 -21.99
CA GLY A 1343 9.73 -3.35 -22.40
C GLY A 1343 10.73 -3.38 -23.56
N ASP A 1344 10.92 -2.21 -24.16
CA ASP A 1344 11.79 -2.11 -25.32
C ASP A 1344 13.26 -2.19 -24.90
N ARG A 1345 14.15 -2.16 -25.88
CA ARG A 1345 15.59 -2.31 -25.63
C ARG A 1345 16.36 -1.05 -26.00
N LYS A 1346 15.91 -0.28 -26.99
CA LYS A 1346 16.67 0.86 -27.49
C LYS A 1346 16.74 1.99 -26.49
N LYS A 1347 15.70 2.18 -25.68
CA LYS A 1347 15.74 3.24 -24.67
C LYS A 1347 16.76 2.92 -23.57
N TYR A 1348 16.89 1.64 -23.21
CA TYR A 1348 17.96 1.25 -22.29
C TYR A 1348 19.32 1.50 -22.92
N GLN A 1349 19.47 1.16 -24.21
CA GLN A 1349 20.70 1.47 -24.92
C GLN A 1349 20.93 2.97 -25.03
N ALA A 1350 19.86 3.72 -25.32
CA ALA A 1350 19.96 5.17 -25.35
C ALA A 1350 20.18 5.77 -23.96
N LEU A 1351 20.03 4.98 -22.90
CA LEU A 1351 20.35 5.46 -21.57
C LEU A 1351 21.83 5.28 -21.26
N LEU A 1352 22.38 4.11 -21.61
CA LEU A 1352 23.75 3.77 -21.21
C LEU A 1352 24.78 4.71 -21.83
N ASN A 1353 24.61 5.05 -23.12
CA ASN A 1353 25.59 5.91 -23.78
C ASN A 1353 25.57 7.33 -23.21
N ARG A 1354 24.45 7.75 -22.62
CA ARG A 1354 24.40 9.05 -21.98
C ARG A 1354 25.16 9.05 -20.66
N MET A 1355 25.21 7.91 -19.97
CA MET A 1355 25.95 7.82 -18.72
C MET A 1355 27.45 7.94 -18.97
N GLY A 1356 28.19 8.29 -17.92
CA GLY A 1356 29.63 8.36 -18.00
C GLY A 1356 30.28 7.06 -17.58
N LEU A 1357 29.51 5.98 -17.61
CA LEU A 1357 30.00 4.68 -17.16
C LEU A 1357 31.13 4.19 -18.07
N PRO A 1358 32.23 3.69 -17.50
CA PRO A 1358 33.29 3.13 -18.33
C PRO A 1358 32.82 1.86 -19.03
N GLU A 1359 33.35 1.64 -20.24
CA GLU A 1359 32.99 0.45 -21.00
C GLU A 1359 33.64 -0.80 -20.42
N ASP A 1360 34.75 -0.65 -19.71
CA ASP A 1360 35.51 -1.76 -19.16
C ASP A 1360 35.21 -1.99 -17.68
N TRP A 1361 33.99 -1.67 -17.23
CA TRP A 1361 33.68 -1.67 -15.81
C TRP A 1361 33.78 -3.07 -15.20
N VAL A 1362 33.52 -4.11 -15.98
CA VAL A 1362 33.39 -5.45 -15.42
C VAL A 1362 34.74 -5.97 -14.91
N GLU A 1363 35.83 -5.66 -15.61
CA GLU A 1363 37.13 -6.16 -15.17
C GLU A 1363 37.78 -5.29 -14.10
N GLN A 1364 37.30 -4.06 -13.87
CA GLN A 1364 37.77 -3.32 -12.71
C GLN A 1364 37.21 -3.86 -11.41
N ILE A 1365 36.14 -4.65 -11.46
CA ILE A 1365 35.60 -5.28 -10.26
C ILE A 1365 36.58 -6.32 -9.71
N ASP A 1366 37.29 -7.01 -10.60
CA ASP A 1366 38.15 -8.12 -10.19
C ASP A 1366 39.26 -7.64 -9.25
N GLU A 1367 40.01 -6.61 -9.64
CA GLU A 1367 40.98 -6.03 -8.74
C GLU A 1367 40.27 -5.16 -7.71
N ASN A 1368 40.75 -5.23 -6.46
CA ASN A 1368 40.11 -4.63 -5.29
C ASN A 1368 38.66 -5.06 -5.22
N PRO A 1369 38.37 -6.32 -4.86
CA PRO A 1369 36.97 -6.79 -4.87
C PRO A 1369 36.14 -6.27 -3.70
N GLY A 1370 36.71 -5.35 -2.92
CA GLY A 1370 35.99 -4.73 -1.83
C GLY A 1370 35.05 -3.63 -2.23
N VAL A 1371 34.99 -3.29 -3.52
CA VAL A 1371 34.07 -2.25 -3.97
C VAL A 1371 32.62 -2.69 -3.80
N LEU A 1372 32.34 -3.98 -3.99
CA LEU A 1372 30.99 -4.50 -3.87
C LEU A 1372 30.57 -4.74 -2.43
N TYR A 1373 31.48 -4.58 -1.47
CA TYR A 1373 31.20 -4.80 -0.07
C TYR A 1373 31.41 -3.57 0.80
N ARG A 1374 32.40 -2.75 0.49
CA ARG A 1374 32.57 -1.46 1.14
C ARG A 1374 31.91 -0.39 0.27
N ARG A 1375 31.06 0.43 0.89
CA ARG A 1375 30.16 1.28 0.11
C ARG A 1375 30.92 2.41 -0.60
N ALA A 1376 31.87 3.05 0.08
CA ALA A 1376 32.57 4.19 -0.50
C ALA A 1376 33.83 4.56 0.28
N ALA A 1377 34.97 4.61 -0.40
CA ALA A 1377 36.20 5.13 0.18
C ALA A 1377 36.73 6.33 -0.59
N ASN A 1378 36.93 6.19 -1.91
CA ASN A 1378 37.43 7.23 -2.79
C ASN A 1378 36.41 7.51 -3.90
N LYS A 1379 36.84 8.30 -4.88
CA LYS A 1379 35.97 8.62 -6.00
C LYS A 1379 36.15 7.65 -7.16
N LYS A 1380 37.29 6.94 -7.22
CA LYS A 1380 37.56 6.07 -8.35
C LYS A 1380 36.58 4.90 -8.42
N GLU A 1381 36.25 4.30 -7.28
CA GLU A 1381 35.28 3.20 -7.26
C GLU A 1381 33.84 3.68 -7.44
N LEU A 1382 33.64 4.99 -7.42
CA LEU A 1382 32.37 5.55 -7.86
C LEU A 1382 32.28 5.52 -9.38
N LEU A 1383 31.04 5.48 -9.86
CA LEU A 1383 30.58 5.13 -11.21
C LEU A 1383 30.72 3.63 -11.44
N LEU A 1384 31.54 2.96 -10.63
CA LEU A 1384 31.57 1.49 -10.64
C LEU A 1384 30.54 0.93 -9.68
N LYS A 1385 30.43 1.56 -8.51
CA LYS A 1385 29.27 1.32 -7.65
C LYS A 1385 27.97 1.59 -8.41
N LEU A 1386 27.93 2.68 -9.18
CA LEU A 1386 26.71 3.01 -9.91
C LEU A 1386 26.46 2.03 -11.06
N ALA A 1387 27.52 1.55 -11.71
CA ALA A 1387 27.35 0.55 -12.77
C ALA A 1387 26.83 -0.76 -12.21
N GLU A 1388 27.38 -1.23 -11.10
CA GLU A 1388 26.88 -2.47 -10.51
C GLU A 1388 25.49 -2.28 -9.93
N LYS A 1389 25.14 -1.04 -9.56
CA LYS A 1389 23.76 -0.76 -9.16
C LYS A 1389 22.80 -0.84 -10.34
N VAL A 1390 23.14 -0.19 -11.46
CA VAL A 1390 22.21 -0.10 -12.58
C VAL A 1390 22.12 -1.43 -13.30
N HIS A 1391 23.15 -2.27 -13.21
CA HIS A 1391 23.14 -3.56 -13.88
C HIS A 1391 22.47 -4.66 -13.07
N SER A 1392 21.78 -4.32 -11.99
CA SER A 1392 21.03 -5.30 -11.24
C SER A 1392 19.87 -5.84 -12.08
N PRO A 1393 19.49 -7.11 -11.89
CA PRO A 1393 18.37 -7.66 -12.66
C PRO A 1393 17.04 -6.93 -12.44
N GLY A 1394 16.82 -6.37 -11.25
CA GLY A 1394 15.58 -5.68 -10.97
C GLY A 1394 15.49 -4.29 -11.57
N VAL A 1395 16.63 -3.70 -11.93
CA VAL A 1395 16.64 -2.34 -12.48
C VAL A 1395 16.00 -2.32 -13.86
N THR A 1396 16.23 -3.37 -14.65
CA THR A 1396 15.71 -3.41 -16.02
C THR A 1396 14.18 -3.35 -16.03
N SER A 1397 13.53 -4.05 -15.11
CA SER A 1397 12.08 -3.99 -15.01
C SER A 1397 11.61 -2.61 -14.57
N SER A 1398 12.45 -1.86 -13.84
CA SER A 1398 12.08 -0.52 -13.39
C SER A 1398 12.04 0.50 -14.53
N LEU A 1399 12.78 0.26 -15.62
CA LEU A 1399 12.69 1.15 -16.77
C LEU A 1399 11.32 1.08 -17.42
N SER A 1400 10.71 -0.10 -17.42
CA SER A 1400 9.39 -0.26 -18.02
C SER A 1400 8.32 0.42 -17.15
N LYS A 1401 7.45 1.18 -17.81
CA LYS A 1401 6.35 1.85 -17.15
C LYS A 1401 5.18 0.87 -17.05
N GLY A 1402 4.00 1.36 -16.70
CA GLY A 1402 2.82 0.52 -16.61
C GLY A 1402 2.21 0.11 -17.94
N HIS A 1403 2.84 0.49 -19.05
CA HIS A 1403 2.32 0.15 -20.38
C HIS A 1403 2.73 -1.24 -20.85
N VAL A 1404 3.52 -1.98 -20.05
CA VAL A 1404 3.96 -3.30 -20.45
C VAL A 1404 3.02 -4.40 -20.00
N VAL A 1405 1.97 -4.07 -19.25
CA VAL A 1405 0.97 -5.08 -18.87
C VAL A 1405 0.28 -5.69 -20.10
N PRO A 1406 -0.20 -4.90 -21.08
CA PRO A 1406 -0.71 -5.53 -22.31
C PRO A 1406 0.33 -6.36 -23.05
N ARG A 1407 1.61 -6.00 -22.99
CA ARG A 1407 2.63 -6.85 -23.60
C ARG A 1407 2.79 -8.17 -22.86
N VAL A 1408 2.70 -8.17 -21.53
CA VAL A 1408 2.74 -9.41 -20.77
C VAL A 1408 1.53 -10.27 -21.12
N VAL A 1409 0.35 -9.66 -21.28
CA VAL A 1409 -0.83 -10.41 -21.68
C VAL A 1409 -0.65 -10.99 -23.08
N ALA A 1410 -0.13 -10.19 -24.01
CA ALA A 1410 0.03 -10.61 -25.40
C ALA A 1410 1.19 -11.57 -25.62
N ALA A 1411 2.09 -11.72 -24.64
CA ALA A 1411 3.26 -12.55 -24.82
C ALA A 1411 2.97 -14.04 -24.66
N GLY A 1412 1.77 -14.40 -24.24
CA GLY A 1412 1.42 -15.81 -24.06
C GLY A 1412 1.41 -16.62 -25.33
N VAL A 1413 1.44 -15.99 -26.49
CA VAL A 1413 1.41 -16.71 -27.75
C VAL A 1413 2.79 -17.15 -28.21
N TYR A 1414 3.86 -16.67 -27.58
CA TYR A 1414 5.21 -17.03 -28.02
C TYR A 1414 6.15 -17.36 -26.87
N LEU A 1415 5.67 -17.43 -25.62
CA LEU A 1415 6.55 -17.78 -24.51
C LEU A 1415 7.07 -19.21 -24.64
N LEU A 1416 6.18 -20.15 -24.95
CA LEU A 1416 6.58 -21.55 -25.01
C LEU A 1416 7.39 -21.86 -26.27
N SER A 1417 6.98 -21.33 -27.43
CA SER A 1417 7.56 -21.76 -28.70
C SER A 1417 8.74 -20.89 -29.12
N ARG A 1418 8.54 -19.58 -29.22
CA ARG A 1418 9.59 -18.70 -29.70
C ARG A 1418 10.63 -18.44 -28.62
N HIS A 1419 11.79 -17.93 -29.06
CA HIS A 1419 12.98 -17.80 -28.23
C HIS A 1419 13.05 -16.38 -27.69
N CYS A 1420 12.60 -16.21 -26.45
CA CYS A 1420 12.61 -14.91 -25.79
C CYS A 1420 13.33 -14.92 -24.45
N PHE A 1421 13.83 -16.07 -24.00
CA PHE A 1421 14.49 -16.19 -22.71
C PHE A 1421 16.00 -16.21 -22.89
N ARG A 1422 16.71 -15.70 -21.89
CA ARG A 1422 18.17 -15.78 -21.85
C ARG A 1422 18.57 -16.46 -20.55
N PHE A 1423 19.65 -17.25 -20.61
CA PHE A 1423 20.11 -17.96 -19.42
C PHE A 1423 21.00 -17.04 -18.59
N SER A 1424 20.49 -16.62 -17.43
CA SER A 1424 21.24 -15.73 -16.55
C SER A 1424 22.42 -16.44 -15.90
N GLY A 1431 24.82 -13.01 -21.22
CA GLY A 1431 24.37 -14.12 -22.05
C GLY A 1431 23.54 -13.66 -23.23
N SER A 1432 23.95 -12.56 -23.86
CA SER A 1432 23.22 -12.05 -25.02
C SER A 1432 23.48 -12.90 -26.25
N THR A 1433 24.56 -13.69 -26.24
CA THR A 1433 24.89 -14.52 -27.39
C THR A 1433 23.85 -15.61 -27.60
N GLN A 1434 23.36 -16.22 -26.53
CA GLN A 1434 22.44 -17.34 -26.61
C GLN A 1434 21.04 -16.92 -26.19
N LYS A 1435 20.04 -17.40 -26.94
CA LYS A 1435 18.64 -17.22 -26.60
C LYS A 1435 17.95 -18.58 -26.71
N ALA A 1436 16.98 -18.81 -25.83
CA ALA A 1436 16.32 -20.11 -25.79
C ALA A 1436 14.84 -19.92 -25.51
N SER A 1437 14.05 -20.86 -26.02
CA SER A 1437 12.62 -20.91 -25.78
C SER A 1437 12.34 -21.63 -24.46
N LEU A 1438 11.09 -21.56 -24.02
CA LEU A 1438 10.71 -22.21 -22.77
C LEU A 1438 10.73 -23.73 -22.92
N ILE A 1439 10.23 -24.25 -24.05
CA ILE A 1439 10.29 -25.69 -24.30
C ILE A 1439 11.74 -26.16 -24.43
N LYS A 1440 12.56 -25.37 -25.11
CA LYS A 1440 13.97 -25.73 -25.25
C LYS A 1440 14.68 -25.73 -23.90
N LEU A 1441 14.38 -24.75 -23.05
CA LEU A 1441 14.99 -24.70 -21.73
C LEU A 1441 14.52 -25.87 -20.87
N LEU A 1442 13.24 -26.23 -20.97
CA LEU A 1442 12.71 -27.36 -20.22
C LEU A 1442 13.35 -28.67 -20.67
N MET A 1443 13.56 -28.85 -21.97
CA MET A 1443 14.20 -30.08 -22.42
C MET A 1443 15.69 -30.09 -22.14
N MET A 1444 16.35 -28.92 -22.09
CA MET A 1444 17.73 -28.86 -21.63
C MET A 1444 17.82 -29.24 -20.15
N SER A 1445 16.81 -28.84 -19.37
CA SER A 1445 16.73 -29.35 -17.99
C SER A 1445 16.53 -30.85 -18.00
N SER A 1446 15.75 -31.37 -18.96
CA SER A 1446 15.65 -32.81 -19.13
C SER A 1446 16.95 -33.39 -19.69
N ILE A 1447 17.65 -32.62 -20.53
CA ILE A 1447 18.97 -33.04 -20.99
C ILE A 1447 19.95 -33.01 -19.82
N SER A 1448 19.84 -32.00 -18.95
CA SER A 1448 20.73 -31.91 -17.79
C SER A 1448 20.43 -33.00 -16.77
N ALA A 1449 19.30 -33.69 -16.93
CA ALA A 1449 18.95 -34.78 -16.02
C ALA A 1449 19.90 -35.96 -16.21
N MET A 1450 19.67 -37.02 -15.41
CA MET A 1450 20.42 -38.27 -15.34
C MET A 1450 21.91 -38.03 -15.08
N LYS A 1451 22.29 -36.80 -14.75
CA LYS A 1451 23.64 -36.49 -14.32
C LYS A 1451 23.68 -35.99 -12.89
N HIS A 1452 22.53 -35.62 -12.32
CA HIS A 1452 22.43 -35.12 -10.95
C HIS A 1452 22.70 -36.26 -9.99
N GLY A 1453 23.63 -36.05 -9.06
CA GLY A 1453 24.03 -37.09 -8.15
C GLY A 1453 23.81 -36.69 -6.71
N GLY A 1454 23.42 -37.67 -5.90
CA GLY A 1454 23.18 -37.46 -4.49
C GLY A 1454 21.91 -36.68 -4.20
N SER A 1455 21.94 -35.89 -3.13
CA SER A 1455 20.82 -35.05 -2.71
C SER A 1455 21.41 -33.86 -1.97
N LEU A 1456 20.56 -33.14 -1.24
CA LEU A 1456 21.04 -31.97 -0.49
C LEU A 1456 21.87 -32.42 0.71
N ASN A 1457 23.12 -31.98 0.73
CA ASN A 1457 23.96 -32.16 1.91
C ASN A 1457 23.34 -31.39 3.07
N PRO A 1458 23.31 -31.97 4.27
CA PRO A 1458 22.67 -31.26 5.41
C PRO A 1458 23.28 -29.90 5.70
N ASN A 1459 24.53 -29.65 5.31
CA ASN A 1459 25.07 -28.30 5.42
C ASN A 1459 24.49 -27.39 4.35
N GLN A 1460 24.16 -27.95 3.17
CA GLN A 1460 23.51 -27.15 2.12
C GLN A 1460 22.12 -26.70 2.55
N GLU A 1461 21.38 -27.57 3.24
CA GLU A 1461 20.06 -27.20 3.73
C GLU A 1461 20.12 -26.05 4.73
N ARG A 1462 21.23 -25.90 5.44
CA ARG A 1462 21.40 -24.77 6.35
C ARG A 1462 21.91 -23.53 5.62
N MET A 1463 22.78 -23.72 4.63
CA MET A 1463 23.35 -22.57 3.92
C MET A 1463 22.31 -21.91 3.01
N LEU A 1464 21.67 -22.69 2.13
CA LEU A 1464 20.67 -22.14 1.23
C LEU A 1464 19.44 -21.64 1.98
N PHE A 1465 19.02 -22.38 3.01
CA PHE A 1465 17.85 -22.02 3.80
C PHE A 1465 18.29 -21.87 5.26
N PRO A 1466 18.69 -20.66 5.66
CA PRO A 1466 19.03 -20.46 7.04
C PRO A 1466 17.88 -20.35 8.05
N GLN A 1467 16.63 -20.62 7.65
CA GLN A 1467 15.55 -20.95 8.57
C GLN A 1467 15.08 -22.42 8.45
N ALA A 1468 15.98 -23.33 8.08
CA ALA A 1468 15.57 -24.71 7.80
C ALA A 1468 15.03 -25.42 9.04
N GLN A 1469 15.62 -25.17 10.20
CA GLN A 1469 15.23 -25.89 11.41
C GLN A 1469 13.79 -25.60 11.80
N GLU A 1470 13.43 -24.32 11.90
CA GLU A 1470 12.04 -23.99 12.20
C GLU A 1470 11.13 -24.18 10.99
N TYR A 1471 11.68 -24.25 9.78
CA TYR A 1471 10.88 -24.74 8.65
C TYR A 1471 10.42 -26.16 8.90
N ASP A 1472 11.33 -27.02 9.34
CA ASP A 1472 10.96 -28.39 9.69
C ASP A 1472 10.01 -28.40 10.88
N ARG A 1473 10.24 -27.52 11.86
CA ARG A 1473 9.37 -27.44 13.03
C ARG A 1473 7.94 -27.10 12.64
N VAL A 1474 7.76 -26.13 11.73
CA VAL A 1474 6.44 -25.82 11.21
C VAL A 1474 5.89 -27.01 10.42
N CYS A 1475 6.77 -27.70 9.68
CA CYS A 1475 6.32 -28.83 8.87
C CYS A 1475 5.72 -29.94 9.72
N THR A 1476 6.35 -30.24 10.86
CA THR A 1476 5.78 -31.22 11.79
C THR A 1476 4.48 -30.72 12.40
N LEU A 1477 4.43 -29.44 12.75
CA LEU A 1477 3.22 -28.87 13.34
C LEU A 1477 2.05 -28.83 12.37
N LEU A 1478 2.31 -28.94 11.07
CA LEU A 1478 1.25 -29.00 10.07
C LEU A 1478 0.85 -30.43 9.72
N GLU A 1479 1.42 -31.44 10.39
CA GLU A 1479 1.15 -32.82 10.03
C GLU A 1479 -0.12 -33.35 10.67
N GLU A 1480 -0.38 -32.99 11.93
CA GLU A 1480 -1.57 -33.50 12.60
C GLU A 1480 -2.85 -32.91 12.03
N VAL A 1481 -2.76 -31.75 11.36
CA VAL A 1481 -3.91 -31.20 10.66
C VAL A 1481 -3.94 -31.74 9.23
N GLU A 1482 -4.51 -32.95 9.09
CA GLU A 1482 -4.54 -33.65 7.81
C GLU A 1482 -5.92 -34.13 7.42
N HIS A 1483 -6.84 -34.29 8.36
CA HIS A 1483 -8.18 -34.77 8.08
C HIS A 1483 -9.18 -33.67 8.43
N LEU A 1484 -10.15 -33.44 7.54
CA LEU A 1484 -11.18 -32.43 7.77
C LEU A 1484 -12.15 -33.01 8.79
N THR A 1485 -11.79 -32.87 10.06
CA THR A 1485 -12.62 -33.30 11.18
C THR A 1485 -12.66 -32.17 12.19
N GLY A 1486 -13.86 -31.83 12.65
CA GLY A 1486 -14.00 -30.75 13.60
C GLY A 1486 -15.45 -30.52 13.98
N LYS A 1487 -15.66 -29.48 14.77
CA LYS A 1487 -16.97 -29.12 15.28
C LYS A 1487 -17.24 -27.66 14.97
N PHE A 1488 -18.52 -27.32 14.83
CA PHE A 1488 -18.96 -25.95 14.61
C PHE A 1488 -19.33 -25.34 15.96
N VAL A 1489 -18.56 -24.32 16.35
CA VAL A 1489 -18.76 -23.65 17.63
C VAL A 1489 -18.96 -22.16 17.36
N VAL A 1490 -19.85 -21.54 18.13
CA VAL A 1490 -20.15 -20.12 17.96
C VAL A 1490 -18.91 -19.30 18.30
N ARG A 1491 -18.57 -18.36 17.42
CA ARG A 1491 -17.39 -17.53 17.61
C ARG A 1491 -17.71 -16.32 18.47
N GLU A 1492 -16.85 -16.06 19.46
CA GLU A 1492 -16.94 -14.84 20.24
C GLU A 1492 -16.47 -13.65 19.40
N ARG A 1493 -17.14 -12.52 19.55
CA ARG A 1493 -16.81 -11.33 18.78
C ARG A 1493 -15.83 -10.44 19.56
N ASN A 1494 -14.64 -10.99 19.77
CA ASN A 1494 -13.55 -10.25 20.41
C ASN A 1494 -12.35 -10.33 19.49
N ILE A 1495 -12.56 -10.07 18.21
CA ILE A 1495 -11.51 -10.19 17.20
C ILE A 1495 -10.60 -8.98 17.31
N VAL A 1496 -9.34 -9.23 17.72
CA VAL A 1496 -8.36 -8.18 17.88
C VAL A 1496 -7.08 -8.60 17.15
N ARG A 1497 -6.20 -7.62 16.96
CA ARG A 1497 -4.93 -7.86 16.28
C ARG A 1497 -4.02 -8.73 17.14
N SER A 1498 -3.38 -9.72 16.50
CA SER A 1498 -2.47 -10.62 17.18
C SER A 1498 -1.28 -10.90 16.27
N ARG A 1499 -0.07 -10.75 16.81
CA ARG A 1499 1.16 -10.92 16.05
C ARG A 1499 1.77 -12.27 16.39
N ILE A 1500 2.05 -13.07 15.36
CA ILE A 1500 2.72 -14.36 15.53
C ILE A 1500 4.19 -14.19 15.17
N ASP A 1501 5.07 -14.64 16.06
CA ASP A 1501 6.51 -14.56 15.87
C ASP A 1501 7.02 -15.94 15.46
N LEU A 1502 7.02 -16.20 14.16
CA LEU A 1502 7.52 -17.45 13.60
C LEU A 1502 8.67 -17.16 12.65
N PHE A 1503 9.52 -18.17 12.46
CA PHE A 1503 10.79 -18.05 11.73
C PHE A 1503 11.64 -16.93 12.30
N ALA A 1513 25.01 -14.14 6.03
CA ALA A 1513 26.37 -14.59 5.72
C ALA A 1513 27.33 -13.41 5.60
N GLU A 1514 27.16 -12.42 6.49
CA GLU A 1514 28.02 -11.24 6.47
C GLU A 1514 29.42 -11.53 6.99
N ASP A 1515 29.57 -12.54 7.85
CA ASP A 1515 30.89 -12.90 8.36
C ASP A 1515 31.79 -13.48 7.28
N LEU A 1516 31.21 -13.96 6.18
CA LEU A 1516 32.02 -14.45 5.06
C LEU A 1516 32.81 -13.31 4.43
N VAL A 1517 32.30 -12.09 4.53
CA VAL A 1517 32.93 -10.91 3.94
C VAL A 1517 33.82 -10.18 4.93
N SER A 1518 33.32 -9.96 6.15
CA SER A 1518 34.03 -9.15 7.14
C SER A 1518 35.33 -9.82 7.63
N GLU A 1519 35.53 -11.10 7.34
CA GLU A 1519 36.74 -11.79 7.73
C GLU A 1519 37.31 -12.53 6.54
N VAL A 1520 38.56 -13.01 6.69
CA VAL A 1520 39.26 -13.82 5.70
C VAL A 1520 39.56 -13.00 4.45
N TRP A 1521 38.51 -12.59 3.74
CA TRP A 1521 38.72 -11.81 2.51
C TRP A 1521 39.17 -10.39 2.82
N PHE A 1522 38.52 -9.74 3.78
CA PHE A 1522 38.79 -8.34 4.07
C PHE A 1522 38.86 -8.15 5.57
N GLY A 1523 39.56 -7.10 5.99
CA GLY A 1523 39.69 -6.78 7.40
C GLY A 1523 38.44 -6.15 7.98
N GLU A 1537 39.47 -15.96 16.27
CA GLU A 1537 38.13 -16.25 16.79
C GLU A 1537 37.12 -16.35 15.66
N TRP A 1538 36.23 -17.34 15.76
CA TRP A 1538 35.16 -17.59 14.81
C TRP A 1538 35.66 -17.85 13.39
N ASP A 1539 36.92 -18.23 13.25
CA ASP A 1539 37.44 -18.62 11.94
C ASP A 1539 37.02 -20.03 11.55
N LYS A 1540 36.56 -20.84 12.51
CA LYS A 1540 36.08 -22.17 12.21
C LYS A 1540 34.74 -22.15 11.48
N LEU A 1541 34.03 -21.02 11.51
CA LEU A 1541 32.78 -20.92 10.77
C LEU A 1541 33.01 -20.99 9.27
N ARG A 1542 34.12 -20.42 8.79
CA ARG A 1542 34.50 -20.60 7.39
C ARG A 1542 34.83 -22.07 7.12
N ALA A 1543 35.48 -22.73 8.07
CA ALA A 1543 35.70 -24.17 7.95
C ALA A 1543 34.38 -24.92 8.02
N SER A 1544 33.41 -24.42 8.80
CA SER A 1544 32.09 -25.03 8.83
C SER A 1544 31.36 -24.83 7.50
N PHE A 1545 31.69 -23.75 6.77
CA PHE A 1545 31.13 -23.56 5.44
C PHE A 1545 31.58 -24.68 4.50
N ALA A 1546 32.87 -25.02 4.55
CA ALA A 1546 33.43 -26.22 3.89
C ALA A 1546 33.27 -26.17 2.37
N TRP A 1547 33.46 -25.00 1.76
CA TRP A 1547 33.60 -24.89 0.32
C TRP A 1547 34.56 -23.75 0.00
N LEU A 1548 34.91 -23.65 -1.29
CA LEU A 1548 35.70 -22.55 -1.85
C LEU A 1548 37.13 -22.57 -1.32
N SER A 1549 38.01 -21.75 -1.91
CA SER A 1549 39.39 -21.65 -1.50
C SER A 1549 39.63 -20.30 -0.81
N THR A 1550 40.64 -20.28 0.06
CA THR A 1550 40.93 -19.11 0.89
C THR A 1550 41.73 -18.07 0.09
N ASP A 1551 41.03 -17.42 -0.84
CA ASP A 1551 41.60 -16.34 -1.63
C ASP A 1551 40.44 -15.52 -2.19
N PRO A 1552 40.43 -14.20 -1.94
CA PRO A 1552 39.35 -13.35 -2.47
C PRO A 1552 39.25 -13.35 -3.98
N SER A 1553 40.39 -13.42 -4.66
CA SER A 1553 40.43 -13.37 -6.12
C SER A 1553 40.64 -14.77 -6.69
N GLU A 1554 40.50 -14.87 -8.02
CA GLU A 1554 40.73 -16.10 -8.77
C GLU A 1554 39.83 -17.23 -8.30
N THR A 1555 40.35 -18.07 -7.40
CA THR A 1555 39.69 -19.18 -6.70
C THR A 1555 38.94 -20.14 -7.63
N LEU A 1556 39.22 -20.09 -8.93
CA LEU A 1556 38.65 -21.00 -9.95
C LEU A 1556 37.13 -20.84 -9.91
N ARG A 1557 36.35 -21.92 -9.97
CA ARG A 1557 34.89 -21.86 -9.99
C ARG A 1557 34.34 -22.85 -8.97
N ASP A 1558 34.08 -22.37 -7.76
CA ASP A 1558 33.35 -23.18 -6.79
C ASP A 1558 31.93 -23.44 -7.27
N GLY A 1559 31.30 -22.44 -7.87
CA GLY A 1559 30.02 -22.60 -8.51
C GLY A 1559 30.01 -21.91 -9.87
N PRO A 1560 28.81 -21.73 -10.45
CA PRO A 1560 28.67 -21.04 -11.74
C PRO A 1560 28.77 -19.53 -11.62
N PHE A 1561 29.87 -19.05 -11.05
CA PHE A 1561 30.10 -17.62 -10.81
C PHE A 1561 31.18 -17.14 -11.79
N LEU A 1562 30.75 -16.70 -12.97
CA LEU A 1562 31.70 -16.23 -13.97
C LEU A 1562 32.26 -14.86 -13.63
N SER A 1563 31.49 -14.03 -12.93
CA SER A 1563 31.92 -12.68 -12.56
C SER A 1563 31.72 -12.48 -11.07
N HIS A 1564 32.52 -11.56 -10.51
CA HIS A 1564 32.41 -11.28 -9.08
C HIS A 1564 31.13 -10.54 -8.73
N VAL A 1565 30.58 -9.77 -9.68
CA VAL A 1565 29.31 -9.10 -9.45
C VAL A 1565 28.18 -10.12 -9.33
N GLN A 1566 28.20 -11.16 -10.16
CA GLN A 1566 27.20 -12.22 -10.07
C GLN A 1566 27.30 -12.95 -8.74
N PHE A 1567 28.53 -13.17 -8.26
CA PHE A 1567 28.74 -13.78 -6.95
C PHE A 1567 28.16 -12.90 -5.85
N ARG A 1568 28.36 -11.59 -5.95
CA ARG A 1568 27.81 -10.67 -4.96
C ARG A 1568 26.29 -10.68 -4.97
N ASN A 1569 25.70 -10.74 -6.16
CA ASN A 1569 24.24 -10.84 -6.26
C ASN A 1569 23.72 -12.14 -5.67
N PHE A 1570 24.43 -13.24 -5.92
CA PHE A 1570 24.03 -14.53 -5.37
C PHE A 1570 24.14 -14.55 -3.85
N ILE A 1571 25.21 -13.96 -3.30
CA ILE A 1571 25.42 -13.98 -1.86
C ILE A 1571 24.52 -13.01 -1.11
N ALA A 1572 23.81 -12.13 -1.82
CA ALA A 1572 22.90 -11.20 -1.17
C ALA A 1572 21.69 -11.89 -0.55
N HIS A 1573 21.40 -13.12 -0.96
CA HIS A 1573 20.28 -13.88 -0.40
C HIS A 1573 20.53 -14.24 1.06
N ARG A 1579 9.06 -14.91 9.12
CA ARG A 1579 8.84 -13.60 8.52
C ARG A 1579 7.94 -12.75 9.41
N SER A 1580 7.46 -13.37 10.49
CA SER A 1580 6.58 -12.73 11.47
C SER A 1580 5.31 -12.20 10.81
N VAL A 1581 4.56 -13.10 10.21
CA VAL A 1581 3.27 -12.74 9.61
C VAL A 1581 2.26 -12.51 10.72
N ARG A 1582 1.52 -11.40 10.64
CA ARG A 1582 0.73 -10.90 11.75
C ARG A 1582 -0.75 -11.01 11.41
N LEU A 1583 -1.35 -12.12 11.83
CA LEU A 1583 -2.74 -12.43 11.50
C LEU A 1583 -3.72 -11.59 12.33
N LEU A 1584 -4.99 -11.94 12.22
CA LEU A 1584 -6.07 -11.21 12.89
C LEU A 1584 -7.18 -12.18 13.23
N GLY A 1585 -7.36 -12.45 14.51
CA GLY A 1585 -8.38 -13.38 14.97
C GLY A 1585 -8.64 -13.25 16.46
N ALA A 1586 -9.14 -14.33 17.04
CA ALA A 1586 -9.44 -14.35 18.47
C ALA A 1586 -8.15 -14.25 19.29
N PRO A 1587 -8.18 -13.61 20.46
CA PRO A 1587 -6.95 -13.48 21.25
C PRO A 1587 -6.69 -14.67 22.14
N VAL A 1588 -5.52 -15.30 21.98
CA VAL A 1588 -5.14 -16.44 22.80
C VAL A 1588 -3.73 -16.23 23.36
N THR A 1596 1.71 -21.02 19.94
CA THR A 1596 0.39 -20.54 19.56
C THR A 1596 0.06 -20.88 18.12
N ILE A 1597 1.07 -21.38 17.39
CA ILE A 1597 0.88 -21.71 15.98
C ILE A 1597 -0.14 -22.82 15.82
N SER A 1598 -0.13 -23.80 16.73
CA SER A 1598 -1.10 -24.89 16.65
C SER A 1598 -2.52 -24.39 16.86
N GLN A 1599 -2.72 -23.43 17.76
CA GLN A 1599 -4.05 -22.89 17.99
C GLN A 1599 -4.54 -22.03 16.84
N VAL A 1600 -3.63 -21.31 16.18
CA VAL A 1600 -4.02 -20.47 15.04
C VAL A 1600 -4.56 -21.33 13.90
N VAL A 1601 -3.89 -22.44 13.59
CA VAL A 1601 -4.42 -23.38 12.60
C VAL A 1601 -5.72 -24.00 13.10
N ARG A 1602 -5.82 -24.24 14.41
CA ARG A 1602 -7.05 -24.76 14.98
C ARG A 1602 -8.19 -23.75 14.84
N MET A 1603 -7.91 -22.47 15.07
CA MET A 1603 -8.96 -21.45 15.14
C MET A 1603 -9.21 -20.79 13.79
N ASN A 1604 -8.19 -20.16 13.22
CA ASN A 1604 -8.38 -19.30 12.05
C ASN A 1604 -8.38 -20.09 10.74
N PHE A 1605 -9.20 -21.15 10.68
CA PHE A 1605 -9.40 -21.89 9.45
C PHE A 1605 -10.73 -21.54 8.77
N PHE A 1606 -11.76 -21.25 9.56
CA PHE A 1606 -13.05 -20.82 9.09
C PHE A 1606 -13.78 -20.17 10.26
N PRO A 1607 -14.55 -19.10 10.01
CA PRO A 1607 -15.29 -18.47 11.12
C PRO A 1607 -16.34 -19.40 11.71
N GLY A 1608 -16.14 -19.81 12.96
CA GLY A 1608 -17.04 -20.73 13.63
C GLY A 1608 -16.63 -22.18 13.54
N PHE A 1609 -15.50 -22.50 12.90
CA PHE A 1609 -15.06 -23.87 12.74
C PHE A 1609 -13.75 -24.09 13.50
N SER A 1610 -13.63 -25.25 14.11
CA SER A 1610 -12.43 -25.65 14.83
C SER A 1610 -11.85 -26.91 14.18
N LEU A 1611 -10.64 -26.78 13.62
CA LEU A 1611 -9.99 -27.87 12.90
C LEU A 1611 -9.16 -28.68 13.89
N GLU A 1612 -9.59 -29.91 14.15
CA GLU A 1612 -8.88 -30.80 15.07
C GLU A 1612 -7.48 -31.14 14.55
MG MG E . -11.17 9.02 8.72
#